data_2WJV
#
_entry.id   2WJV
#
_cell.length_a   92.410
_cell.length_b   97.290
_cell.length_c   124.600
_cell.angle_alpha   90.00
_cell.angle_beta   102.38
_cell.angle_gamma   90.00
#
_symmetry.space_group_name_H-M   'P 1 21 1'
#
loop_
_entity.id
_entity.type
_entity.pdbx_description
1 polymer 'REGULATOR OF NONSENSE TRANSCRIPTS 1'
2 polymer 'REGULATOR OF NONSENSE TRANSCRIPTS 2'
3 non-polymer 'ZINC ION'
4 non-polymer 'SULFATE ION'
#
loop_
_entity_poly.entity_id
_entity_poly.type
_entity_poly.pdbx_seq_one_letter_code
_entity_poly.pdbx_strand_id
1 'polypeptide(L)'
;TKDLPIHACSYCGIHDPACVVYCNTSKKWFCNGRGNTSGSHIVNHLVRAKCKEVTLHKDGPLGETVLECYNCGCRNVFLL
GFIPAKADSVVVLLCRQPCASQSSLKDINWDSSQWQPLIQDRCFLSWLVKIPSEQEQLRARQITAQQINKLEELWKENPS
ATLEDLEKPGVDEEPQHVLLRYEDAYQYQNIFGPLVKLEADYDKKLKESQTQDNITVRWDLGLNKKRIAYFTLPKTDSDM
RLMQGDEICLRYKGDLAPLWKGIGHVIKVPDNYGDEIAIELRSSVGAPVEVTHNFQVDFVWKSTSFDRMQSALKTFAVDE
TSVSGYIYHKLLGHEVEDVIIKCQLPKRFTAQGLPDLNHSQVYAVKTVLQRPLSLIQGPPGTGKTVTSATIVYHLARQGN
GPVLVCAPSNIAVDQLTEKIHQTGLKVVRLCAKSREAIDSPVSFLALHNQIRNMDSMPELQKLQQLKDETGELSSADEKR
YRALKRTAERELLMNADVICCTCVGAGDPRLAKMQFRSILIDESTQATEPECMVPVVLGAKQLILVGDHCQLGPVVMCKK
AAKAGLSQSLFERLVVLGIRPIRLQVQYRMHPALSAFPSNIFYEGSLQNGVTAADRVKKGFDFQWPQPDKPMFFYVTQGQ
EEIASSGTSYLNRTEAANVEKITTKLLKAGAKPDQIGIITPYEGQRSYLVQYMQFSGSLHTKLYQEVEIASVDAFQGREK
DFIILSCVRANEHQGIGFLNDPRRLNVALTRARYGVIIVGNPKALSKQPLWNHLLNYYKEQKVLVEGPLNNLRESLMQFS
;
A,B
2 'polypeptide(L)'
;AMGVPCVEDEDFIQALDKMMLENLQQRSGESVKVHQLDVAIPLHLKSQLRKGPPLGGGEGEAESADTMPFVMLTRKGNKQ
QFKILNVPMSSQLAANH
;
D,E
#
# COMPACT_ATOMS: atom_id res chain seq x y z
N LYS A 2 23.01 -10.28 47.22
CA LYS A 2 23.87 -10.79 48.32
C LYS A 2 23.48 -12.19 48.71
N ASP A 3 24.36 -12.83 49.49
CA ASP A 3 24.08 -14.14 50.09
C ASP A 3 23.60 -13.86 51.51
N LEU A 4 23.49 -14.89 52.34
CA LEU A 4 23.26 -14.69 53.77
C LEU A 4 24.50 -14.07 54.43
N PRO A 5 24.36 -13.47 55.63
CA PRO A 5 25.56 -12.97 56.37
C PRO A 5 26.44 -14.08 56.93
N ILE A 6 27.63 -13.69 57.36
CA ILE A 6 28.62 -14.59 57.98
C ILE A 6 28.05 -15.31 59.20
N HIS A 7 27.22 -14.59 59.96
CA HIS A 7 26.69 -15.12 61.21
C HIS A 7 25.34 -15.85 61.07
N ALA A 8 24.99 -16.27 59.86
CA ALA A 8 23.73 -16.98 59.66
C ALA A 8 23.86 -18.39 60.27
N CYS A 9 22.77 -18.89 60.85
CA CYS A 9 22.74 -20.24 61.43
C CYS A 9 23.09 -21.23 60.35
N SER A 10 24.12 -22.04 60.59
CA SER A 10 24.62 -22.94 59.56
C SER A 10 23.64 -24.06 59.18
N TYR A 11 22.61 -24.29 59.99
CA TYR A 11 21.53 -25.18 59.63
C TYR A 11 20.40 -24.47 58.86
N CYS A 12 19.80 -23.45 59.48
CA CYS A 12 18.54 -22.83 59.00
C CYS A 12 18.63 -21.40 58.47
N GLY A 13 19.76 -20.75 58.67
CA GLY A 13 19.98 -19.44 58.11
C GLY A 13 19.48 -18.23 58.88
N ILE A 14 18.78 -18.44 59.99
CA ILE A 14 18.39 -17.32 60.86
C ILE A 14 19.64 -16.56 61.28
N HIS A 15 19.60 -15.24 61.16
CA HIS A 15 20.77 -14.41 61.38
C HIS A 15 20.56 -13.21 62.31
N ASP A 16 19.53 -13.25 63.15
CA ASP A 16 19.38 -12.22 64.18
C ASP A 16 20.55 -12.31 65.17
N PRO A 17 21.39 -11.27 65.24
CA PRO A 17 22.53 -11.23 66.16
C PRO A 17 22.19 -11.65 67.56
N ALA A 18 20.98 -11.34 68.03
CA ALA A 18 20.58 -11.71 69.38
C ALA A 18 20.36 -13.23 69.56
N CYS A 19 20.31 -13.99 68.46
CA CYS A 19 19.93 -15.40 68.51
C CYS A 19 21.02 -16.39 68.17
N VAL A 20 22.20 -15.90 67.77
CA VAL A 20 23.19 -16.78 67.18
C VAL A 20 24.42 -16.89 68.06
N VAL A 21 25.00 -18.07 68.04
CA VAL A 21 26.04 -18.48 68.95
C VAL A 21 27.16 -19.06 68.09
N TYR A 22 28.37 -18.58 68.29
CA TYR A 22 29.50 -19.05 67.50
C TYR A 22 30.13 -20.22 68.23
N CYS A 23 30.22 -21.37 67.56
CA CYS A 23 30.98 -22.51 68.08
C CYS A 23 32.45 -22.27 67.79
N ASN A 24 33.28 -22.31 68.84
CA ASN A 24 34.69 -21.90 68.72
C ASN A 24 35.57 -22.92 68.01
N THR A 25 35.31 -24.21 68.24
CA THR A 25 36.01 -25.25 67.49
C THR A 25 35.62 -25.28 66.02
N SER A 26 34.31 -25.43 65.75
CA SER A 26 33.81 -25.64 64.38
C SER A 26 33.88 -24.42 63.44
N LYS A 27 34.05 -23.22 64.02
CA LYS A 27 34.09 -21.96 63.29
C LYS A 27 32.84 -21.76 62.42
N LYS A 28 31.69 -21.93 63.07
CA LYS A 28 30.38 -21.79 62.43
C LYS A 28 29.38 -21.29 63.46
N TRP A 29 28.30 -20.71 62.96
CA TRP A 29 27.25 -20.17 63.80
C TRP A 29 25.98 -21.02 63.74
N PHE A 30 25.22 -20.99 64.83
CA PHE A 30 23.98 -21.71 64.98
C PHE A 30 23.02 -20.89 65.80
N CYS A 31 21.76 -20.87 65.40
CA CYS A 31 20.75 -20.13 66.13
C CYS A 31 20.32 -20.91 67.35
N ASN A 32 19.50 -20.28 68.18
CA ASN A 32 18.98 -20.90 69.38
C ASN A 32 17.48 -21.13 69.24
N GLY A 33 17.08 -21.51 68.03
CA GLY A 33 15.71 -21.94 67.75
C GLY A 33 15.70 -23.43 67.55
N ARG A 34 14.60 -24.09 67.91
CA ARG A 34 14.49 -25.53 67.72
C ARG A 34 14.23 -25.87 66.27
N GLY A 35 13.47 -25.01 65.60
CA GLY A 35 13.01 -25.29 64.26
C GLY A 35 12.15 -26.52 64.32
N ASN A 36 12.49 -27.51 63.50
CA ASN A 36 11.77 -28.76 63.42
C ASN A 36 12.36 -29.81 64.33
N THR A 37 13.39 -29.45 65.10
CA THR A 37 14.04 -30.44 65.96
C THR A 37 13.56 -30.32 67.41
N SER A 38 14.09 -31.17 68.27
CA SER A 38 13.64 -31.25 69.66
C SER A 38 14.51 -30.40 70.57
N GLY A 39 15.43 -29.64 69.99
CA GLY A 39 16.34 -28.81 70.76
C GLY A 39 16.91 -27.71 69.90
N SER A 40 17.46 -26.68 70.53
CA SER A 40 17.94 -25.54 69.76
C SER A 40 19.04 -25.96 68.80
N HIS A 41 19.28 -25.16 67.78
CA HIS A 41 20.26 -25.51 66.78
C HIS A 41 21.69 -25.53 67.31
N ILE A 42 22.12 -24.59 68.18
CA ILE A 42 23.49 -24.72 68.76
C ILE A 42 23.60 -25.98 69.57
N VAL A 43 22.59 -26.28 70.39
CA VAL A 43 22.67 -27.45 71.27
C VAL A 43 22.68 -28.72 70.43
N ASN A 44 21.86 -28.76 69.38
CA ASN A 44 21.95 -29.84 68.39
C ASN A 44 23.39 -30.05 67.93
N HIS A 45 24.05 -28.95 67.59
CA HIS A 45 25.42 -28.98 67.09
C HIS A 45 26.45 -29.37 68.16
N LEU A 46 26.37 -28.77 69.35
CA LEU A 46 27.30 -29.09 70.44
C LEU A 46 27.25 -30.55 70.88
N VAL A 47 26.06 -31.14 70.91
CA VAL A 47 25.94 -32.56 71.23
C VAL A 47 26.59 -33.42 70.16
N ARG A 48 26.27 -33.18 68.90
CA ARG A 48 26.77 -34.01 67.81
C ARG A 48 28.25 -33.79 67.55
N ALA A 49 28.62 -32.53 67.36
CA ALA A 49 29.99 -32.16 67.05
C ALA A 49 30.87 -32.27 68.28
N LYS A 50 30.25 -32.42 69.44
CA LYS A 50 30.96 -32.58 70.72
C LYS A 50 31.90 -31.41 70.95
N CYS A 51 31.34 -30.21 70.82
CA CYS A 51 31.96 -28.96 71.26
C CYS A 51 31.34 -28.46 72.55
N LYS A 52 32.10 -27.65 73.29
CA LYS A 52 31.66 -27.11 74.56
C LYS A 52 31.88 -25.59 74.69
N GLU A 53 32.53 -24.98 73.69
CA GLU A 53 33.05 -23.60 73.78
C GLU A 53 32.44 -22.65 72.75
N VAL A 54 31.70 -21.66 73.25
CA VAL A 54 30.92 -20.77 72.38
C VAL A 54 31.17 -19.30 72.68
N THR A 55 30.84 -18.46 71.71
CA THR A 55 30.95 -17.01 71.83
C THR A 55 29.67 -16.39 71.30
N LEU A 56 29.20 -15.33 71.95
CA LEU A 56 28.03 -14.58 71.46
C LEU A 56 28.45 -13.53 70.45
N HIS A 57 27.48 -12.84 69.86
CA HIS A 57 27.72 -11.95 68.71
C HIS A 57 27.81 -10.48 69.09
N LYS A 58 28.78 -9.79 68.49
CA LYS A 58 29.08 -8.37 68.75
C LYS A 58 27.84 -7.48 68.84
N ASP A 59 27.01 -7.56 67.80
CA ASP A 59 25.80 -6.73 67.68
C ASP A 59 24.64 -7.25 68.51
N GLY A 60 24.87 -8.34 69.24
CA GLY A 60 23.90 -8.85 70.20
C GLY A 60 23.93 -8.02 71.47
N PRO A 61 23.22 -8.49 72.51
CA PRO A 61 23.08 -7.71 73.75
C PRO A 61 24.31 -7.75 74.66
N LEU A 62 24.85 -8.93 74.91
CA LEU A 62 26.02 -9.07 75.76
C LEU A 62 27.34 -8.61 75.09
N GLY A 63 27.27 -8.19 73.82
CA GLY A 63 28.46 -7.91 73.03
C GLY A 63 29.16 -9.21 72.68
N GLU A 64 30.36 -9.12 72.12
CA GLU A 64 31.15 -10.32 71.81
C GLU A 64 31.81 -10.89 73.07
N THR A 65 31.10 -11.75 73.80
CA THR A 65 31.66 -12.41 74.97
C THR A 65 31.68 -13.91 74.79
N VAL A 66 32.86 -14.51 74.98
CA VAL A 66 32.99 -15.95 75.19
C VAL A 66 32.32 -16.28 76.53
N LEU A 67 31.48 -17.29 76.53
CA LEU A 67 30.79 -17.71 77.74
C LEU A 67 31.73 -18.54 78.60
N GLU A 68 31.97 -18.06 79.82
CA GLU A 68 32.94 -18.68 80.71
C GLU A 68 32.68 -18.41 82.18
N CYS A 69 33.11 -19.34 83.02
CA CYS A 69 32.98 -19.23 84.48
C CYS A 69 33.74 -18.02 85.00
N TYR A 70 32.99 -17.05 85.52
CA TYR A 70 33.56 -15.87 86.16
C TYR A 70 34.77 -16.20 87.05
N ASN A 71 34.65 -17.27 87.83
CA ASN A 71 35.61 -17.59 88.86
C ASN A 71 36.89 -18.26 88.35
N CYS A 72 36.76 -19.28 87.51
CA CYS A 72 37.91 -20.07 87.04
C CYS A 72 38.16 -20.05 85.51
N GLY A 73 37.34 -19.33 84.76
CA GLY A 73 37.58 -19.15 83.32
C GLY A 73 37.15 -20.30 82.43
N CYS A 74 36.67 -21.38 83.04
CA CYS A 74 36.22 -22.56 82.31
C CYS A 74 35.12 -22.24 81.30
N ARG A 75 35.29 -22.71 80.06
CA ARG A 75 34.39 -22.34 78.97
C ARG A 75 33.38 -23.43 78.60
N ASN A 76 33.32 -24.49 79.40
CA ASN A 76 32.47 -25.63 79.10
C ASN A 76 30.99 -25.36 79.41
N VAL A 77 30.22 -24.97 78.37
CA VAL A 77 28.79 -24.63 78.54
C VAL A 77 27.98 -25.69 79.28
N PHE A 78 28.37 -26.96 79.17
CA PHE A 78 27.68 -28.04 79.86
C PHE A 78 27.89 -28.04 81.38
N LEU A 79 28.92 -27.34 81.87
CA LEU A 79 29.14 -27.18 83.33
C LEU A 79 28.65 -25.84 83.84
N LEU A 80 28.29 -24.93 82.92
CA LEU A 80 28.01 -23.55 83.29
C LEU A 80 26.55 -23.31 83.65
N GLY A 81 26.36 -22.36 84.57
CA GLY A 81 25.05 -21.91 84.96
C GLY A 81 25.15 -20.62 85.74
N PHE A 82 24.01 -19.96 85.93
CA PHE A 82 23.95 -18.75 86.70
C PHE A 82 23.63 -19.05 88.15
N ILE A 83 24.16 -18.23 89.05
CA ILE A 83 23.65 -18.13 90.41
C ILE A 83 23.41 -16.65 90.70
N PRO A 84 22.34 -16.34 91.45
CA PRO A 84 22.03 -14.96 91.82
C PRO A 84 22.59 -14.61 93.20
N ALA A 85 22.87 -13.33 93.45
CA ALA A 85 23.25 -12.90 94.79
C ALA A 85 22.00 -12.95 95.69
N LYS A 86 22.17 -12.71 96.99
CA LYS A 86 21.04 -12.74 97.91
C LYS A 86 20.38 -11.36 98.07
N ALA A 87 19.05 -11.32 97.85
CA ALA A 87 18.25 -10.08 97.92
C ALA A 87 18.61 -9.06 96.82
N ASP A 88 19.48 -9.48 95.89
CA ASP A 88 20.18 -8.57 94.99
C ASP A 88 20.03 -9.11 93.57
N SER A 89 19.85 -8.22 92.60
CA SER A 89 19.59 -8.64 91.22
C SER A 89 20.85 -8.69 90.32
N VAL A 90 21.95 -9.13 90.90
CA VAL A 90 23.16 -9.47 90.15
C VAL A 90 23.15 -10.98 89.93
N VAL A 91 23.91 -11.45 88.95
CA VAL A 91 23.90 -12.86 88.58
C VAL A 91 25.22 -13.17 87.88
N VAL A 92 25.87 -14.27 88.25
CA VAL A 92 27.16 -14.65 87.65
C VAL A 92 27.10 -16.03 87.02
N LEU A 93 28.04 -16.28 86.11
CA LEU A 93 28.12 -17.55 85.44
C LEU A 93 29.23 -18.33 86.13
N LEU A 94 28.90 -19.46 86.74
CA LEU A 94 29.89 -20.33 87.36
C LEU A 94 29.73 -21.78 86.90
N CYS A 95 30.81 -22.54 86.94
CA CYS A 95 30.71 -23.97 86.76
C CYS A 95 30.17 -24.52 88.07
N ARG A 96 29.30 -25.52 87.97
CA ARG A 96 28.54 -25.99 89.10
C ARG A 96 29.51 -26.50 90.14
N GLN A 97 30.41 -27.37 89.71
CA GLN A 97 31.50 -27.85 90.57
C GLN A 97 32.84 -27.51 89.92
N PRO A 98 33.81 -27.03 90.71
CA PRO A 98 33.70 -26.61 92.10
C PRO A 98 33.09 -25.22 92.30
N CYS A 99 33.36 -24.30 91.38
CA CYS A 99 33.11 -22.88 91.64
C CYS A 99 31.75 -22.60 92.30
N ALA A 100 30.71 -23.30 91.89
CA ALA A 100 29.36 -22.99 92.37
C ALA A 100 28.90 -23.89 93.51
N SER A 101 29.81 -24.65 94.10
CA SER A 101 29.48 -25.59 95.17
C SER A 101 29.43 -24.92 96.56
N GLN A 102 28.47 -25.37 97.37
CA GLN A 102 28.27 -24.92 98.75
C GLN A 102 29.57 -24.46 99.48
N SER A 103 30.38 -25.41 99.94
CA SER A 103 31.61 -25.06 100.68
C SER A 103 32.51 -24.04 99.98
N SER A 104 32.66 -24.18 98.65
CA SER A 104 33.50 -23.26 97.87
C SER A 104 32.93 -21.84 97.86
N LEU A 105 31.61 -21.73 98.01
CA LEU A 105 30.91 -20.45 97.91
C LEU A 105 30.47 -19.87 99.27
N LYS A 106 29.68 -18.80 99.21
CA LYS A 106 29.19 -18.10 100.38
C LYS A 106 27.80 -17.51 100.11
N TRP A 110 26.28 -14.90 97.86
CA TRP A 110 25.80 -15.65 96.71
C TRP A 110 25.04 -16.92 97.12
N ASP A 111 24.10 -17.35 96.28
CA ASP A 111 23.21 -18.48 96.60
C ASP A 111 23.37 -19.71 95.68
N SER A 112 24.21 -20.64 96.12
CA SER A 112 24.51 -21.88 95.38
C SER A 112 23.28 -22.74 95.09
N SER A 113 22.27 -22.63 95.95
CA SER A 113 21.05 -23.43 95.83
C SER A 113 20.13 -23.01 94.68
N GLN A 114 20.38 -21.85 94.05
CA GLN A 114 19.55 -21.40 92.92
C GLN A 114 20.30 -21.44 91.58
N TRP A 115 21.21 -22.40 91.44
CA TRP A 115 22.05 -22.47 90.25
C TRP A 115 21.20 -23.00 89.11
N GLN A 116 21.38 -22.39 87.94
CA GLN A 116 20.51 -22.62 86.81
C GLN A 116 21.39 -22.89 85.61
N PRO A 117 21.26 -24.07 84.98
CA PRO A 117 22.07 -24.35 83.83
C PRO A 117 21.94 -23.31 82.70
N LEU A 118 23.07 -23.04 82.05
CA LEU A 118 23.12 -22.29 80.81
C LEU A 118 22.19 -22.94 79.78
N ILE A 119 22.30 -24.25 79.68
CA ILE A 119 21.45 -25.05 78.82
C ILE A 119 20.18 -25.47 79.58
N GLN A 120 19.04 -24.89 79.20
CA GLN A 120 17.74 -25.19 79.83
C GLN A 120 16.83 -25.74 78.75
N ASP A 121 16.09 -26.80 79.08
CA ASP A 121 15.12 -27.39 78.15
C ASP A 121 15.68 -27.43 76.72
N ARG A 122 16.87 -28.02 76.60
CA ARG A 122 17.54 -28.28 75.33
C ARG A 122 17.86 -27.06 74.47
N CYS A 123 17.81 -25.88 75.09
CA CYS A 123 18.24 -24.65 74.47
C CYS A 123 19.20 -23.90 75.38
N PHE A 124 19.92 -22.93 74.84
CA PHE A 124 20.56 -21.95 75.71
C PHE A 124 19.49 -21.11 76.33
N LEU A 125 19.67 -20.80 77.61
CA LEU A 125 18.80 -19.85 78.31
C LEU A 125 18.33 -18.69 77.42
N SER A 126 17.02 -18.63 77.20
CA SER A 126 16.40 -17.64 76.31
C SER A 126 16.83 -16.23 76.64
N TRP A 127 16.98 -15.96 77.92
CA TRP A 127 17.26 -14.61 78.37
C TRP A 127 18.73 -14.20 78.24
N LEU A 128 19.53 -15.06 77.63
CA LEU A 128 20.93 -14.77 77.33
C LEU A 128 21.12 -14.81 75.84
N VAL A 129 20.68 -15.90 75.22
CA VAL A 129 20.57 -15.96 73.76
C VAL A 129 19.10 -16.02 73.39
N LYS A 130 18.64 -15.00 72.66
CA LYS A 130 17.24 -14.85 72.27
C LYS A 130 16.81 -16.03 71.42
N ILE A 131 15.55 -16.46 71.58
CA ILE A 131 15.00 -17.52 70.75
C ILE A 131 14.22 -16.93 69.60
N PRO A 132 14.56 -17.29 68.35
CA PRO A 132 13.82 -16.72 67.20
C PRO A 132 12.33 -16.93 67.32
N SER A 133 11.55 -15.90 67.05
CA SER A 133 10.09 -16.01 67.09
C SER A 133 9.63 -17.09 66.14
N GLU A 134 8.39 -17.54 66.28
CA GLU A 134 7.92 -18.63 65.45
C GLU A 134 7.84 -18.21 63.97
N GLN A 135 7.38 -16.99 63.71
CA GLN A 135 7.34 -16.51 62.33
C GLN A 135 8.73 -16.52 61.70
N GLU A 136 9.75 -16.14 62.44
CA GLU A 136 11.11 -16.24 61.93
C GLU A 136 11.49 -17.68 61.56
N GLN A 137 11.18 -18.65 62.43
CA GLN A 137 11.56 -20.04 62.21
C GLN A 137 10.78 -20.70 61.07
N LEU A 138 9.49 -20.43 60.99
CA LEU A 138 8.68 -20.85 59.84
C LEU A 138 9.21 -20.27 58.50
N ARG A 139 9.93 -19.16 58.56
CA ARG A 139 10.55 -18.57 57.37
C ARG A 139 11.92 -19.15 57.05
N ALA A 140 12.62 -19.70 58.05
CA ALA A 140 13.96 -20.21 57.85
C ALA A 140 13.91 -21.50 57.07
N ARG A 141 15.07 -22.08 56.81
CA ARG A 141 15.15 -23.38 56.18
C ARG A 141 14.70 -24.45 57.14
N GLN A 142 13.88 -25.35 56.67
CA GLN A 142 13.26 -26.34 57.53
C GLN A 142 14.13 -27.59 57.52
N ILE A 143 15.19 -27.59 58.30
CA ILE A 143 15.99 -28.81 58.43
C ILE A 143 15.46 -29.72 59.57
N THR A 144 15.48 -31.03 59.34
CA THR A 144 15.01 -32.01 60.32
C THR A 144 16.18 -32.60 61.11
N ALA A 145 15.88 -33.19 62.28
CA ALA A 145 16.90 -33.78 63.15
C ALA A 145 17.83 -34.65 62.32
N GLN A 146 17.23 -35.47 61.45
CA GLN A 146 17.98 -36.42 60.60
C GLN A 146 18.87 -35.74 59.56
N GLN A 147 18.40 -34.66 58.95
CA GLN A 147 19.21 -33.98 57.94
C GLN A 147 20.42 -33.34 58.61
N ILE A 148 20.21 -32.83 59.83
CA ILE A 148 21.30 -32.28 60.64
C ILE A 148 22.31 -33.37 60.91
N ASN A 149 21.79 -34.54 61.24
CA ASN A 149 22.61 -35.70 61.48
C ASN A 149 23.50 -35.92 60.28
N LYS A 150 22.90 -35.95 59.10
CA LYS A 150 23.64 -36.19 57.87
C LYS A 150 24.57 -35.02 57.53
N LEU A 151 24.06 -33.79 57.62
CA LEU A 151 24.86 -32.59 57.35
C LEU A 151 26.08 -32.50 58.26
N GLU A 152 25.88 -32.80 59.54
CA GLU A 152 26.96 -32.77 60.51
C GLU A 152 28.06 -33.79 60.17
N GLU A 153 27.68 -34.91 59.54
CA GLU A 153 28.63 -35.94 59.08
C GLU A 153 29.32 -35.55 57.78
N LEU A 154 28.58 -34.97 56.85
CA LEU A 154 29.16 -34.44 55.61
C LEU A 154 30.16 -33.32 55.89
N TRP A 155 30.15 -32.77 57.11
CA TRP A 155 31.13 -31.73 57.54
C TRP A 155 32.42 -32.29 58.14
N LYS A 156 32.38 -33.51 58.66
CA LYS A 156 33.57 -34.14 59.25
C LYS A 156 34.77 -34.16 58.29
N GLU A 157 34.54 -33.92 57.00
CA GLU A 157 35.64 -33.51 56.12
C GLU A 157 35.24 -32.72 54.86
N ASN A 158 34.09 -32.04 54.88
CA ASN A 158 33.77 -31.03 53.84
C ASN A 158 32.99 -29.85 54.46
N PRO A 159 33.57 -29.19 55.48
CA PRO A 159 32.83 -28.20 56.28
C PRO A 159 32.05 -27.15 55.48
N SER A 160 32.47 -26.89 54.25
CA SER A 160 31.81 -25.89 53.40
C SER A 160 30.47 -26.32 52.78
N ALA A 161 30.05 -27.57 52.99
CA ALA A 161 28.83 -28.10 52.33
C ALA A 161 27.55 -27.53 52.94
N THR A 162 26.44 -27.59 52.19
CA THR A 162 25.09 -27.23 52.74
C THR A 162 24.08 -28.36 52.55
N LEU A 163 22.88 -28.18 53.15
CA LEU A 163 21.76 -29.12 52.97
C LEU A 163 21.32 -29.19 51.50
N GLU A 164 21.18 -28.02 50.89
CA GLU A 164 20.94 -27.92 49.44
C GLU A 164 21.86 -28.87 48.64
N ASP A 165 23.10 -29.06 49.10
CA ASP A 165 24.07 -29.94 48.42
C ASP A 165 24.16 -31.37 48.98
N LEU A 166 23.02 -31.99 49.25
CA LEU A 166 23.01 -33.38 49.70
C LEU A 166 21.98 -34.21 48.95
N ASP A 172 23.52 -38.53 39.69
CA ASP A 172 22.86 -37.46 38.95
C ASP A 172 21.48 -37.91 38.41
N GLU A 173 21.40 -38.23 37.12
CA GLU A 173 20.17 -38.76 36.48
C GLU A 173 19.10 -37.68 36.23
N GLU A 174 17.99 -37.72 36.97
CA GLU A 174 16.79 -36.96 36.65
C GLU A 174 16.68 -35.77 37.58
N PRO A 175 16.14 -34.65 37.08
CA PRO A 175 15.90 -33.52 37.96
C PRO A 175 14.67 -33.77 38.83
N GLN A 176 14.61 -33.18 40.03
CA GLN A 176 13.40 -33.34 40.83
C GLN A 176 12.22 -32.63 40.16
N HIS A 177 11.06 -33.28 40.20
CA HIS A 177 9.82 -32.78 39.62
C HIS A 177 9.30 -31.63 40.46
N VAL A 178 8.65 -30.66 39.83
CA VAL A 178 8.03 -29.55 40.56
C VAL A 178 6.99 -30.05 41.57
N LEU A 179 7.06 -29.56 42.80
CA LEU A 179 6.06 -29.85 43.82
C LEU A 179 4.95 -28.80 43.80
N LEU A 180 3.85 -29.13 44.48
CA LEU A 180 2.76 -28.22 44.67
C LEU A 180 3.02 -27.40 45.94
N ARG A 181 3.34 -28.11 47.03
CA ARG A 181 3.71 -27.56 48.36
C ARG A 181 5.21 -27.61 48.59
N TYR A 182 5.78 -26.59 49.22
CA TYR A 182 7.22 -26.56 49.52
C TYR A 182 7.50 -26.37 50.99
N GLU A 183 8.54 -27.02 51.49
CA GLU A 183 8.92 -26.84 52.89
C GLU A 183 9.25 -25.39 53.17
N ASP A 184 9.97 -24.76 52.26
CA ASP A 184 10.40 -23.38 52.43
C ASP A 184 10.87 -22.91 51.04
N ALA A 185 11.37 -21.68 50.91
CA ALA A 185 11.80 -21.20 49.59
C ALA A 185 13.17 -21.73 49.18
N TYR A 186 13.91 -22.32 50.13
CA TYR A 186 15.17 -22.99 49.80
C TYR A 186 14.94 -24.26 49.02
N GLN A 187 13.91 -25.00 49.39
CA GLN A 187 13.52 -26.16 48.62
C GLN A 187 12.99 -25.69 47.25
N TYR A 188 12.25 -24.58 47.26
CA TYR A 188 11.67 -24.01 46.05
C TYR A 188 12.78 -23.70 45.07
N GLN A 189 13.88 -23.15 45.59
CA GLN A 189 15.01 -22.81 44.73
C GLN A 189 15.75 -24.04 44.22
N ASN A 190 15.90 -25.03 45.10
CA ASN A 190 16.50 -26.30 44.73
C ASN A 190 15.75 -27.12 43.69
N ILE A 191 14.47 -26.85 43.53
CA ILE A 191 13.66 -27.57 42.56
C ILE A 191 13.64 -26.80 41.23
N PHE A 192 13.27 -25.53 41.29
CA PHE A 192 13.19 -24.71 40.09
C PHE A 192 14.58 -24.35 39.55
N GLY A 193 15.54 -24.10 40.44
CA GLY A 193 16.88 -23.70 40.00
C GLY A 193 17.48 -24.55 38.89
N PRO A 194 17.56 -25.86 39.11
CA PRO A 194 18.02 -26.79 38.09
C PRO A 194 17.19 -26.74 36.81
N LEU A 195 15.88 -26.60 36.95
CA LEU A 195 15.01 -26.61 35.78
C LEU A 195 15.32 -25.38 34.95
N VAL A 196 15.47 -24.23 35.60
CA VAL A 196 15.85 -23.02 34.89
C VAL A 196 17.18 -23.18 34.17
N LYS A 197 18.12 -23.86 34.81
CA LYS A 197 19.44 -24.13 34.20
C LYS A 197 19.33 -25.02 32.94
N LEU A 198 18.37 -25.94 32.92
CA LEU A 198 18.16 -26.80 31.75
C LEU A 198 17.66 -25.99 30.54
N GLU A 199 16.66 -25.14 30.76
CA GLU A 199 16.14 -24.24 29.72
C GLU A 199 17.21 -23.30 29.21
N ALA A 200 18.04 -22.76 30.11
CA ALA A 200 19.09 -21.84 29.70
C ALA A 200 20.11 -22.55 28.83
N ASP A 201 20.60 -23.69 29.29
CA ASP A 201 21.62 -24.44 28.55
C ASP A 201 21.07 -24.98 27.22
N TYR A 202 19.78 -25.30 27.19
CA TYR A 202 19.11 -25.83 26.00
C TYR A 202 18.94 -24.74 24.96
N ASP A 203 18.34 -23.66 25.40
CA ASP A 203 18.15 -22.46 24.60
C ASP A 203 19.47 -22.02 23.95
N LYS A 204 20.50 -21.91 24.77
CA LYS A 204 21.84 -21.51 24.30
C LYS A 204 22.36 -22.42 23.20
N LYS A 205 22.14 -23.71 23.36
CA LYS A 205 22.64 -24.72 22.42
C LYS A 205 21.87 -24.58 21.11
N LEU A 206 20.57 -24.34 21.25
CA LEU A 206 19.65 -24.19 20.13
C LEU A 206 20.00 -22.94 19.32
N LYS A 207 20.04 -21.80 19.99
CA LYS A 207 20.43 -20.53 19.36
C LYS A 207 21.73 -20.72 18.60
N GLU A 208 22.71 -21.38 19.19
CA GLU A 208 24.02 -21.49 18.57
C GLU A 208 24.08 -22.58 17.50
N SER A 209 22.99 -23.33 17.36
CA SER A 209 22.82 -24.26 16.25
C SER A 209 21.97 -23.67 15.10
N GLN A 210 21.24 -22.57 15.35
CA GLN A 210 20.47 -21.89 14.30
C GLN A 210 21.36 -21.18 13.28
N THR A 211 22.63 -20.97 13.62
CA THR A 211 23.60 -20.26 12.78
C THR A 211 23.67 -20.75 11.31
N GLN A 212 23.67 -19.81 10.36
CA GLN A 212 23.51 -20.10 8.92
C GLN A 212 24.63 -19.47 8.11
N ASP A 213 25.03 -20.15 7.04
CA ASP A 213 26.32 -19.91 6.40
C ASP A 213 26.30 -18.98 5.19
N ASN A 214 25.52 -19.29 4.15
CA ASN A 214 25.59 -18.52 2.88
C ASN A 214 24.34 -17.69 2.58
N ILE A 215 24.21 -16.58 3.29
CA ILE A 215 22.99 -15.80 3.25
C ILE A 215 23.18 -14.55 2.43
N THR A 216 22.16 -14.26 1.61
CA THR A 216 22.12 -13.05 0.81
C THR A 216 21.44 -11.93 1.60
N VAL A 217 22.23 -10.88 1.88
CA VAL A 217 21.76 -9.73 2.64
C VAL A 217 21.51 -8.56 1.67
N ARG A 218 20.55 -7.70 2.03
CA ARG A 218 20.30 -6.46 1.28
C ARG A 218 20.28 -5.31 2.28
N TRP A 219 20.36 -4.08 1.78
CA TRP A 219 20.50 -2.93 2.67
C TRP A 219 19.42 -1.87 2.49
N ASP A 220 19.27 -1.03 3.53
CA ASP A 220 18.49 0.20 3.45
C ASP A 220 19.46 1.39 3.48
N LEU A 221 19.20 2.36 2.60
CA LEU A 221 19.95 3.62 2.56
C LEU A 221 20.41 4.07 3.96
N GLY A 222 21.66 4.49 4.07
CA GLY A 222 22.20 5.00 5.33
C GLY A 222 21.86 6.45 5.62
N LEU A 223 20.71 6.91 5.13
CA LEU A 223 20.23 8.26 5.42
C LEU A 223 19.78 8.39 6.88
N ASN A 224 19.36 7.27 7.50
CA ASN A 224 18.90 7.24 8.90
C ASN A 224 20.03 7.07 9.94
N LYS A 225 21.24 7.52 9.62
CA LYS A 225 22.45 7.30 10.42
C LYS A 225 22.80 5.80 10.58
N LYS A 226 22.10 5.10 11.48
CA LYS A 226 22.32 3.67 11.68
C LYS A 226 21.66 2.94 10.51
N ARG A 227 22.20 1.78 10.16
CA ARG A 227 21.81 1.08 8.93
C ARG A 227 21.02 -0.20 9.21
N ILE A 228 20.21 -0.61 8.23
CA ILE A 228 19.37 -1.83 8.35
C ILE A 228 19.91 -2.93 7.42
N ALA A 229 19.72 -4.19 7.81
CA ALA A 229 20.13 -5.35 6.99
C ALA A 229 18.98 -6.35 6.86
N TYR A 230 18.69 -6.79 5.64
CA TYR A 230 17.56 -7.67 5.38
C TYR A 230 18.01 -8.97 4.76
N PHE A 231 17.42 -10.08 5.20
CA PHE A 231 17.77 -11.40 4.66
C PHE A 231 16.72 -12.46 4.98
N THR A 232 16.77 -13.56 4.22
CA THR A 232 15.85 -14.70 4.40
C THR A 232 16.60 -16.03 4.56
N LEU A 233 16.32 -16.76 5.66
CA LEU A 233 17.02 -18.02 5.97
C LEU A 233 16.31 -19.23 5.36
N PRO A 234 17.08 -20.11 4.68
CA PRO A 234 16.54 -21.39 4.21
C PRO A 234 15.83 -22.25 5.28
N LEU A 242 12.53 -16.56 18.27
CA LEU A 242 12.81 -15.61 17.20
C LEU A 242 12.03 -14.28 17.38
N MET A 243 12.66 -13.30 18.04
CA MET A 243 11.96 -12.09 18.53
C MET A 243 12.62 -10.74 18.22
N GLN A 244 11.83 -9.67 18.37
CA GLN A 244 12.31 -8.31 18.16
C GLN A 244 13.37 -7.92 19.19
N GLY A 245 14.40 -7.21 18.73
CA GLY A 245 15.50 -6.77 19.57
C GLY A 245 16.52 -7.86 19.89
N ASP A 246 16.29 -9.06 19.36
CA ASP A 246 17.24 -10.16 19.52
C ASP A 246 18.52 -9.78 18.80
N GLU A 247 19.64 -9.91 19.49
CA GLU A 247 20.94 -9.56 18.90
C GLU A 247 21.37 -10.63 17.91
N ILE A 248 21.64 -10.19 16.67
CA ILE A 248 22.13 -11.05 15.60
C ILE A 248 23.51 -10.59 15.17
N CYS A 249 24.40 -11.54 14.88
CA CYS A 249 25.76 -11.23 14.49
C CYS A 249 25.92 -11.52 13.01
N LEU A 250 26.25 -10.47 12.26
CA LEU A 250 26.38 -10.54 10.82
C LEU A 250 27.86 -10.45 10.46
N ARG A 251 28.34 -11.41 9.71
CA ARG A 251 29.73 -11.43 9.28
C ARG A 251 29.78 -11.63 7.78
N TYR A 252 30.57 -10.80 7.09
CA TYR A 252 30.74 -10.93 5.64
C TYR A 252 31.93 -11.82 5.32
N LYS A 253 31.71 -12.76 4.41
CA LYS A 253 32.76 -13.67 3.93
C LYS A 253 33.02 -13.44 2.43
N GLY A 254 34.28 -13.27 2.07
CA GLY A 254 34.63 -13.03 0.67
C GLY A 254 35.57 -11.85 0.52
N ASP A 255 35.84 -11.48 -0.73
CA ASP A 255 36.86 -10.47 -1.04
C ASP A 255 36.33 -9.31 -1.91
N LEU A 256 35.03 -9.02 -1.79
CA LEU A 256 34.46 -7.83 -2.39
C LEU A 256 34.54 -6.65 -1.41
N ALA A 257 34.63 -6.96 -0.13
CA ALA A 257 34.98 -5.96 0.90
C ALA A 257 35.60 -6.70 2.10
N PRO A 258 36.70 -6.17 2.66
CA PRO A 258 37.47 -6.81 3.75
C PRO A 258 36.59 -7.49 4.81
N LEU A 259 37.07 -8.62 5.34
CA LEU A 259 36.31 -9.43 6.30
C LEU A 259 35.73 -8.55 7.40
N TRP A 260 34.40 -8.56 7.50
CA TRP A 260 33.66 -7.64 8.34
C TRP A 260 32.92 -8.39 9.44
N LYS A 261 32.64 -7.70 10.54
CA LYS A 261 31.89 -8.24 11.67
C LYS A 261 31.09 -7.14 12.35
N GLY A 262 29.79 -7.32 12.47
CA GLY A 262 28.94 -6.32 13.13
C GLY A 262 27.75 -6.95 13.81
N ILE A 263 27.35 -6.36 14.95
CA ILE A 263 26.16 -6.80 15.68
C ILE A 263 24.99 -5.86 15.36
N GLY A 264 23.82 -6.45 15.10
CA GLY A 264 22.59 -5.70 14.87
C GLY A 264 21.44 -6.32 15.63
N HIS A 265 20.43 -5.52 15.93
CA HIS A 265 19.24 -6.00 16.62
C HIS A 265 18.13 -6.25 15.60
N VAL A 266 17.31 -7.27 15.85
CA VAL A 266 16.15 -7.55 14.99
C VAL A 266 15.11 -6.47 15.19
N ILE A 267 14.58 -5.96 14.07
CA ILE A 267 13.46 -5.00 14.09
C ILE A 267 12.21 -5.50 13.34
N LYS A 268 12.35 -6.55 12.54
CA LYS A 268 11.24 -7.10 11.78
C LYS A 268 11.38 -8.60 11.85
N VAL A 269 10.41 -9.23 12.52
CA VAL A 269 10.32 -10.69 12.60
C VAL A 269 9.59 -11.15 11.33
N PRO A 270 9.57 -12.47 11.04
CA PRO A 270 8.83 -12.88 9.84
C PRO A 270 7.34 -13.08 10.08
N ASP A 275 9.01 -14.40 5.91
CA ASP A 275 10.37 -14.89 5.68
C ASP A 275 11.46 -13.89 6.04
N GLU A 276 11.36 -12.69 5.50
CA GLU A 276 12.39 -11.66 5.68
C GLU A 276 12.65 -11.31 7.13
N ILE A 277 13.92 -11.20 7.44
CA ILE A 277 14.35 -10.71 8.72
C ILE A 277 15.02 -9.37 8.45
N ALA A 278 14.97 -8.48 9.43
CA ALA A 278 15.52 -7.14 9.27
C ALA A 278 16.21 -6.70 10.55
N ILE A 279 17.47 -6.27 10.44
CA ILE A 279 18.22 -5.83 11.62
C ILE A 279 18.84 -4.43 11.46
N GLU A 280 18.56 -3.55 12.42
CA GLU A 280 19.27 -2.28 12.51
C GLU A 280 20.70 -2.49 12.98
N GLY A 286 30.61 2.48 8.35
CA GLY A 286 30.69 1.36 9.27
C GLY A 286 30.67 0.03 8.53
N ALA A 287 29.49 -0.35 8.05
CA ALA A 287 29.26 -1.66 7.39
C ALA A 287 29.36 -1.60 5.84
N PRO A 288 29.52 -2.78 5.18
CA PRO A 288 29.67 -2.90 3.72
C PRO A 288 28.33 -3.06 2.98
N VAL A 289 27.74 -1.93 2.61
CA VAL A 289 26.40 -1.89 2.00
C VAL A 289 26.41 -2.02 0.46
N GLU A 290 27.61 -2.19 -0.11
CA GLU A 290 27.75 -2.52 -1.54
C GLU A 290 27.56 -4.03 -1.88
N VAL A 291 27.76 -4.91 -0.90
CA VAL A 291 27.76 -6.37 -1.18
C VAL A 291 26.46 -7.07 -0.78
N THR A 292 26.17 -8.18 -1.44
CA THR A 292 24.91 -8.89 -1.30
C THR A 292 25.06 -10.31 -0.78
N HIS A 293 26.04 -11.04 -1.33
CA HIS A 293 26.15 -12.48 -1.11
C HIS A 293 27.25 -12.86 -0.12
N ASN A 294 27.11 -14.04 0.46
CA ASN A 294 28.11 -14.66 1.34
C ASN A 294 28.21 -14.09 2.74
N PHE A 295 27.11 -13.56 3.28
CA PHE A 295 27.06 -13.14 4.68
C PHE A 295 26.73 -14.33 5.57
N GLN A 296 27.16 -14.26 6.83
CA GLN A 296 26.85 -15.31 7.80
C GLN A 296 26.03 -14.76 8.92
N VAL A 297 24.99 -15.49 9.30
CA VAL A 297 24.10 -15.10 10.38
C VAL A 297 24.28 -16.02 11.60
N ASP A 298 24.70 -15.44 12.72
CA ASP A 298 24.75 -16.14 14.00
C ASP A 298 23.79 -15.45 14.96
N PHE A 299 22.97 -16.22 15.65
CA PHE A 299 22.04 -15.67 16.64
C PHE A 299 22.69 -15.54 18.03
N VAL A 300 22.86 -14.31 18.51
CA VAL A 300 23.56 -14.07 19.77
C VAL A 300 22.63 -14.39 20.92
N TRP A 301 23.14 -15.19 21.84
CA TRP A 301 22.39 -15.60 23.02
C TRP A 301 22.84 -14.77 24.21
N LYS A 302 21.88 -14.44 25.07
CA LYS A 302 22.14 -13.70 26.29
C LYS A 302 21.52 -14.43 27.46
N SER A 303 22.21 -14.46 28.59
CA SER A 303 21.72 -15.20 29.75
C SER A 303 20.77 -14.39 30.59
N THR A 304 20.70 -13.10 30.32
CA THR A 304 19.98 -12.15 31.17
C THR A 304 18.70 -12.69 31.82
N SER A 305 17.75 -13.16 31.03
CA SER A 305 16.47 -13.55 31.60
C SER A 305 16.63 -14.77 32.51
N PHE A 306 17.49 -15.68 32.12
CA PHE A 306 17.78 -16.84 32.94
C PHE A 306 18.54 -16.45 34.21
N ASP A 307 19.50 -15.56 34.03
CA ASP A 307 20.25 -15.01 35.14
C ASP A 307 19.30 -14.40 36.14
N ARG A 308 18.36 -13.60 35.66
CA ARG A 308 17.42 -12.92 36.53
C ARG A 308 16.49 -13.86 37.29
N MET A 309 15.97 -14.87 36.58
CA MET A 309 15.15 -15.91 37.20
C MET A 309 15.87 -16.62 38.37
N GLN A 310 17.13 -17.01 38.18
CA GLN A 310 17.92 -17.65 39.26
C GLN A 310 18.04 -16.67 40.43
N SER A 311 18.35 -15.43 40.09
CA SER A 311 18.45 -14.35 41.05
C SER A 311 17.20 -14.25 41.89
N ALA A 312 16.03 -14.32 41.25
CA ALA A 312 14.78 -14.21 41.98
C ALA A 312 14.63 -15.41 42.94
N LEU A 313 14.90 -16.61 42.45
CA LEU A 313 14.81 -17.79 43.28
C LEU A 313 15.71 -17.65 44.52
N LYS A 314 16.89 -17.07 44.32
CA LYS A 314 17.84 -16.90 45.43
C LYS A 314 17.29 -15.88 46.42
N THR A 315 16.85 -14.73 45.89
CA THR A 315 16.25 -13.71 46.73
C THR A 315 15.05 -14.19 47.54
N PHE A 316 14.22 -15.04 46.91
CA PHE A 316 13.08 -15.63 47.56
C PHE A 316 13.50 -16.50 48.76
N ALA A 317 14.58 -17.27 48.60
CA ALA A 317 15.04 -18.17 49.65
C ALA A 317 15.73 -17.43 50.75
N VAL A 318 16.49 -16.41 50.39
CA VAL A 318 17.53 -15.85 51.28
C VAL A 318 17.11 -14.55 51.99
N ASP A 319 16.25 -13.75 51.37
CA ASP A 319 15.85 -12.44 51.88
C ASP A 319 14.43 -12.48 52.43
N GLU A 320 14.31 -12.40 53.75
CA GLU A 320 13.00 -12.50 54.40
C GLU A 320 12.09 -11.28 54.11
N THR A 321 12.66 -10.22 53.56
CA THR A 321 11.91 -8.99 53.28
C THR A 321 11.38 -8.94 51.82
N SER A 322 11.84 -9.85 50.98
CA SER A 322 11.47 -9.79 49.60
C SER A 322 9.96 -10.00 49.36
N VAL A 323 9.26 -10.76 50.21
CA VAL A 323 7.78 -10.86 50.11
C VAL A 323 7.19 -10.99 51.47
N SER A 324 5.94 -10.62 51.65
CA SER A 324 5.32 -10.63 52.98
C SER A 324 5.22 -12.06 53.50
N GLY A 325 5.26 -12.22 54.81
CA GLY A 325 5.03 -13.52 55.44
C GLY A 325 3.83 -14.23 54.85
N TYR A 326 2.72 -13.51 54.69
CA TYR A 326 1.52 -14.10 54.12
C TYR A 326 1.80 -14.67 52.76
N ILE A 327 2.36 -13.83 51.88
CA ILE A 327 2.57 -14.22 50.49
C ILE A 327 3.58 -15.37 50.38
N TYR A 328 4.61 -15.35 51.23
CA TYR A 328 5.61 -16.42 51.26
C TYR A 328 4.88 -17.71 51.53
N HIS A 329 4.16 -17.78 52.63
CA HIS A 329 3.50 -19.03 52.99
C HIS A 329 2.40 -19.45 52.00
N LYS A 330 1.66 -18.50 51.45
CA LYS A 330 0.62 -18.82 50.46
C LYS A 330 1.23 -19.39 49.18
N LEU A 331 2.29 -18.76 48.68
CA LEU A 331 2.95 -19.21 47.46
C LEU A 331 3.55 -20.61 47.55
N LEU A 332 4.02 -20.98 48.75
CA LEU A 332 4.62 -22.30 48.98
C LEU A 332 3.59 -23.37 49.31
N GLY A 333 2.32 -22.98 49.39
CA GLY A 333 1.24 -23.93 49.60
C GLY A 333 0.96 -24.26 51.04
N HIS A 334 1.40 -23.41 51.95
CA HIS A 334 1.12 -23.62 53.36
C HIS A 334 -0.30 -23.19 53.72
N GLU A 335 -0.86 -23.75 54.79
CA GLU A 335 -2.10 -23.23 55.32
C GLU A 335 -1.82 -21.83 55.91
N VAL A 336 -2.61 -20.86 55.49
CA VAL A 336 -2.49 -19.49 55.94
C VAL A 336 -3.89 -18.98 56.16
N GLU A 337 -4.14 -18.34 57.29
CA GLU A 337 -5.46 -17.82 57.59
C GLU A 337 -5.76 -16.62 56.72
N ASP A 338 -7.03 -16.48 56.36
CA ASP A 338 -7.46 -15.36 55.54
C ASP A 338 -7.20 -14.04 56.24
N VAL A 339 -6.77 -13.06 55.47
CA VAL A 339 -6.47 -11.73 55.96
C VAL A 339 -7.27 -10.76 55.10
N ILE A 340 -7.89 -9.78 55.73
CA ILE A 340 -8.47 -8.66 55.03
C ILE A 340 -7.41 -7.57 55.02
N ILE A 341 -7.14 -7.04 53.82
CA ILE A 341 -6.24 -5.90 53.64
C ILE A 341 -6.90 -4.67 54.20
N LYS A 342 -6.14 -3.84 54.88
CA LYS A 342 -6.70 -2.62 55.49
C LYS A 342 -6.67 -1.44 54.51
N CYS A 343 -7.17 -1.66 53.29
CA CYS A 343 -7.29 -0.60 52.30
C CYS A 343 -8.67 0.03 52.37
N GLN A 344 -8.82 1.19 51.74
CA GLN A 344 -10.13 1.86 51.66
C GLN A 344 -10.73 1.68 50.26
N LEU A 345 -11.96 1.16 50.22
CA LEU A 345 -12.64 0.98 48.96
C LEU A 345 -13.05 2.34 48.43
N PRO A 346 -12.97 2.54 47.12
CA PRO A 346 -13.43 3.77 46.51
C PRO A 346 -14.94 3.86 46.49
N LYS A 347 -15.45 5.03 46.13
CA LYS A 347 -16.88 5.26 46.07
C LYS A 347 -17.39 4.63 44.77
N ARG A 348 -16.72 4.97 43.66
CA ARG A 348 -17.01 4.36 42.37
C ARG A 348 -15.82 3.55 41.91
N PHE A 349 -16.07 2.27 41.62
CA PHE A 349 -15.01 1.32 41.22
C PHE A 349 -14.47 1.59 39.82
N THR A 350 -15.33 2.08 38.94
CA THR A 350 -14.89 2.51 37.61
C THR A 350 -13.80 3.55 37.77
N ALA A 351 -12.70 3.40 37.04
CA ALA A 351 -11.61 4.37 37.09
C ALA A 351 -11.93 5.44 36.09
N GLN A 352 -11.41 6.64 36.34
CA GLN A 352 -11.58 7.74 35.40
C GLN A 352 -10.82 7.39 34.13
N GLY A 353 -11.37 7.78 32.99
CA GLY A 353 -10.75 7.54 31.70
C GLY A 353 -11.18 6.21 31.11
N LEU A 354 -11.79 5.35 31.92
CA LEU A 354 -12.13 4.00 31.47
C LEU A 354 -13.63 3.80 31.51
N PRO A 355 -14.16 3.01 30.57
CA PRO A 355 -15.61 2.82 30.55
C PRO A 355 -16.08 2.01 31.76
N ASP A 356 -17.37 2.13 32.09
CA ASP A 356 -17.92 1.52 33.31
C ASP A 356 -17.74 0.02 33.36
N LEU A 357 -17.25 -0.48 34.49
CA LEU A 357 -17.11 -1.92 34.69
C LEU A 357 -18.49 -2.60 34.81
N ASN A 358 -18.54 -3.90 34.55
CA ASN A 358 -19.76 -4.67 34.73
C ASN A 358 -19.75 -5.33 36.11
N HIS A 359 -20.84 -6.02 36.47
CA HIS A 359 -21.01 -6.57 37.82
C HIS A 359 -19.88 -7.53 38.18
N SER A 360 -19.51 -8.34 37.19
CA SER A 360 -18.48 -9.34 37.32
C SER A 360 -17.11 -8.72 37.59
N GLN A 361 -16.77 -7.70 36.81
CA GLN A 361 -15.50 -6.99 36.93
C GLN A 361 -15.40 -6.17 38.20
N VAL A 362 -16.51 -5.51 38.58
CA VAL A 362 -16.57 -4.77 39.84
C VAL A 362 -16.27 -5.74 40.98
N TYR A 363 -17.02 -6.85 41.03
CA TYR A 363 -16.84 -7.85 42.07
C TYR A 363 -15.37 -8.32 42.18
N ALA A 364 -14.68 -8.39 41.04
CA ALA A 364 -13.29 -8.74 41.01
C ALA A 364 -12.49 -7.64 41.68
N VAL A 365 -12.65 -6.43 41.19
CA VAL A 365 -11.88 -5.31 41.71
C VAL A 365 -12.07 -5.18 43.23
N LYS A 366 -13.33 -5.13 43.65
CA LYS A 366 -13.71 -5.02 45.05
C LYS A 366 -13.04 -6.12 45.88
N THR A 367 -13.13 -7.36 45.42
CA THR A 367 -12.57 -8.49 46.14
C THR A 367 -11.04 -8.44 46.28
N VAL A 368 -10.38 -8.12 45.19
CA VAL A 368 -8.93 -8.18 45.09
C VAL A 368 -8.22 -7.09 45.88
N LEU A 369 -8.88 -5.94 46.03
CA LEU A 369 -8.33 -4.83 46.78
C LEU A 369 -8.31 -5.11 48.29
N GLN A 370 -9.15 -6.05 48.73
CA GLN A 370 -9.28 -6.37 50.16
C GLN A 370 -8.50 -7.63 50.55
N ARG A 371 -7.67 -8.13 49.65
CA ARG A 371 -6.96 -9.40 49.85
C ARG A 371 -5.47 -9.24 49.52
N PRO A 372 -4.59 -9.92 50.25
CA PRO A 372 -3.18 -9.85 49.90
C PRO A 372 -2.76 -10.64 48.68
N LEU A 373 -3.53 -11.64 48.28
CA LEU A 373 -3.19 -12.45 47.10
C LEU A 373 -4.43 -12.97 46.42
N SER A 374 -4.61 -12.59 45.16
CA SER A 374 -5.77 -12.99 44.38
C SER A 374 -5.37 -13.47 43.00
N LEU A 375 -6.18 -14.38 42.47
CA LEU A 375 -6.04 -14.81 41.12
C LEU A 375 -7.28 -14.36 40.43
N ILE A 376 -7.13 -13.67 39.30
CA ILE A 376 -8.28 -13.37 38.47
C ILE A 376 -8.20 -14.22 37.23
N GLN A 377 -9.24 -14.98 36.98
CA GLN A 377 -9.38 -15.68 35.72
C GLN A 377 -10.14 -14.82 34.73
N GLY A 378 -9.50 -14.55 33.59
CA GLY A 378 -10.11 -13.74 32.52
C GLY A 378 -10.38 -14.54 31.28
N PRO A 379 -11.55 -15.18 31.17
CA PRO A 379 -11.83 -15.92 29.95
C PRO A 379 -11.84 -15.05 28.70
N PRO A 380 -11.75 -15.65 27.52
CA PRO A 380 -11.77 -14.89 26.27
C PRO A 380 -12.87 -13.85 26.24
N GLY A 381 -12.49 -12.60 25.98
CA GLY A 381 -13.42 -11.52 25.75
C GLY A 381 -13.99 -10.84 26.99
N THR A 382 -13.49 -11.20 28.17
CA THR A 382 -14.15 -10.80 29.41
C THR A 382 -13.64 -9.50 30.04
N GLY A 383 -12.71 -8.81 29.38
CA GLY A 383 -12.20 -7.50 29.86
C GLY A 383 -11.03 -7.45 30.84
N LYS A 384 -10.09 -8.39 30.75
CA LYS A 384 -8.91 -8.41 31.64
C LYS A 384 -8.19 -7.07 31.76
N THR A 385 -7.85 -6.47 30.63
CA THR A 385 -6.99 -5.31 30.65
C THR A 385 -7.68 -4.17 31.36
N VAL A 386 -8.89 -3.83 30.94
CA VAL A 386 -9.62 -2.78 31.65
C VAL A 386 -9.82 -3.13 33.13
N THR A 387 -9.99 -4.42 33.44
CA THR A 387 -10.17 -4.79 34.83
C THR A 387 -8.86 -4.56 35.58
N SER A 388 -7.75 -5.03 35.01
CA SER A 388 -6.43 -4.89 35.60
C SER A 388 -6.02 -3.42 35.73
N ALA A 389 -6.27 -2.65 34.68
CA ALA A 389 -6.03 -1.20 34.70
C ALA A 389 -6.82 -0.52 35.80
N THR A 390 -8.08 -0.94 35.97
CA THR A 390 -8.91 -0.37 37.02
C THR A 390 -8.34 -0.74 38.38
N ILE A 391 -7.94 -1.99 38.56
CA ILE A 391 -7.33 -2.41 39.82
C ILE A 391 -6.05 -1.61 40.09
N VAL A 392 -5.20 -1.48 39.09
CA VAL A 392 -3.94 -0.78 39.28
C VAL A 392 -4.19 0.68 39.62
N TYR A 393 -5.22 1.26 39.02
CA TYR A 393 -5.60 2.65 39.32
C TYR A 393 -5.87 2.85 40.82
N HIS A 394 -6.67 1.96 41.41
CA HIS A 394 -7.04 2.07 42.82
C HIS A 394 -5.89 1.73 43.76
N LEU A 395 -5.07 0.75 43.39
CA LEU A 395 -3.84 0.51 44.14
C LEU A 395 -2.94 1.76 44.12
N ALA A 396 -2.75 2.32 42.93
CA ALA A 396 -1.96 3.55 42.75
C ALA A 396 -2.35 4.62 43.73
N ARG A 397 -3.63 4.70 44.05
CA ARG A 397 -4.16 5.76 44.91
C ARG A 397 -4.31 5.40 46.39
N GLN A 398 -3.87 4.20 46.79
CA GLN A 398 -3.63 3.89 48.21
C GLN A 398 -2.35 4.65 48.61
N GLY A 399 -1.59 5.09 47.62
CA GLY A 399 -0.47 6.01 47.83
C GLY A 399 0.81 5.40 48.40
N ASN A 400 0.87 4.08 48.51
CA ASN A 400 2.05 3.39 49.04
C ASN A 400 3.10 3.11 47.96
N GLY A 401 3.61 4.17 47.32
CA GLY A 401 4.62 4.04 46.26
C GLY A 401 4.05 3.47 44.97
N PRO A 402 4.90 3.31 43.95
CA PRO A 402 4.40 2.94 42.62
C PRO A 402 3.90 1.50 42.57
N VAL A 403 2.85 1.26 41.81
CA VAL A 403 2.38 -0.08 41.58
C VAL A 403 3.25 -0.68 40.49
N LEU A 404 3.63 -1.95 40.66
CA LEU A 404 4.35 -2.67 39.61
C LEU A 404 3.36 -3.53 38.83
N VAL A 405 3.36 -3.36 37.52
CA VAL A 405 2.48 -4.08 36.65
C VAL A 405 3.31 -4.81 35.60
N CYS A 406 3.13 -6.12 35.49
CA CYS A 406 3.89 -6.93 34.54
C CYS A 406 3.05 -7.86 33.70
N ALA A 407 3.73 -8.44 32.71
CA ALA A 407 3.19 -9.50 31.86
C ALA A 407 4.41 -10.22 31.25
N PRO A 408 4.27 -11.51 30.94
CA PRO A 408 5.38 -12.20 30.31
C PRO A 408 5.86 -11.58 29.00
N SER A 409 4.98 -10.94 28.23
CA SER A 409 5.34 -10.43 26.90
C SER A 409 5.24 -8.90 26.75
N ASN A 410 6.06 -8.33 25.90
CA ASN A 410 5.98 -6.90 25.62
C ASN A 410 4.63 -6.43 25.04
N ILE A 411 3.98 -7.26 24.23
CA ILE A 411 2.69 -6.84 23.67
C ILE A 411 1.62 -6.73 24.77
N ALA A 412 1.64 -7.65 25.73
CA ALA A 412 0.72 -7.56 26.85
C ALA A 412 1.05 -6.37 27.77
N VAL A 413 2.33 -6.06 27.97
CA VAL A 413 2.68 -4.92 28.82
C VAL A 413 2.21 -3.64 28.15
N ASP A 414 2.56 -3.50 26.87
CA ASP A 414 2.15 -2.35 26.07
C ASP A 414 0.64 -2.12 26.10
N GLN A 415 -0.15 -3.18 25.94
CA GLN A 415 -1.62 -3.05 26.04
C GLN A 415 -2.10 -2.57 27.39
N LEU A 416 -1.52 -3.11 28.45
CA LEU A 416 -1.88 -2.71 29.80
C LEU A 416 -1.36 -1.31 30.10
N THR A 417 -0.15 -1.00 29.65
CA THR A 417 0.45 0.34 29.80
C THR A 417 -0.47 1.40 29.19
N GLU A 418 -1.00 1.15 28.01
CA GLU A 418 -1.87 2.12 27.38
C GLU A 418 -3.15 2.37 28.14
N LYS A 419 -3.79 1.31 28.61
CA LYS A 419 -5.05 1.45 29.35
C LYS A 419 -4.81 2.23 30.63
N ILE A 420 -3.74 1.91 31.37
CA ILE A 420 -3.45 2.56 32.64
C ILE A 420 -3.25 4.06 32.40
N HIS A 421 -2.45 4.38 31.39
CA HIS A 421 -2.24 5.76 31.01
C HIS A 421 -3.53 6.57 30.76
N GLN A 422 -4.60 5.90 30.29
CA GLN A 422 -5.86 6.59 30.05
C GLN A 422 -6.50 7.15 31.31
N THR A 423 -6.12 6.62 32.47
CA THR A 423 -6.68 7.08 33.74
C THR A 423 -5.97 8.30 34.26
N GLY A 424 -4.87 8.68 33.63
CA GLY A 424 -4.20 9.94 33.92
C GLY A 424 -3.12 9.83 34.98
N LEU A 425 -2.83 8.60 35.42
CA LEU A 425 -1.71 8.36 36.34
C LEU A 425 -0.35 8.56 35.62
N LYS A 426 0.69 8.82 36.41
CA LYS A 426 2.07 8.90 35.89
C LYS A 426 2.66 7.50 35.66
N VAL A 427 2.64 7.02 34.41
CA VAL A 427 3.16 5.68 34.07
C VAL A 427 4.54 5.70 33.42
N VAL A 428 5.45 4.83 33.86
CA VAL A 428 6.75 4.66 33.20
C VAL A 428 6.86 3.23 32.69
N ARG A 429 7.04 3.11 31.38
CA ARG A 429 7.23 1.84 30.71
C ARG A 429 8.71 1.59 30.70
N LEU A 430 9.15 0.56 31.39
CA LEU A 430 10.56 0.24 31.40
C LEU A 430 10.75 -0.85 30.36
N CYS A 431 11.74 -0.74 29.49
CA CYS A 431 12.02 -1.86 28.59
C CYS A 431 13.50 -2.17 28.44
N ALA A 432 13.83 -3.26 27.74
CA ALA A 432 15.21 -3.69 27.61
C ALA A 432 15.97 -2.67 26.79
N LYS A 433 17.25 -2.49 27.11
CA LYS A 433 18.07 -1.55 26.36
C LYS A 433 18.18 -1.99 24.89
N SER A 434 18.09 -3.29 24.66
CA SER A 434 18.11 -3.84 23.30
C SER A 434 16.81 -3.56 22.50
N ARG A 435 15.74 -3.16 23.17
CA ARG A 435 14.46 -2.89 22.49
C ARG A 435 14.09 -1.41 22.37
N GLU A 436 15.06 -0.53 22.64
CA GLU A 436 14.81 0.91 22.60
C GLU A 436 14.56 1.46 21.18
N ALA A 437 14.98 0.75 20.14
CA ALA A 437 14.72 1.18 18.76
C ALA A 437 13.35 0.70 18.24
N ILE A 438 12.69 -0.17 19.00
CA ILE A 438 11.36 -0.67 18.65
C ILE A 438 10.30 0.39 18.94
N ASP A 439 9.32 0.53 18.05
CA ASP A 439 8.19 1.43 18.32
C ASP A 439 6.96 0.68 18.81
N SER A 440 6.09 1.44 19.48
CA SER A 440 4.83 0.94 20.00
C SER A 440 3.97 2.14 20.34
N PRO A 441 2.66 1.93 20.49
CA PRO A 441 1.80 3.08 20.77
C PRO A 441 2.17 3.79 22.08
N VAL A 442 2.96 3.14 22.93
CA VAL A 442 3.39 3.72 24.20
C VAL A 442 4.92 3.95 24.30
N SER A 443 5.58 4.19 23.18
CA SER A 443 6.99 4.55 23.23
C SER A 443 7.20 5.82 24.05
N PHE A 444 6.29 6.77 23.92
CA PHE A 444 6.41 8.04 24.64
C PHE A 444 6.42 7.90 26.17
N LEU A 445 5.93 6.76 26.67
CA LEU A 445 5.97 6.43 28.11
C LEU A 445 7.24 5.67 28.51
N ALA A 446 8.03 5.22 27.54
CA ALA A 446 9.25 4.50 27.83
C ALA A 446 10.22 5.36 28.61
N LEU A 447 10.77 4.78 29.67
CA LEU A 447 11.77 5.47 30.49
C LEU A 447 12.85 6.14 29.67
N HIS A 448 13.42 5.43 28.67
CA HIS A 448 14.52 6.01 27.90
C HIS A 448 14.08 7.23 27.10
N ASN A 449 12.81 7.23 26.70
CA ASN A 449 12.26 8.36 25.96
C ASN A 449 11.85 9.48 26.88
N GLN A 450 11.40 9.14 28.08
CA GLN A 450 11.10 10.18 29.08
C GLN A 450 12.37 10.91 29.50
N ILE A 451 13.45 10.16 29.66
CA ILE A 451 14.74 10.76 29.98
C ILE A 451 15.20 11.68 28.87
N ARG A 452 15.07 11.26 27.61
CA ARG A 452 15.52 12.09 26.48
C ARG A 452 14.79 13.41 26.44
N ASN A 453 13.54 13.41 26.87
CA ASN A 453 12.69 14.61 26.83
C ASN A 453 12.66 15.43 28.13
N MET A 454 13.54 15.11 29.08
CA MET A 454 13.67 15.88 30.30
C MET A 454 14.35 17.19 30.00
N ASP A 455 13.55 18.23 29.79
CA ASP A 455 14.11 19.56 29.55
C ASP A 455 14.72 20.11 30.83
N SER A 456 14.30 19.58 31.99
CA SER A 456 14.84 19.98 33.30
C SER A 456 16.33 19.65 33.51
N MET A 457 16.93 18.84 32.65
CA MET A 457 18.36 18.51 32.76
C MET A 457 19.05 18.73 31.43
N PRO A 458 19.24 20.00 31.04
CA PRO A 458 19.81 20.29 29.72
C PRO A 458 21.27 19.85 29.57
N GLU A 459 21.93 19.51 30.67
CA GLU A 459 23.27 18.94 30.59
C GLU A 459 23.22 17.52 30.04
N LEU A 460 22.33 16.70 30.58
CA LEU A 460 22.16 15.33 30.10
C LEU A 460 21.77 15.32 28.63
N GLN A 461 20.85 16.20 28.24
CA GLN A 461 20.41 16.29 26.85
C GLN A 461 21.57 16.66 25.93
N LYS A 462 22.46 17.54 26.40
CA LYS A 462 23.66 17.92 25.66
C LYS A 462 24.61 16.73 25.46
N LEU A 463 24.84 15.97 26.52
CA LEU A 463 25.72 14.79 26.48
C LEU A 463 25.10 13.67 25.65
N GLN A 464 23.77 13.59 25.68
CA GLN A 464 23.02 12.67 24.83
C GLN A 464 23.10 13.09 23.34
N GLN A 465 23.03 14.39 23.05
CA GLN A 465 23.26 14.86 21.68
C GLN A 465 24.59 14.32 21.14
N LEU A 466 25.63 14.36 21.97
CA LEU A 466 26.97 13.95 21.53
C LEU A 466 27.04 12.45 21.29
N LYS A 467 26.41 11.67 22.15
CA LYS A 467 26.38 10.23 21.97
C LYS A 467 25.76 9.85 20.60
N ASP A 468 24.66 10.51 20.24
CA ASP A 468 23.85 10.14 19.07
C ASP A 468 24.43 10.64 17.74
N GLU A 469 25.35 11.59 17.81
CA GLU A 469 26.06 12.04 16.63
C GLU A 469 27.48 11.45 16.55
N THR A 470 27.81 10.58 17.51
CA THR A 470 29.16 10.02 17.67
C THR A 470 29.08 8.57 18.17
N GLY A 471 30.22 7.89 18.20
CA GLY A 471 30.34 6.64 18.94
C GLY A 471 30.51 6.93 20.43
N GLU A 472 30.30 5.92 21.27
CA GLU A 472 30.39 6.06 22.74
C GLU A 472 31.53 7.01 23.16
N LEU A 473 31.28 7.72 24.26
CA LEU A 473 31.99 8.95 24.62
C LEU A 473 33.18 8.75 25.57
N SER A 474 34.14 9.69 25.55
CA SER A 474 35.36 9.63 26.38
C SER A 474 35.07 9.43 27.88
N SER A 475 35.91 8.65 28.56
CA SER A 475 35.65 8.18 29.93
C SER A 475 35.21 9.25 30.95
N ALA A 476 35.71 10.48 30.84
CA ALA A 476 35.23 11.57 31.69
C ALA A 476 33.79 11.93 31.32
N ASP A 477 33.58 12.37 30.08
CA ASP A 477 32.23 12.58 29.49
C ASP A 477 31.22 11.49 29.92
N GLU A 478 31.67 10.26 29.82
CA GLU A 478 30.86 9.08 30.03
C GLU A 478 30.45 8.86 31.49
N LYS A 479 31.40 9.06 32.42
CA LYS A 479 31.10 8.96 33.85
C LYS A 479 29.99 9.94 34.21
N ARG A 480 30.16 11.18 33.78
CA ARG A 480 29.19 12.25 34.02
C ARG A 480 27.81 11.90 33.43
N TYR A 481 27.79 11.46 32.18
CA TYR A 481 26.56 11.10 31.48
C TYR A 481 25.81 10.03 32.27
N ARG A 482 26.53 8.98 32.64
CA ARG A 482 25.96 7.89 33.42
C ARG A 482 25.43 8.36 34.77
N ALA A 483 26.15 9.26 35.43
CA ALA A 483 25.73 9.72 36.74
C ALA A 483 24.37 10.41 36.62
N LEU A 484 24.29 11.40 35.73
CA LEU A 484 23.04 12.14 35.47
C LEU A 484 21.92 11.24 34.94
N LYS A 485 22.29 10.19 34.20
CA LYS A 485 21.30 9.24 33.71
C LYS A 485 20.70 8.40 34.84
N ARG A 486 21.52 8.04 35.83
CA ARG A 486 21.00 7.41 37.05
C ARG A 486 20.08 8.37 37.80
N THR A 487 20.41 9.65 37.79
CA THR A 487 19.59 10.64 38.47
C THR A 487 18.23 10.75 37.77
N ALA A 488 18.26 10.94 36.47
CA ALA A 488 17.03 10.96 35.67
C ALA A 488 16.17 9.73 35.98
N GLU A 489 16.80 8.56 35.96
CA GLU A 489 16.08 7.31 36.14
C GLU A 489 15.40 7.24 37.50
N ARG A 490 16.15 7.56 38.55
CA ARG A 490 15.62 7.59 39.90
C ARG A 490 14.50 8.60 40.02
N GLU A 491 14.62 9.75 39.37
CA GLU A 491 13.56 10.77 39.43
C GLU A 491 12.26 10.25 38.85
N LEU A 492 12.33 9.64 37.67
CA LEU A 492 11.13 9.22 36.97
C LEU A 492 10.46 8.02 37.66
N LEU A 493 11.27 7.03 38.02
CA LEU A 493 10.76 5.81 38.64
C LEU A 493 10.22 6.06 40.03
N MET A 494 11.01 6.73 40.87
CA MET A 494 10.57 7.01 42.23
C MET A 494 9.26 7.80 42.31
N ASN A 495 9.03 8.69 41.33
CA ASN A 495 7.79 9.49 41.26
C ASN A 495 6.69 8.90 40.42
N ALA A 496 6.89 7.70 39.89
CA ALA A 496 5.89 7.10 39.02
C ALA A 496 4.75 6.53 39.87
N ASP A 497 3.52 6.78 39.45
CA ASP A 497 2.37 6.09 40.02
C ASP A 497 2.43 4.62 39.64
N VAL A 498 2.85 4.34 38.42
CA VAL A 498 2.91 2.96 37.96
C VAL A 498 4.17 2.69 37.15
N ILE A 499 4.79 1.53 37.38
CA ILE A 499 5.84 1.08 36.50
C ILE A 499 5.41 -0.19 35.80
N CYS A 500 5.58 -0.19 34.49
CA CYS A 500 5.16 -1.29 33.64
C CYS A 500 6.37 -1.89 32.98
N CYS A 501 6.51 -3.21 33.10
CA CYS A 501 7.54 -3.91 32.35
C CYS A 501 7.23 -5.41 32.31
N THR A 502 8.01 -6.15 31.52
CA THR A 502 7.84 -7.60 31.45
C THR A 502 8.30 -8.26 32.77
N CYS A 503 7.75 -9.42 33.08
CA CYS A 503 8.16 -10.15 34.25
C CYS A 503 9.67 -10.11 34.35
N VAL A 504 10.34 -10.70 33.38
CA VAL A 504 11.80 -10.68 33.38
C VAL A 504 12.38 -9.27 33.49
N GLY A 505 11.74 -8.32 32.80
CA GLY A 505 12.17 -6.91 32.87
C GLY A 505 12.14 -6.34 34.27
N ALA A 506 11.34 -6.93 35.17
CA ALA A 506 11.29 -6.52 36.58
C ALA A 506 12.64 -6.74 37.27
N GLY A 507 13.46 -7.65 36.75
CA GLY A 507 14.77 -7.91 37.29
C GLY A 507 15.82 -6.94 36.83
N ASP A 508 15.46 -5.95 36.01
CA ASP A 508 16.41 -4.92 35.55
C ASP A 508 17.17 -4.34 36.76
N PRO A 509 18.47 -4.03 36.59
CA PRO A 509 19.22 -3.42 37.67
C PRO A 509 18.60 -2.11 38.15
N ARG A 510 17.98 -1.37 37.24
CA ARG A 510 17.42 -0.07 37.58
C ARG A 510 16.28 -0.17 38.61
N LEU A 511 15.59 -1.30 38.66
CA LEU A 511 14.55 -1.48 39.66
C LEU A 511 15.04 -2.22 40.92
N ALA A 512 16.23 -2.84 40.88
CA ALA A 512 16.84 -3.35 42.12
C ALA A 512 16.90 -2.14 43.04
N LYS A 513 16.98 -2.35 44.34
CA LYS A 513 17.02 -1.20 45.24
C LYS A 513 15.65 -0.50 45.36
N MET A 514 14.59 -1.10 44.85
CA MET A 514 13.27 -0.48 44.86
C MET A 514 12.24 -1.48 45.41
N GLN A 515 11.36 -1.01 46.29
CA GLN A 515 10.33 -1.86 46.89
C GLN A 515 8.97 -1.69 46.20
N PHE A 516 8.32 -2.79 45.87
CA PHE A 516 6.97 -2.73 45.32
C PHE A 516 6.00 -3.48 46.20
N ARG A 517 5.22 -2.73 46.96
CA ARG A 517 4.22 -3.28 47.90
C ARG A 517 3.08 -3.98 47.15
N SER A 518 2.57 -3.34 46.10
CA SER A 518 1.47 -3.89 45.29
C SER A 518 1.97 -4.25 43.91
N ILE A 519 1.73 -5.49 43.50
CA ILE A 519 2.16 -5.96 42.20
C ILE A 519 1.01 -6.66 41.50
N LEU A 520 0.90 -6.45 40.19
CA LEU A 520 -0.08 -7.14 39.35
C LEU A 520 0.59 -7.67 38.11
N ILE A 521 0.37 -8.96 37.85
CA ILE A 521 0.92 -9.69 36.72
C ILE A 521 -0.21 -10.16 35.77
N ASP A 522 -0.27 -9.58 34.57
CA ASP A 522 -1.25 -10.03 33.59
C ASP A 522 -0.69 -11.23 32.88
N GLU A 523 -1.58 -12.08 32.38
CA GLU A 523 -1.20 -13.23 31.58
C GLU A 523 -0.14 -14.03 32.28
N SER A 524 -0.24 -14.16 33.59
CA SER A 524 0.72 -14.95 34.33
C SER A 524 0.65 -16.43 33.98
N THR A 525 -0.49 -16.92 33.52
CA THR A 525 -0.59 -18.32 33.13
C THR A 525 0.28 -18.63 31.94
N GLN A 526 0.89 -17.59 31.34
CA GLN A 526 1.83 -17.76 30.22
C GLN A 526 3.29 -17.64 30.55
N ALA A 527 3.63 -17.40 31.82
CA ALA A 527 5.01 -17.47 32.29
C ALA A 527 5.26 -18.73 33.11
N THR A 528 6.50 -19.17 33.13
CA THR A 528 6.94 -20.23 34.03
C THR A 528 7.04 -19.61 35.42
N GLU A 529 6.99 -20.40 36.48
CA GLU A 529 7.03 -19.82 37.84
C GLU A 529 8.23 -18.89 38.09
N PRO A 530 9.46 -19.36 37.81
CA PRO A 530 10.60 -18.52 38.09
C PRO A 530 10.52 -17.16 37.41
N GLU A 531 9.98 -17.15 36.19
CA GLU A 531 9.74 -15.92 35.44
C GLU A 531 8.80 -15.00 36.21
N CYS A 532 7.64 -15.54 36.50
CA CYS A 532 6.63 -14.85 37.25
C CYS A 532 7.12 -14.35 38.58
N MET A 533 8.07 -15.05 39.19
CA MET A 533 8.59 -14.69 40.50
C MET A 533 9.64 -13.57 40.50
N VAL A 534 10.16 -13.20 39.33
CA VAL A 534 11.13 -12.12 39.24
C VAL A 534 10.57 -10.83 39.87
N PRO A 535 9.38 -10.36 39.44
CA PRO A 535 8.80 -9.19 40.07
C PRO A 535 8.34 -9.38 41.52
N VAL A 536 7.74 -10.53 41.80
CA VAL A 536 7.18 -10.80 43.15
C VAL A 536 8.22 -10.59 44.23
N VAL A 537 9.44 -11.05 44.00
CA VAL A 537 10.48 -10.94 45.04
C VAL A 537 11.02 -9.52 45.24
N LEU A 538 10.35 -8.51 44.68
CA LEU A 538 10.71 -7.11 44.87
C LEU A 538 9.89 -6.38 45.95
N GLY A 539 9.39 -7.10 46.94
CA GLY A 539 8.68 -6.49 48.09
C GLY A 539 7.19 -6.79 48.21
N ALA A 540 6.68 -7.75 47.42
CA ALA A 540 5.23 -8.02 47.34
C ALA A 540 4.55 -8.13 48.70
N LYS A 541 3.57 -7.27 48.93
CA LYS A 541 2.64 -7.40 50.08
C LYS A 541 1.21 -7.59 49.61
N GLN A 542 0.96 -7.25 48.35
CA GLN A 542 -0.31 -7.50 47.70
C GLN A 542 -0.02 -7.94 46.28
N LEU A 543 -0.35 -9.19 45.96
CA LEU A 543 -0.04 -9.76 44.66
C LEU A 543 -1.32 -10.19 43.97
N ILE A 544 -1.49 -9.78 42.72
CA ILE A 544 -2.64 -10.14 41.93
C ILE A 544 -2.16 -10.80 40.66
N LEU A 545 -2.54 -12.06 40.47
CA LEU A 545 -2.20 -12.79 39.28
C LEU A 545 -3.44 -12.88 38.41
N VAL A 546 -3.32 -12.38 37.19
CA VAL A 546 -4.41 -12.40 36.23
C VAL A 546 -4.01 -13.37 35.14
N GLY A 547 -4.95 -14.17 34.66
CA GLY A 547 -4.62 -15.19 33.65
C GLY A 547 -5.79 -16.07 33.32
N ASP A 548 -5.55 -17.11 32.52
CA ASP A 548 -6.55 -18.14 32.27
C ASP A 548 -5.88 -19.49 32.07
N HIS A 549 -5.99 -20.34 33.08
CA HIS A 549 -5.46 -21.70 33.04
C HIS A 549 -6.21 -22.63 32.11
N CYS A 550 -7.21 -22.12 31.38
CA CYS A 550 -7.86 -22.88 30.30
C CYS A 550 -7.44 -22.45 28.92
N GLN A 551 -6.59 -21.44 28.84
CA GLN A 551 -5.98 -21.07 27.60
C GLN A 551 -4.52 -21.50 27.69
N LEU A 552 -3.72 -21.17 26.67
CA LEU A 552 -2.37 -21.68 26.59
C LEU A 552 -1.52 -21.25 27.81
N GLY A 553 -0.60 -22.15 28.17
CA GLY A 553 0.40 -21.87 29.19
C GLY A 553 1.72 -21.54 28.54
N PRO A 554 2.78 -21.49 29.34
CA PRO A 554 4.08 -21.02 28.89
C PRO A 554 4.74 -22.01 27.99
N VAL A 555 5.62 -21.53 27.12
CA VAL A 555 6.37 -22.38 26.21
C VAL A 555 7.64 -22.82 26.89
N VAL A 556 7.92 -24.11 26.87
CA VAL A 556 9.15 -24.62 27.48
C VAL A 556 9.84 -25.51 26.47
N MET A 557 10.94 -25.02 25.93
CA MET A 557 11.62 -25.66 24.81
C MET A 557 12.33 -26.99 25.14
N CYS A 558 12.62 -27.22 26.41
CA CYS A 558 13.39 -28.37 26.80
C CYS A 558 12.49 -29.43 27.41
N LYS A 559 12.35 -30.56 26.73
CA LYS A 559 11.46 -31.61 27.21
C LYS A 559 11.74 -32.03 28.68
N LYS A 560 12.99 -32.33 29.02
CA LYS A 560 13.34 -32.71 30.40
C LYS A 560 12.78 -31.71 31.41
N ALA A 561 12.96 -30.42 31.13
CA ALA A 561 12.47 -29.37 32.01
C ALA A 561 10.94 -29.33 32.00
N ALA A 562 10.33 -29.52 30.82
CA ALA A 562 8.89 -29.43 30.71
C ALA A 562 8.22 -30.60 31.42
N LYS A 563 8.73 -31.80 31.18
CA LYS A 563 8.26 -33.01 31.87
C LYS A 563 8.40 -32.92 33.38
N ALA A 564 9.50 -32.30 33.85
CA ALA A 564 9.75 -32.09 35.26
C ALA A 564 8.79 -31.09 35.86
N GLY A 565 8.05 -30.38 35.01
CA GLY A 565 6.93 -29.55 35.47
C GLY A 565 7.09 -28.07 35.28
N LEU A 566 8.10 -27.65 34.55
CA LEU A 566 8.36 -26.24 34.34
C LEU A 566 7.28 -25.53 33.51
N SER A 567 6.54 -26.30 32.72
CA SER A 567 5.43 -25.75 31.95
C SER A 567 4.25 -25.34 32.81
N GLN A 568 4.16 -25.79 34.04
CA GLN A 568 3.09 -25.32 34.92
C GLN A 568 3.36 -23.88 35.36
N SER A 569 2.35 -23.01 35.30
CA SER A 569 2.53 -21.66 35.80
C SER A 569 2.27 -21.56 37.30
N LEU A 570 2.66 -20.43 37.90
CA LEU A 570 2.36 -20.13 39.31
C LEU A 570 0.84 -20.20 39.50
N PHE A 571 0.14 -19.49 38.62
CA PHE A 571 -1.31 -19.46 38.60
C PHE A 571 -1.92 -20.86 38.64
N GLU A 572 -1.41 -21.75 37.80
CA GLU A 572 -1.92 -23.10 37.75
C GLU A 572 -1.71 -23.86 39.01
N ARG A 573 -0.50 -23.75 39.55
CA ARG A 573 -0.13 -24.52 40.74
C ARG A 573 -1.03 -24.07 41.86
N LEU A 574 -1.20 -22.76 41.97
CA LEU A 574 -2.08 -22.21 42.97
C LEU A 574 -3.51 -22.70 42.76
N VAL A 575 -3.97 -22.76 41.53
CA VAL A 575 -5.31 -23.24 41.26
C VAL A 575 -5.44 -24.69 41.69
N VAL A 576 -4.46 -25.52 41.34
CA VAL A 576 -4.45 -26.91 41.79
C VAL A 576 -4.38 -27.02 43.31
N LEU A 577 -3.60 -26.15 43.94
CA LEU A 577 -3.52 -26.11 45.39
C LEU A 577 -4.89 -25.92 46.05
N GLY A 578 -5.83 -25.36 45.31
CA GLY A 578 -7.16 -25.16 45.83
C GLY A 578 -7.51 -23.70 45.98
N ILE A 579 -6.62 -22.80 45.58
CA ILE A 579 -6.98 -21.38 45.56
C ILE A 579 -7.88 -21.10 44.34
N ARG A 580 -9.06 -20.57 44.62
CA ARG A 580 -10.15 -20.50 43.67
C ARG A 580 -10.04 -19.09 43.08
N PRO A 581 -9.73 -18.97 41.77
CA PRO A 581 -9.65 -17.63 41.18
C PRO A 581 -11.01 -16.98 41.07
N ILE A 582 -11.04 -15.65 41.12
CA ILE A 582 -12.23 -14.89 40.74
C ILE A 582 -12.30 -14.84 39.22
N ARG A 583 -13.44 -15.24 38.66
CA ARG A 583 -13.63 -15.31 37.21
C ARG A 583 -14.45 -14.15 36.65
N LEU A 584 -13.90 -13.44 35.66
CA LEU A 584 -14.67 -12.44 34.91
C LEU A 584 -15.67 -13.17 34.02
N GLN A 585 -16.95 -12.88 34.19
CA GLN A 585 -18.00 -13.77 33.74
C GLN A 585 -18.64 -13.33 32.40
N VAL A 586 -18.58 -12.04 32.08
CA VAL A 586 -19.27 -11.49 30.90
C VAL A 586 -18.31 -11.32 29.71
N GLN A 587 -18.60 -12.00 28.61
CA GLN A 587 -17.74 -11.94 27.44
C GLN A 587 -18.37 -11.03 26.39
N TYR A 588 -17.53 -10.27 25.70
CA TYR A 588 -17.99 -9.21 24.82
C TYR A 588 -17.55 -9.41 23.39
N ARG A 589 -17.03 -10.60 23.08
CA ARG A 589 -16.37 -10.84 21.80
C ARG A 589 -17.19 -11.70 20.85
N MET A 590 -17.78 -12.76 21.36
CA MET A 590 -18.46 -13.72 20.53
C MET A 590 -19.95 -13.52 20.51
N HIS A 591 -20.52 -13.74 19.33
CA HIS A 591 -21.92 -14.05 19.17
C HIS A 591 -22.24 -15.20 20.11
N PRO A 592 -23.39 -15.13 20.79
CA PRO A 592 -23.76 -16.12 21.82
C PRO A 592 -23.60 -17.59 21.43
N ALA A 593 -24.03 -17.95 20.23
CA ALA A 593 -23.87 -19.33 19.74
C ALA A 593 -22.42 -19.85 19.83
N LEU A 594 -21.44 -18.95 19.68
CA LEU A 594 -20.04 -19.33 19.64
C LEU A 594 -19.50 -19.51 21.05
N SER A 595 -20.02 -18.72 22.00
CA SER A 595 -19.57 -18.81 23.37
C SER A 595 -20.11 -20.05 24.03
N ALA A 596 -21.28 -20.51 23.56
CA ALA A 596 -22.03 -21.55 24.25
C ALA A 596 -21.16 -22.75 24.61
N PHE A 597 -20.49 -23.31 23.62
CA PHE A 597 -19.79 -24.57 23.85
C PHE A 597 -18.58 -24.42 24.75
N PRO A 598 -17.70 -23.46 24.45
CA PRO A 598 -16.56 -23.31 25.33
C PRO A 598 -16.97 -22.96 26.75
N SER A 599 -17.97 -22.10 26.90
CA SER A 599 -18.48 -21.77 28.23
C SER A 599 -18.84 -23.03 29.02
N ASN A 600 -19.65 -23.87 28.38
CA ASN A 600 -20.17 -25.08 29.02
C ASN A 600 -19.10 -26.11 29.36
N ILE A 601 -18.10 -26.25 28.49
CA ILE A 601 -17.05 -27.24 28.70
C ILE A 601 -15.89 -26.75 29.55
N PHE A 602 -15.46 -25.50 29.37
CA PHE A 602 -14.23 -25.02 30.01
C PHE A 602 -14.45 -24.05 31.15
N TYR A 603 -15.62 -23.42 31.18
CA TYR A 603 -15.87 -22.36 32.16
C TYR A 603 -17.15 -22.63 32.94
N GLU A 604 -17.38 -23.90 33.25
CA GLU A 604 -18.47 -24.34 34.14
C GLU A 604 -19.85 -23.81 33.73
N GLY A 605 -20.03 -23.57 32.43
CA GLY A 605 -21.24 -22.92 31.91
C GLY A 605 -21.52 -21.56 32.53
N SER A 606 -20.46 -20.83 32.88
CA SER A 606 -20.61 -19.62 33.69
C SER A 606 -20.49 -18.34 32.90
N LEU A 607 -20.04 -18.42 31.65
CA LEU A 607 -19.87 -17.22 30.85
C LEU A 607 -21.23 -16.61 30.49
N GLN A 608 -21.40 -15.33 30.78
CA GLN A 608 -22.55 -14.54 30.30
C GLN A 608 -22.18 -13.76 29.03
N ASN A 609 -23.16 -13.56 28.16
CA ASN A 609 -22.94 -12.84 26.93
C ASN A 609 -23.23 -11.36 27.10
N GLY A 610 -22.18 -10.54 27.00
CA GLY A 610 -22.32 -9.09 27.01
C GLY A 610 -22.75 -8.50 25.68
N VAL A 611 -22.84 -9.34 24.65
CA VAL A 611 -23.30 -8.93 23.33
C VAL A 611 -24.41 -9.86 22.85
N THR A 612 -25.50 -9.29 22.34
CA THR A 612 -26.66 -10.08 21.89
C THR A 612 -26.44 -10.66 20.48
N ALA A 613 -27.29 -11.60 20.09
CA ALA A 613 -27.26 -12.19 18.75
C ALA A 613 -27.38 -11.13 17.67
N ALA A 614 -28.33 -10.20 17.84
CA ALA A 614 -28.52 -9.10 16.90
C ALA A 614 -27.22 -8.29 16.79
N ASP A 615 -26.61 -7.97 17.95
CA ASP A 615 -25.34 -7.22 18.02
C ASP A 615 -24.20 -7.84 17.20
N ARG A 616 -24.32 -9.13 16.89
CA ARG A 616 -23.20 -9.86 16.28
C ARG A 616 -23.54 -10.48 14.92
N VAL A 617 -24.30 -9.76 14.11
CA VAL A 617 -24.37 -10.01 12.69
C VAL A 617 -23.48 -8.96 12.02
N LYS A 618 -22.45 -9.42 11.31
CA LYS A 618 -21.50 -8.51 10.66
C LYS A 618 -22.19 -7.75 9.52
N LYS A 619 -21.82 -6.49 9.36
CA LYS A 619 -22.45 -5.60 8.38
C LYS A 619 -21.79 -5.72 6.99
N GLY A 620 -22.62 -5.80 5.96
CA GLY A 620 -22.17 -6.06 4.58
C GLY A 620 -21.78 -7.52 4.44
N PHE A 621 -22.68 -8.42 4.85
CA PHE A 621 -22.39 -9.85 4.96
C PHE A 621 -23.61 -10.73 4.67
N ASP A 622 -23.81 -11.05 3.39
CA ASP A 622 -24.95 -11.85 2.93
C ASP A 622 -24.55 -13.31 2.79
N PHE A 623 -24.21 -13.94 3.91
CA PHE A 623 -23.81 -15.34 3.95
C PHE A 623 -24.97 -16.18 4.47
N GLN A 624 -25.16 -17.35 3.87
CA GLN A 624 -26.30 -18.22 4.20
C GLN A 624 -25.84 -19.40 5.05
N TRP A 625 -25.89 -19.23 6.38
CA TRP A 625 -25.49 -20.26 7.32
C TRP A 625 -26.46 -21.43 7.27
N PRO A 626 -25.99 -22.66 7.54
CA PRO A 626 -26.90 -23.82 7.49
C PRO A 626 -28.13 -23.64 8.37
N GLN A 627 -27.96 -22.96 9.49
CA GLN A 627 -29.07 -22.47 10.28
C GLN A 627 -28.82 -20.99 10.53
N PRO A 628 -29.71 -20.10 10.01
CA PRO A 628 -29.48 -18.66 9.87
C PRO A 628 -29.02 -17.92 11.13
N ASP A 629 -29.49 -18.38 12.30
CA ASP A 629 -29.30 -17.68 13.57
C ASP A 629 -28.15 -18.22 14.38
N LYS A 630 -27.60 -19.35 13.94
CA LYS A 630 -26.39 -19.91 14.53
C LYS A 630 -25.28 -19.78 13.48
N PRO A 631 -24.30 -18.88 13.72
CA PRO A 631 -23.22 -18.63 12.78
C PRO A 631 -22.01 -19.48 13.07
N MET A 632 -22.17 -20.78 12.92
CA MET A 632 -21.08 -21.69 13.06
C MET A 632 -21.49 -22.97 12.40
N PHE A 633 -20.50 -23.72 11.93
CA PHE A 633 -20.75 -25.07 11.50
C PHE A 633 -19.50 -25.87 11.30
N PHE A 634 -19.72 -27.18 11.26
CA PHE A 634 -18.70 -28.15 10.98
C PHE A 634 -18.96 -28.71 9.61
N TYR A 635 -18.02 -28.46 8.70
CA TYR A 635 -18.08 -29.03 7.36
C TYR A 635 -17.30 -30.33 7.34
N VAL A 636 -17.97 -31.41 6.94
CA VAL A 636 -17.34 -32.72 6.90
C VAL A 636 -16.48 -32.81 5.63
N THR A 637 -15.18 -33.02 5.80
CA THR A 637 -14.29 -33.39 4.71
C THR A 637 -13.71 -34.75 5.05
N GLN A 638 -13.64 -35.63 4.06
CA GLN A 638 -13.13 -36.96 4.30
C GLN A 638 -11.94 -37.19 3.37
N GLY A 639 -11.09 -36.17 3.33
CA GLY A 639 -9.82 -36.26 2.65
C GLY A 639 -8.91 -37.25 3.36
N GLN A 640 -7.97 -37.80 2.61
CA GLN A 640 -6.85 -38.52 3.17
C GLN A 640 -5.76 -37.51 3.57
N GLU A 641 -5.17 -37.71 4.74
CA GLU A 641 -4.04 -36.92 5.17
C GLU A 641 -2.80 -37.48 4.49
N GLU A 642 -1.70 -36.74 4.58
CA GLU A 642 -0.42 -37.24 4.11
C GLU A 642 0.69 -36.51 4.81
N ILE A 643 1.88 -37.10 4.80
CA ILE A 643 3.02 -36.52 5.50
C ILE A 643 3.65 -35.46 4.62
N ALA A 644 3.93 -34.29 5.17
CA ALA A 644 4.52 -33.20 4.40
C ALA A 644 5.95 -33.53 4.08
N SER A 645 6.32 -33.48 2.79
CA SER A 645 7.70 -33.79 2.30
C SER A 645 8.87 -33.35 3.19
N SER A 646 8.61 -32.43 4.14
CA SER A 646 9.46 -32.22 5.33
C SER A 646 9.85 -33.55 6.00
N GLY A 647 8.84 -34.38 6.25
CA GLY A 647 9.01 -35.64 6.96
C GLY A 647 8.44 -35.54 8.36
N THR A 648 8.06 -34.33 8.76
CA THR A 648 7.80 -34.02 10.16
C THR A 648 6.43 -33.41 10.41
N SER A 649 5.54 -33.45 9.41
CA SER A 649 4.20 -32.88 9.58
C SER A 649 3.14 -33.56 8.74
N TYR A 650 1.95 -32.97 8.75
CA TYR A 650 0.84 -33.45 7.94
C TYR A 650 0.21 -32.33 7.12
N LEU A 651 -0.38 -32.70 5.98
CA LEU A 651 -1.31 -31.83 5.27
C LEU A 651 -2.42 -32.67 4.64
N ASN A 652 -3.56 -32.04 4.38
CA ASN A 652 -4.70 -32.69 3.76
C ASN A 652 -5.16 -31.84 2.58
N ARG A 653 -4.89 -32.30 1.38
CA ARG A 653 -5.14 -31.51 0.18
C ARG A 653 -6.61 -31.26 -0.06
N THR A 654 -7.44 -32.28 0.12
CA THR A 654 -8.89 -32.07 -0.04
C THR A 654 -9.43 -31.03 0.93
N GLU A 655 -9.02 -31.15 2.19
CA GLU A 655 -9.46 -30.23 3.22
C GLU A 655 -9.05 -28.79 2.89
N ALA A 656 -7.80 -28.61 2.49
CA ALA A 656 -7.27 -27.32 2.08
C ALA A 656 -8.10 -26.72 0.94
N ALA A 657 -8.45 -27.57 -0.01
CA ALA A 657 -9.33 -27.17 -1.10
C ALA A 657 -10.63 -26.67 -0.52
N ASN A 658 -11.25 -27.48 0.34
CA ASN A 658 -12.49 -27.05 0.97
C ASN A 658 -12.36 -25.75 1.80
N VAL A 659 -11.18 -25.53 2.39
CA VAL A 659 -10.93 -24.34 3.17
C VAL A 659 -10.90 -23.08 2.27
N GLU A 660 -10.23 -23.17 1.12
CA GLU A 660 -10.16 -22.01 0.24
C GLU A 660 -11.56 -21.68 -0.24
N LYS A 661 -12.33 -22.70 -0.56
CA LYS A 661 -13.69 -22.52 -1.04
C LYS A 661 -14.59 -21.87 0.02
N ILE A 662 -14.38 -22.24 1.28
CA ILE A 662 -15.07 -21.57 2.36
C ILE A 662 -14.56 -20.14 2.50
N THR A 663 -13.23 -19.98 2.50
CA THR A 663 -12.61 -18.65 2.50
C THR A 663 -13.17 -17.75 1.37
N THR A 664 -13.33 -18.32 0.18
CA THR A 664 -13.81 -17.58 -0.96
C THR A 664 -15.26 -17.17 -0.76
N LYS A 665 -16.08 -18.06 -0.22
CA LYS A 665 -17.49 -17.78 0.03
C LYS A 665 -17.67 -16.62 1.02
N LEU A 666 -16.94 -16.69 2.15
CA LEU A 666 -16.95 -15.61 3.15
C LEU A 666 -16.51 -14.28 2.53
N LEU A 667 -15.50 -14.31 1.66
CA LEU A 667 -15.04 -13.10 0.97
C LEU A 667 -16.12 -12.55 0.03
N LYS A 668 -16.69 -13.41 -0.81
CA LYS A 668 -17.80 -13.04 -1.70
C LYS A 668 -19.00 -12.54 -0.90
N ALA A 669 -19.25 -13.15 0.26
CA ALA A 669 -20.38 -12.77 1.11
C ALA A 669 -20.22 -11.38 1.72
N GLY A 670 -19.00 -10.84 1.72
CA GLY A 670 -18.73 -9.50 2.23
C GLY A 670 -17.59 -9.39 3.22
N ALA A 671 -17.14 -10.51 3.82
CA ALA A 671 -16.11 -10.46 4.88
C ALA A 671 -14.77 -9.85 4.46
N LYS A 672 -14.19 -9.04 5.34
CA LYS A 672 -12.88 -8.43 5.12
C LYS A 672 -11.76 -9.46 5.30
N PRO A 673 -10.85 -9.56 4.32
CA PRO A 673 -9.81 -10.58 4.36
C PRO A 673 -9.01 -10.56 5.66
N ASP A 674 -8.52 -9.39 6.06
CA ASP A 674 -7.73 -9.28 7.30
C ASP A 674 -8.54 -9.64 8.57
N GLN A 675 -9.84 -9.85 8.41
CA GLN A 675 -10.69 -10.35 9.49
C GLN A 675 -11.06 -11.84 9.34
N ILE A 676 -10.35 -12.56 8.47
CA ILE A 676 -10.49 -14.01 8.39
C ILE A 676 -9.20 -14.66 8.88
N GLY A 677 -9.33 -15.58 9.84
CA GLY A 677 -8.21 -16.34 10.34
C GLY A 677 -8.40 -17.81 10.01
N ILE A 678 -7.34 -18.49 9.60
CA ILE A 678 -7.41 -19.91 9.42
C ILE A 678 -6.42 -20.52 10.41
N ILE A 679 -6.93 -21.35 11.32
CA ILE A 679 -6.11 -21.98 12.32
C ILE A 679 -5.88 -23.42 11.97
N THR A 680 -4.64 -23.88 12.11
CA THR A 680 -4.33 -25.27 11.78
C THR A 680 -3.15 -25.81 12.63
N PRO A 681 -3.27 -27.03 13.16
CA PRO A 681 -2.21 -27.58 14.00
C PRO A 681 -0.91 -27.91 13.29
N TYR A 682 -0.92 -27.99 11.96
CA TYR A 682 0.23 -28.49 11.24
C TYR A 682 0.85 -27.45 10.31
N GLU A 683 2.18 -27.35 10.33
CA GLU A 683 2.92 -26.47 9.43
C GLU A 683 2.63 -26.87 7.99
N GLY A 684 2.71 -28.18 7.73
CA GLY A 684 2.47 -28.73 6.41
C GLY A 684 1.16 -28.24 5.82
N GLN A 685 0.12 -28.14 6.65
CA GLN A 685 -1.17 -27.65 6.20
C GLN A 685 -1.12 -26.13 6.02
N ARG A 686 -0.60 -25.42 7.01
CA ARG A 686 -0.43 -23.98 6.89
C ARG A 686 0.30 -23.63 5.60
N SER A 687 1.38 -24.35 5.33
CA SER A 687 2.25 -24.09 4.19
C SER A 687 1.56 -24.42 2.87
N TYR A 688 0.93 -25.61 2.81
CA TYR A 688 0.16 -26.01 1.65
C TYR A 688 -1.01 -25.05 1.41
N LEU A 689 -1.58 -24.56 2.49
CA LEU A 689 -2.80 -23.80 2.41
C LEU A 689 -2.52 -22.45 1.77
N VAL A 690 -1.37 -21.84 2.11
CA VAL A 690 -0.98 -20.57 1.50
C VAL A 690 -0.58 -20.77 0.05
N GLN A 691 0.16 -21.83 -0.24
CA GLN A 691 0.55 -22.16 -1.60
C GLN A 691 -0.68 -22.42 -2.47
N TYR A 692 -1.62 -23.20 -1.98
CA TYR A 692 -2.82 -23.57 -2.75
C TYR A 692 -3.60 -22.34 -3.21
N MET A 693 -3.90 -21.45 -2.27
CA MET A 693 -4.68 -20.24 -2.57
C MET A 693 -3.95 -19.29 -3.53
N GLN A 694 -2.62 -19.31 -3.49
CA GLN A 694 -1.80 -18.53 -4.41
C GLN A 694 -1.91 -19.08 -5.83
N PHE A 695 -1.91 -20.40 -5.95
CA PHE A 695 -1.86 -21.08 -7.24
C PHE A 695 -3.21 -21.72 -7.67
N SER A 696 -4.27 -21.61 -6.86
CA SER A 696 -5.53 -22.32 -7.16
C SER A 696 -6.86 -21.70 -6.65
N GLY A 697 -6.79 -20.54 -6.01
CA GLY A 697 -8.02 -19.78 -5.68
C GLY A 697 -8.65 -19.16 -6.92
N SER A 698 -9.94 -18.80 -6.82
CA SER A 698 -10.61 -18.14 -7.93
C SER A 698 -10.45 -16.63 -7.80
N LEU A 699 -10.36 -16.13 -6.57
CA LEU A 699 -10.25 -14.71 -6.33
C LEU A 699 -8.83 -14.21 -6.55
N HIS A 700 -8.72 -12.89 -6.74
CA HIS A 700 -7.43 -12.24 -6.92
C HIS A 700 -6.42 -12.72 -5.88
N THR A 701 -5.16 -12.85 -6.30
CA THR A 701 -4.10 -13.38 -5.43
C THR A 701 -3.81 -12.55 -4.16
N LYS A 702 -3.99 -11.23 -4.23
CA LYS A 702 -3.73 -10.37 -3.08
C LYS A 702 -4.72 -10.64 -1.96
N LEU A 703 -6.00 -10.70 -2.30
CA LEU A 703 -7.08 -10.93 -1.33
C LEU A 703 -6.81 -12.10 -0.35
N TYR A 704 -6.40 -13.25 -0.88
CA TYR A 704 -6.08 -14.40 -0.03
C TYR A 704 -4.84 -14.15 0.82
N GLN A 705 -3.91 -13.39 0.27
CA GLN A 705 -2.62 -13.15 0.89
C GLN A 705 -2.74 -12.43 2.24
N GLU A 706 -3.83 -11.67 2.43
CA GLU A 706 -4.07 -10.98 3.69
C GLU A 706 -4.82 -11.80 4.71
N VAL A 707 -5.21 -13.02 4.34
CA VAL A 707 -5.87 -13.94 5.27
C VAL A 707 -4.80 -14.62 6.10
N GLU A 708 -4.86 -14.43 7.41
CA GLU A 708 -3.86 -14.97 8.29
C GLU A 708 -4.07 -16.44 8.50
N ILE A 709 -3.02 -17.23 8.29
CA ILE A 709 -3.07 -18.68 8.48
C ILE A 709 -1.99 -19.10 9.47
N ALA A 710 -2.37 -19.73 10.58
CA ALA A 710 -1.39 -20.13 11.58
C ALA A 710 -1.89 -21.19 12.54
N SER A 711 -1.03 -21.54 13.50
CA SER A 711 -1.41 -22.37 14.63
C SER A 711 -2.25 -21.53 15.60
N VAL A 712 -2.90 -22.17 16.59
CA VAL A 712 -3.57 -21.40 17.66
C VAL A 712 -2.56 -20.60 18.45
N ASP A 713 -1.34 -21.09 18.56
CA ASP A 713 -0.34 -20.34 19.28
C ASP A 713 -0.24 -18.92 18.74
N ALA A 714 -0.27 -18.76 17.43
CA ALA A 714 -0.17 -17.43 16.83
C ALA A 714 -1.41 -16.55 17.10
N PHE A 715 -2.52 -17.15 17.48
CA PHE A 715 -3.76 -16.38 17.70
C PHE A 715 -4.10 -16.10 19.15
N GLN A 716 -3.23 -16.50 20.07
CA GLN A 716 -3.44 -16.23 21.48
C GLN A 716 -3.67 -14.74 21.67
N GLY A 717 -4.73 -14.41 22.37
CA GLY A 717 -4.97 -13.03 22.76
C GLY A 717 -5.29 -12.15 21.60
N ARG A 718 -5.71 -12.75 20.50
CA ARG A 718 -6.05 -12.04 19.28
C ARG A 718 -7.37 -12.50 18.77
N GLU A 719 -7.97 -11.71 17.90
CA GLU A 719 -9.32 -12.01 17.40
C GLU A 719 -9.50 -11.60 15.95
N LYS A 720 -10.50 -12.24 15.36
CA LYS A 720 -10.88 -12.03 13.99
C LYS A 720 -12.39 -12.07 13.95
N ASP A 721 -12.96 -11.60 12.84
CA ASP A 721 -14.43 -11.71 12.64
C ASP A 721 -14.83 -13.14 12.38
N PHE A 722 -14.03 -13.84 11.58
CA PHE A 722 -14.33 -15.23 11.22
C PHE A 722 -13.10 -16.14 11.31
N ILE A 723 -13.29 -17.33 11.89
CA ILE A 723 -12.24 -18.33 12.03
C ILE A 723 -12.60 -19.61 11.29
N ILE A 724 -11.67 -20.11 10.48
CA ILE A 724 -11.78 -21.44 9.91
C ILE A 724 -10.73 -22.34 10.58
N LEU A 725 -11.17 -23.48 11.09
CA LEU A 725 -10.27 -24.51 11.61
C LEU A 725 -10.07 -25.59 10.59
N SER A 726 -8.82 -25.96 10.36
CA SER A 726 -8.48 -27.08 9.52
C SER A 726 -7.80 -28.12 10.40
N CYS A 727 -8.48 -29.23 10.63
CA CYS A 727 -8.01 -30.27 11.55
C CYS A 727 -7.04 -31.26 10.90
N VAL A 728 -7.08 -31.37 9.58
CA VAL A 728 -6.07 -32.12 8.81
C VAL A 728 -6.13 -33.65 8.95
N ARG A 729 -6.24 -34.16 10.16
CA ARG A 729 -6.15 -35.62 10.36
C ARG A 729 -7.42 -36.39 10.00
N ALA A 730 -7.26 -37.42 9.19
CA ALA A 730 -8.37 -38.26 8.67
C ALA A 730 -8.27 -39.73 9.12
N ASN A 731 -7.12 -40.11 9.68
CA ASN A 731 -6.94 -41.44 10.25
C ASN A 731 -6.97 -41.35 11.76
N GLU A 732 -7.08 -42.52 12.41
CA GLU A 732 -6.87 -42.58 13.85
C GLU A 732 -5.47 -42.04 14.14
N HIS A 733 -5.35 -41.28 15.21
CA HIS A 733 -4.17 -40.47 15.46
C HIS A 733 -4.18 -39.99 16.90
N GLN A 734 -3.01 -39.91 17.52
CA GLN A 734 -2.89 -39.23 18.81
C GLN A 734 -3.09 -37.72 18.56
N GLY A 735 -2.41 -37.21 17.53
CA GLY A 735 -2.50 -35.82 17.13
C GLY A 735 -1.60 -34.92 17.95
N ILE A 736 -1.25 -33.77 17.37
CA ILE A 736 -0.63 -32.66 18.11
C ILE A 736 -1.63 -31.51 18.15
N GLY A 737 -1.25 -30.40 18.77
CA GLY A 737 -2.08 -29.20 18.72
C GLY A 737 -3.49 -29.35 19.26
N PHE A 738 -4.43 -28.59 18.70
CA PHE A 738 -5.82 -28.60 19.16
C PHE A 738 -6.58 -29.89 18.91
N LEU A 739 -5.92 -30.88 18.31
CA LEU A 739 -6.55 -32.17 18.13
C LEU A 739 -6.59 -32.95 19.46
N ASN A 740 -5.59 -32.75 20.30
CA ASN A 740 -5.48 -33.51 21.55
C ASN A 740 -5.30 -32.66 22.81
N ASP A 741 -5.27 -31.35 22.68
CA ASP A 741 -5.09 -30.43 23.82
C ASP A 741 -6.37 -29.65 24.02
N PRO A 742 -7.05 -29.85 25.15
CA PRO A 742 -8.28 -29.11 25.40
C PRO A 742 -8.10 -27.60 25.44
N ARG A 743 -7.00 -27.15 26.02
CA ARG A 743 -6.70 -25.74 26.14
C ARG A 743 -6.51 -25.07 24.77
N ARG A 744 -5.82 -25.77 23.86
CA ARG A 744 -5.69 -25.29 22.49
C ARG A 744 -7.03 -25.31 21.77
N LEU A 745 -7.87 -26.29 22.01
CA LEU A 745 -9.19 -26.26 21.39
C LEU A 745 -9.97 -25.07 21.91
N ASN A 746 -9.86 -24.79 23.20
CA ASN A 746 -10.58 -23.66 23.79
C ASN A 746 -10.20 -22.34 23.11
N VAL A 747 -8.90 -22.10 22.95
CA VAL A 747 -8.44 -20.90 22.27
C VAL A 747 -8.94 -20.88 20.80
N ALA A 748 -8.74 -22.01 20.11
CA ALA A 748 -9.23 -22.19 18.73
C ALA A 748 -10.70 -21.80 18.55
N LEU A 749 -11.54 -22.11 19.53
CA LEU A 749 -12.96 -21.83 19.37
C LEU A 749 -13.37 -20.48 19.91
N THR A 750 -12.44 -19.63 20.31
CA THR A 750 -12.82 -18.36 20.98
C THR A 750 -12.01 -17.16 20.48
N ARG A 751 -11.63 -17.19 19.21
CA ARG A 751 -11.00 -16.07 18.51
C ARG A 751 -11.99 -15.28 17.65
N ALA A 752 -13.06 -15.90 17.20
CA ALA A 752 -13.99 -15.28 16.24
C ALA A 752 -15.02 -14.43 16.94
N ARG A 753 -15.35 -13.31 16.34
CA ARG A 753 -16.47 -12.49 16.82
C ARG A 753 -17.77 -12.98 16.22
N TYR A 754 -17.78 -13.12 14.90
CA TYR A 754 -19.01 -13.23 14.12
C TYR A 754 -19.33 -14.61 13.60
N GLY A 755 -18.34 -15.47 13.44
CA GLY A 755 -18.60 -16.83 13.02
C GLY A 755 -17.37 -17.71 12.97
N VAL A 756 -17.57 -19.01 13.08
CA VAL A 756 -16.48 -19.97 13.00
C VAL A 756 -16.92 -21.22 12.25
N ILE A 757 -16.02 -21.74 11.42
CA ILE A 757 -16.29 -22.93 10.61
C ILE A 757 -15.17 -23.93 10.84
N ILE A 758 -15.51 -25.14 11.24
CA ILE A 758 -14.51 -26.18 11.45
C ILE A 758 -14.61 -27.12 10.26
N VAL A 759 -13.47 -27.49 9.69
CA VAL A 759 -13.41 -28.42 8.58
C VAL A 759 -12.56 -29.61 9.05
N GLY A 760 -13.13 -30.81 8.98
CA GLY A 760 -12.39 -32.01 9.43
C GLY A 760 -13.16 -33.30 9.29
N ASN A 761 -12.56 -34.38 9.76
CA ASN A 761 -13.18 -35.70 9.62
C ASN A 761 -13.77 -36.08 10.96
N PRO A 762 -15.10 -36.22 11.03
CA PRO A 762 -15.66 -36.57 12.32
C PRO A 762 -15.15 -37.91 12.82
N LYS A 763 -15.13 -38.91 11.94
CA LYS A 763 -14.71 -40.25 12.36
C LYS A 763 -13.32 -40.22 13.00
N ALA A 764 -12.42 -39.43 12.44
CA ALA A 764 -11.06 -39.33 12.95
C ALA A 764 -11.05 -38.60 14.29
N LEU A 765 -11.75 -37.47 14.32
CA LEU A 765 -11.74 -36.58 15.48
C LEU A 765 -12.48 -37.18 16.68
N SER A 766 -13.54 -37.94 16.43
CA SER A 766 -14.42 -38.41 17.49
C SER A 766 -13.73 -39.31 18.51
N LYS A 767 -12.59 -39.88 18.15
CA LYS A 767 -11.83 -40.74 19.08
C LYS A 767 -11.49 -39.96 20.34
N GLN A 768 -11.19 -38.67 20.16
CA GLN A 768 -10.96 -37.77 21.27
C GLN A 768 -12.30 -37.35 21.90
N PRO A 769 -12.51 -37.65 23.20
CA PRO A 769 -13.83 -37.38 23.82
C PRO A 769 -14.24 -35.91 23.81
N LEU A 770 -13.28 -35.01 23.80
CA LEU A 770 -13.60 -33.59 23.72
C LEU A 770 -14.25 -33.27 22.37
N TRP A 771 -13.65 -33.75 21.30
CA TRP A 771 -14.22 -33.57 19.97
C TRP A 771 -15.55 -34.28 19.83
N ASN A 772 -15.69 -35.43 20.48
CA ASN A 772 -16.93 -36.17 20.46
C ASN A 772 -18.08 -35.29 20.96
N HIS A 773 -17.86 -34.64 22.10
CA HIS A 773 -18.83 -33.69 22.63
C HIS A 773 -19.14 -32.62 21.61
N LEU A 774 -18.07 -32.03 21.06
CA LEU A 774 -18.18 -30.94 20.10
C LEU A 774 -19.05 -31.33 18.95
N LEU A 775 -18.78 -32.51 18.38
CA LEU A 775 -19.52 -33.03 17.24
C LEU A 775 -20.95 -33.33 17.67
N ASN A 776 -21.13 -33.99 18.80
CA ASN A 776 -22.47 -34.22 19.32
C ASN A 776 -23.24 -32.92 19.54
N TYR A 777 -22.54 -31.87 19.95
CA TYR A 777 -23.20 -30.58 20.17
C TYR A 777 -23.57 -29.96 18.83
N TYR A 778 -22.61 -29.87 17.93
CA TYR A 778 -22.87 -29.30 16.61
C TYR A 778 -23.95 -30.06 15.88
N LYS A 779 -24.02 -31.38 16.08
CA LYS A 779 -25.07 -32.19 15.48
C LYS A 779 -26.40 -31.84 16.10
N GLU A 780 -26.45 -31.80 17.43
CA GLU A 780 -27.68 -31.45 18.14
C GLU A 780 -28.20 -30.07 17.74
N GLN A 781 -27.28 -29.14 17.46
CA GLN A 781 -27.62 -27.81 16.93
C GLN A 781 -27.88 -27.82 15.42
N LYS A 782 -27.80 -29.01 14.82
CA LYS A 782 -28.12 -29.23 13.41
C LYS A 782 -27.15 -28.49 12.49
N VAL A 783 -25.93 -28.34 12.96
CA VAL A 783 -24.95 -27.53 12.26
C VAL A 783 -23.67 -28.34 11.91
N LEU A 784 -23.78 -29.67 11.94
CA LEU A 784 -22.78 -30.57 11.33
C LEU A 784 -23.26 -30.86 9.91
N VAL A 785 -22.52 -30.40 8.91
CA VAL A 785 -23.05 -30.40 7.54
C VAL A 785 -22.12 -31.06 6.52
N GLU A 786 -22.67 -31.24 5.31
CA GLU A 786 -22.03 -32.00 4.23
C GLU A 786 -22.38 -31.43 2.86
N GLY A 787 -21.79 -32.00 1.81
CA GLY A 787 -22.13 -31.66 0.44
C GLY A 787 -21.56 -30.31 0.04
N PRO A 788 -21.92 -29.84 -1.16
CA PRO A 788 -21.38 -28.56 -1.63
C PRO A 788 -21.92 -27.39 -0.82
N LEU A 789 -21.08 -26.38 -0.66
CA LEU A 789 -21.46 -25.18 0.08
C LEU A 789 -22.80 -24.58 -0.39
N ASN A 790 -23.07 -24.60 -1.68
CA ASN A 790 -24.34 -24.06 -2.21
C ASN A 790 -25.58 -24.79 -1.69
N ASN A 791 -25.44 -26.09 -1.42
CA ASN A 791 -26.56 -26.95 -1.09
C ASN A 791 -26.24 -27.76 0.16
N LEU A 792 -25.70 -27.07 1.17
CA LEU A 792 -25.23 -27.72 2.41
C LEU A 792 -26.35 -28.41 3.17
N ARG A 793 -26.14 -29.68 3.51
CA ARG A 793 -27.13 -30.50 4.23
C ARG A 793 -26.54 -31.05 5.54
N GLU A 794 -27.39 -31.65 6.37
CA GLU A 794 -26.95 -32.27 7.64
C GLU A 794 -26.21 -33.58 7.39
N SER A 795 -25.38 -33.98 8.35
CA SER A 795 -24.60 -35.21 8.23
C SER A 795 -25.17 -36.28 9.14
N LEU A 796 -25.60 -37.40 8.54
CA LEU A 796 -26.35 -38.44 9.26
C LEU A 796 -25.47 -39.51 9.95
N MET A 797 -24.20 -39.19 10.22
CA MET A 797 -23.32 -40.00 11.07
C MET A 797 -23.95 -40.34 12.43
N LYS B 2 -23.96 14.23 -44.59
CA LYS B 2 -24.81 14.74 -45.71
C LYS B 2 -24.07 14.63 -47.04
N ASP B 3 -24.81 14.30 -48.09
CA ASP B 3 -24.23 14.16 -49.43
C ASP B 3 -24.32 15.49 -50.14
N LEU B 4 -23.79 15.49 -51.37
CA LEU B 4 -24.09 16.52 -52.36
C LEU B 4 -25.52 16.24 -52.85
N PRO B 5 -26.28 17.30 -53.13
CA PRO B 5 -27.64 17.16 -53.69
C PRO B 5 -27.69 16.61 -55.12
N ILE B 6 -28.90 16.24 -55.54
CA ILE B 6 -29.16 15.73 -56.89
C ILE B 6 -28.70 16.71 -57.96
N HIS B 7 -28.86 18.00 -57.70
CA HIS B 7 -28.59 19.02 -58.71
C HIS B 7 -27.15 19.52 -58.69
N ALA B 8 -26.24 18.79 -58.06
CA ALA B 8 -24.85 19.23 -57.98
C ALA B 8 -24.20 19.11 -59.37
N CYS B 9 -23.36 20.08 -59.72
CA CYS B 9 -22.65 20.07 -60.99
C CYS B 9 -21.90 18.78 -61.09
N SER B 10 -22.14 18.02 -62.14
CA SER B 10 -21.55 16.69 -62.25
C SER B 10 -20.03 16.69 -62.38
N TYR B 11 -19.44 17.83 -62.76
CA TYR B 11 -17.98 17.99 -62.79
C TYR B 11 -17.39 18.43 -61.43
N CYS B 12 -17.88 19.57 -60.91
CA CYS B 12 -17.27 20.26 -59.77
C CYS B 12 -18.08 20.31 -58.50
N GLY B 13 -19.34 19.91 -58.57
CA GLY B 13 -20.17 19.80 -57.39
C GLY B 13 -20.86 21.05 -56.89
N ILE B 14 -20.64 22.22 -57.49
CA ILE B 14 -21.40 23.43 -57.14
C ILE B 14 -22.87 23.15 -57.30
N HIS B 15 -23.68 23.57 -56.32
CA HIS B 15 -25.09 23.24 -56.30
C HIS B 15 -26.04 24.40 -56.01
N ASP B 16 -25.61 25.64 -56.22
CA ASP B 16 -26.52 26.78 -56.15
C ASP B 16 -27.58 26.66 -57.25
N PRO B 17 -28.85 26.49 -56.88
CA PRO B 17 -29.97 26.39 -57.84
C PRO B 17 -29.94 27.40 -58.96
N ALA B 18 -29.52 28.63 -58.64
CA ALA B 18 -29.43 29.69 -59.62
C ALA B 18 -28.35 29.46 -60.70
N CYS B 19 -27.45 28.50 -60.49
CA CYS B 19 -26.27 28.35 -61.35
C CYS B 19 -26.20 27.08 -62.16
N VAL B 20 -27.18 26.19 -61.98
CA VAL B 20 -27.10 24.85 -62.53
C VAL B 20 -28.14 24.64 -63.60
N VAL B 21 -27.76 23.81 -64.58
CA VAL B 21 -28.52 23.63 -65.80
C VAL B 21 -28.62 22.14 -66.04
N TYR B 22 -29.84 21.64 -66.23
CA TYR B 22 -30.05 20.22 -66.43
C TYR B 22 -29.98 19.90 -67.91
N CYS B 23 -29.05 19.03 -68.29
CA CYS B 23 -28.97 18.53 -69.66
C CYS B 23 -30.02 17.45 -69.83
N ASN B 24 -30.91 17.62 -70.80
CA ASN B 24 -32.10 16.75 -70.90
C ASN B 24 -31.78 15.36 -71.42
N THR B 25 -30.84 15.26 -72.36
CA THR B 25 -30.41 13.95 -72.84
C THR B 25 -29.63 13.18 -71.78
N SER B 26 -28.57 13.80 -71.25
CA SER B 26 -27.63 13.14 -70.33
C SER B 26 -28.16 12.85 -68.92
N LYS B 27 -29.25 13.53 -68.54
CA LYS B 27 -29.88 13.41 -67.22
C LYS B 27 -28.90 13.70 -66.09
N LYS B 28 -28.19 14.82 -66.23
CA LYS B 28 -27.19 15.26 -65.27
C LYS B 28 -27.19 16.77 -65.24
N TRP B 29 -26.66 17.33 -64.16
CA TRP B 29 -26.57 18.78 -63.99
C TRP B 29 -25.13 19.29 -64.07
N PHE B 30 -25.00 20.54 -64.55
CA PHE B 30 -23.71 21.19 -64.72
C PHE B 30 -23.84 22.64 -64.41
N CYS B 31 -22.87 23.20 -63.69
CA CYS B 31 -22.91 24.61 -63.32
C CYS B 31 -22.49 25.50 -64.49
N ASN B 32 -22.64 26.79 -64.30
CA ASN B 32 -22.31 27.74 -65.33
C ASN B 32 -21.09 28.56 -64.91
N GLY B 33 -20.17 27.87 -64.23
CA GLY B 33 -18.85 28.41 -63.89
C GLY B 33 -17.78 27.76 -64.74
N ARG B 34 -16.73 28.51 -65.06
CA ARG B 34 -15.66 27.98 -65.89
C ARG B 34 -14.79 27.07 -65.09
N GLY B 35 -14.61 27.40 -63.82
CA GLY B 35 -13.68 26.69 -62.99
C GLY B 35 -12.29 26.89 -63.54
N ASN B 36 -11.62 25.77 -63.78
CA ASN B 36 -10.29 25.79 -64.37
C ASN B 36 -10.30 25.65 -65.87
N THR B 37 -11.48 25.66 -66.49
CA THR B 37 -11.60 25.49 -67.94
C THR B 37 -11.85 26.82 -68.65
N SER B 38 -11.89 26.77 -69.97
CA SER B 38 -12.01 27.98 -70.77
C SER B 38 -13.46 28.32 -71.10
N GLY B 39 -14.40 27.60 -70.48
CA GLY B 39 -15.81 27.83 -70.75
C GLY B 39 -16.62 27.22 -69.62
N SER B 40 -17.87 27.63 -69.49
CA SER B 40 -18.68 27.18 -68.35
C SER B 40 -18.82 25.66 -68.41
N HIS B 41 -19.18 25.08 -67.28
CA HIS B 41 -19.28 23.63 -67.22
C HIS B 41 -20.44 23.04 -68.08
N ILE B 42 -21.62 23.66 -68.16
CA ILE B 42 -22.65 23.12 -69.08
C ILE B 42 -22.15 23.21 -70.52
N VAL B 43 -21.58 24.34 -70.90
CA VAL B 43 -21.18 24.51 -72.27
C VAL B 43 -20.08 23.48 -72.61
N ASN B 44 -19.15 23.28 -71.68
CA ASN B 44 -18.17 22.20 -71.81
C ASN B 44 -18.87 20.88 -72.16
N HIS B 45 -19.93 20.58 -71.41
CA HIS B 45 -20.66 19.34 -71.55
C HIS B 45 -21.44 19.26 -72.87
N LEU B 46 -22.20 20.30 -73.18
CA LEU B 46 -22.98 20.37 -74.42
C LEU B 46 -22.12 20.21 -75.68
N VAL B 47 -20.93 20.80 -75.68
CA VAL B 47 -20.03 20.64 -76.83
C VAL B 47 -19.55 19.19 -76.96
N ARG B 48 -19.10 18.61 -75.85
CA ARG B 48 -18.52 17.27 -75.88
C ARG B 48 -19.57 16.17 -76.02
N ALA B 49 -20.60 16.25 -75.19
CA ALA B 49 -21.69 15.27 -75.21
C ALA B 49 -22.62 15.52 -76.38
N LYS B 50 -22.48 16.67 -77.03
CA LYS B 50 -23.28 17.02 -78.20
C LYS B 50 -24.76 16.94 -77.88
N CYS B 51 -25.13 17.63 -76.79
CA CYS B 51 -26.52 17.90 -76.44
C CYS B 51 -26.85 19.35 -76.75
N LYS B 52 -28.14 19.62 -76.90
CA LYS B 52 -28.61 20.97 -77.21
C LYS B 52 -29.77 21.41 -76.31
N GLU B 53 -30.29 20.50 -75.48
CA GLU B 53 -31.57 20.71 -74.80
C GLU B 53 -31.44 20.71 -73.26
N VAL B 54 -31.75 21.86 -72.65
CA VAL B 54 -31.51 22.07 -71.24
C VAL B 54 -32.75 22.60 -70.51
N THR B 55 -32.74 22.40 -69.20
CA THR B 55 -33.81 22.90 -68.31
C THR B 55 -33.15 23.58 -67.12
N LEU B 56 -33.75 24.67 -66.64
CA LEU B 56 -33.29 25.35 -65.43
C LEU B 56 -33.93 24.73 -64.19
N HIS B 57 -33.51 25.18 -63.01
CA HIS B 57 -33.86 24.53 -61.75
C HIS B 57 -35.01 25.23 -61.01
N LYS B 58 -35.93 24.41 -60.48
CA LYS B 58 -37.15 24.85 -59.78
C LYS B 58 -36.92 26.01 -58.79
N ASP B 59 -35.97 25.82 -57.90
CA ASP B 59 -35.63 26.80 -56.86
C ASP B 59 -34.76 27.93 -57.36
N GLY B 60 -34.47 27.94 -58.66
CA GLY B 60 -33.80 29.06 -59.30
C GLY B 60 -34.77 30.19 -59.55
N PRO B 61 -34.35 31.20 -60.34
CA PRO B 61 -35.16 32.39 -60.56
C PRO B 61 -36.29 32.19 -61.56
N LEU B 62 -35.95 31.64 -62.73
CA LEU B 62 -36.95 31.42 -63.79
C LEU B 62 -37.93 30.26 -63.50
N GLY B 63 -37.74 29.57 -62.36
CA GLY B 63 -38.47 28.34 -62.07
C GLY B 63 -38.01 27.23 -62.98
N GLU B 64 -38.65 26.08 -62.92
CA GLU B 64 -38.30 24.96 -63.80
C GLU B 64 -38.80 25.21 -65.23
N THR B 65 -37.98 25.87 -66.05
CA THR B 65 -38.32 26.12 -67.45
C THR B 65 -37.28 25.47 -68.38
N VAL B 66 -37.77 24.65 -69.30
CA VAL B 66 -36.99 24.22 -70.45
C VAL B 66 -36.76 25.47 -71.29
N LEU B 67 -35.53 25.68 -71.71
CA LEU B 67 -35.20 26.83 -72.55
C LEU B 67 -35.61 26.52 -73.98
N GLU B 68 -36.48 27.36 -74.54
CA GLU B 68 -37.03 27.15 -75.87
C GLU B 68 -37.52 28.43 -76.55
N CYS B 69 -37.47 28.43 -77.88
CA CYS B 69 -37.94 29.55 -78.71
C CYS B 69 -39.42 29.79 -78.46
N TYR B 70 -39.72 30.96 -77.92
CA TYR B 70 -41.10 31.42 -77.71
C TYR B 70 -42.01 31.12 -78.91
N ASN B 71 -41.49 31.36 -80.10
CA ASN B 71 -42.27 31.34 -81.33
C ASN B 71 -42.51 29.92 -81.87
N CYS B 72 -41.47 29.10 -81.98
CA CYS B 72 -41.61 27.78 -82.61
C CYS B 72 -41.26 26.59 -81.71
N GLY B 73 -40.93 26.85 -80.44
CA GLY B 73 -40.73 25.77 -79.45
C GLY B 73 -39.37 25.08 -79.46
N CYS B 74 -38.54 25.44 -80.42
CA CYS B 74 -37.24 24.83 -80.64
C CYS B 74 -36.35 24.96 -79.43
N ARG B 75 -35.74 23.85 -79.00
CA ARG B 75 -35.00 23.82 -77.73
C ARG B 75 -33.49 23.84 -77.90
N ASN B 76 -33.02 24.10 -79.12
CA ASN B 76 -31.60 24.04 -79.43
C ASN B 76 -30.87 25.29 -78.94
N VAL B 77 -30.25 25.21 -77.77
CA VAL B 77 -29.57 26.38 -77.17
C VAL B 77 -28.58 27.07 -78.09
N PHE B 78 -27.98 26.32 -79.00
CA PHE B 78 -27.03 26.90 -79.95
C PHE B 78 -27.70 27.78 -81.01
N LEU B 79 -29.02 27.67 -81.18
CA LEU B 79 -29.76 28.57 -82.05
C LEU B 79 -30.47 29.70 -81.32
N LEU B 80 -30.53 29.60 -79.99
CA LEU B 80 -31.36 30.51 -79.21
C LEU B 80 -30.64 31.80 -78.80
N GLY B 81 -31.44 32.85 -78.68
CA GLY B 81 -30.97 34.11 -78.18
C GLY B 81 -32.13 35.00 -77.85
N PHE B 82 -31.86 36.09 -77.15
CA PHE B 82 -32.86 37.07 -76.80
C PHE B 82 -32.92 38.20 -77.80
N ILE B 83 -34.12 38.71 -78.01
CA ILE B 83 -34.29 39.99 -78.66
C ILE B 83 -35.17 40.85 -77.74
N PRO B 84 -34.91 42.16 -77.68
CA PRO B 84 -35.71 43.04 -76.84
C PRO B 84 -36.78 43.74 -77.63
N ALA B 85 -37.80 44.20 -76.92
CA ALA B 85 -38.89 44.94 -77.53
C ALA B 85 -38.41 46.30 -78.00
N LYS B 86 -39.08 46.85 -79.00
CA LYS B 86 -38.88 48.24 -79.41
C LYS B 86 -39.48 49.16 -78.33
N ALA B 87 -38.61 49.83 -77.56
CA ALA B 87 -39.03 50.88 -76.60
C ALA B 87 -39.39 50.41 -75.16
N ASP B 88 -39.78 49.15 -74.98
CA ASP B 88 -40.15 48.62 -73.67
C ASP B 88 -39.07 47.66 -73.19
N SER B 89 -38.99 47.47 -71.87
CA SER B 89 -37.91 46.67 -71.29
C SER B 89 -38.33 45.20 -71.15
N VAL B 90 -38.55 44.55 -72.28
CA VAL B 90 -38.93 43.15 -72.30
C VAL B 90 -38.00 42.36 -73.22
N VAL B 91 -37.93 41.07 -72.97
CA VAL B 91 -37.00 40.21 -73.64
C VAL B 91 -37.70 38.88 -73.95
N VAL B 92 -37.57 38.45 -75.20
CA VAL B 92 -38.13 37.18 -75.66
C VAL B 92 -37.01 36.28 -76.19
N LEU B 93 -37.20 34.98 -76.03
CA LEU B 93 -36.24 34.00 -76.50
C LEU B 93 -36.70 33.49 -77.87
N LEU B 94 -35.84 33.59 -78.87
CA LEU B 94 -36.17 33.21 -80.26
C LEU B 94 -34.99 32.53 -80.92
N CYS B 95 -35.27 31.66 -81.90
CA CYS B 95 -34.19 31.06 -82.69
C CYS B 95 -33.66 32.16 -83.55
N ARG B 96 -32.38 32.08 -83.93
CA ARG B 96 -31.78 33.08 -84.82
C ARG B 96 -32.49 33.14 -86.19
N GLN B 97 -32.80 31.97 -86.72
CA GLN B 97 -33.55 31.83 -87.95
C GLN B 97 -34.57 30.72 -87.77
N PRO B 98 -35.79 30.89 -88.31
CA PRO B 98 -36.37 32.05 -89.01
C PRO B 98 -36.93 33.14 -88.09
N CYS B 99 -37.18 32.79 -86.84
CA CYS B 99 -37.96 33.64 -85.96
C CYS B 99 -37.30 35.01 -85.73
N ALA B 100 -36.01 35.02 -85.37
CA ALA B 100 -35.26 36.28 -85.22
C ALA B 100 -35.14 37.07 -86.52
N SER B 101 -34.83 36.37 -87.62
CA SER B 101 -34.66 36.96 -88.98
C SER B 101 -35.49 38.21 -89.30
N GLN B 102 -34.95 39.07 -90.17
CA GLN B 102 -35.58 40.36 -90.52
C GLN B 102 -36.91 40.22 -91.24
N SER B 103 -37.10 39.12 -91.97
CA SER B 103 -38.36 38.91 -92.71
C SER B 103 -39.54 38.60 -91.77
N SER B 104 -39.24 38.28 -90.51
CA SER B 104 -40.22 38.31 -89.44
C SER B 104 -39.86 39.39 -88.40
N LEU B 105 -40.22 40.64 -88.71
CA LEU B 105 -40.00 41.80 -87.80
C LEU B 105 -41.21 42.73 -87.83
N LYS B 106 -42.01 42.68 -86.75
CA LYS B 106 -43.18 43.54 -86.56
C LYS B 106 -43.62 43.56 -85.08
N TRP B 110 -40.36 44.85 -81.95
CA TRP B 110 -39.19 44.13 -81.45
C TRP B 110 -37.94 44.45 -82.29
N ASP B 111 -36.82 44.62 -81.61
CA ASP B 111 -35.56 45.02 -82.25
C ASP B 111 -34.65 43.80 -82.52
N SER B 112 -34.87 43.16 -83.67
CA SER B 112 -34.13 41.96 -84.13
C SER B 112 -32.62 42.19 -84.32
N SER B 113 -32.25 43.43 -84.60
CA SER B 113 -30.86 43.79 -84.75
C SER B 113 -30.07 43.59 -83.46
N GLN B 114 -30.74 43.53 -82.30
CA GLN B 114 -30.06 43.35 -81.01
C GLN B 114 -30.22 41.94 -80.47
N TRP B 115 -29.85 40.95 -81.26
CA TRP B 115 -29.89 39.56 -80.83
C TRP B 115 -28.75 39.24 -79.86
N GLN B 116 -29.08 38.69 -78.71
CA GLN B 116 -28.10 38.25 -77.71
C GLN B 116 -28.15 36.73 -77.64
N PRO B 117 -27.14 36.01 -78.17
CA PRO B 117 -27.21 34.56 -78.09
C PRO B 117 -27.20 34.05 -76.66
N LEU B 118 -27.78 32.88 -76.46
CA LEU B 118 -27.88 32.24 -75.15
C LEU B 118 -26.48 31.88 -74.60
N ILE B 119 -25.57 31.56 -75.52
CA ILE B 119 -24.22 31.19 -75.19
C ILE B 119 -23.32 32.36 -75.55
N GLN B 120 -22.91 33.11 -74.53
CA GLN B 120 -22.13 34.32 -74.70
C GLN B 120 -20.83 34.08 -73.99
N ASP B 121 -19.71 34.35 -74.69
CA ASP B 121 -18.35 34.11 -74.15
C ASP B 121 -18.24 32.75 -73.43
N ARG B 122 -18.63 31.70 -74.15
CA ARG B 122 -18.49 30.30 -73.73
C ARG B 122 -19.20 29.90 -72.45
N CYS B 123 -20.14 30.74 -72.03
CA CYS B 123 -21.06 30.44 -70.92
C CYS B 123 -22.50 30.67 -71.35
N PHE B 124 -23.44 30.19 -70.57
CA PHE B 124 -24.78 30.68 -70.68
C PHE B 124 -24.82 32.11 -70.14
N LEU B 125 -25.54 32.97 -70.83
CA LEU B 125 -25.83 34.31 -70.35
C LEU B 125 -26.00 34.36 -68.85
N SER B 126 -25.15 35.13 -68.20
CA SER B 126 -25.16 35.24 -66.74
C SER B 126 -26.50 35.67 -66.17
N TRP B 127 -27.28 36.43 -66.93
CA TRP B 127 -28.57 36.90 -66.42
C TRP B 127 -29.68 35.87 -66.48
N LEU B 128 -29.43 34.78 -67.18
CA LEU B 128 -30.35 33.66 -67.18
C LEU B 128 -29.88 32.67 -66.16
N VAL B 129 -28.60 32.41 -66.15
CA VAL B 129 -28.01 31.47 -65.24
C VAL B 129 -26.81 32.09 -64.56
N LYS B 130 -26.93 32.28 -63.25
CA LYS B 130 -25.90 32.90 -62.42
C LYS B 130 -24.59 32.18 -62.60
N ILE B 131 -23.51 32.95 -62.64
CA ILE B 131 -22.16 32.41 -62.64
C ILE B 131 -21.68 32.31 -61.18
N PRO B 132 -21.31 31.11 -60.72
CA PRO B 132 -20.82 30.96 -59.34
C PRO B 132 -19.69 31.93 -59.05
N SER B 133 -19.74 32.59 -57.89
CA SER B 133 -18.69 33.54 -57.49
C SER B 133 -17.36 32.85 -57.46
N GLU B 134 -16.28 33.62 -57.48
CA GLU B 134 -14.96 33.01 -57.52
C GLU B 134 -14.70 32.19 -56.23
N GLN B 135 -15.09 32.70 -55.06
CA GLN B 135 -14.90 31.93 -53.83
C GLN B 135 -15.64 30.60 -53.90
N GLU B 136 -16.82 30.57 -54.49
CA GLU B 136 -17.53 29.30 -54.66
C GLU B 136 -16.74 28.33 -55.52
N GLN B 137 -16.18 28.81 -56.64
CA GLN B 137 -15.45 27.96 -57.58
C GLN B 137 -14.12 27.47 -57.04
N LEU B 138 -13.40 28.34 -56.34
CA LEU B 138 -12.18 27.93 -55.64
C LEU B 138 -12.47 26.88 -54.57
N ARG B 139 -13.71 26.79 -54.12
CA ARG B 139 -14.09 25.79 -53.13
C ARG B 139 -14.51 24.49 -53.77
N ALA B 140 -14.97 24.53 -55.02
CA ALA B 140 -15.48 23.36 -55.70
C ALA B 140 -14.36 22.42 -56.04
N ARG B 141 -14.69 21.30 -56.69
CA ARG B 141 -13.69 20.39 -57.18
C ARG B 141 -13.02 21.01 -58.40
N GLN B 142 -11.71 20.92 -58.43
CA GLN B 142 -10.91 21.58 -59.43
C GLN B 142 -10.66 20.60 -60.56
N ILE B 143 -11.69 20.36 -61.37
CA ILE B 143 -11.54 19.50 -62.53
C ILE B 143 -10.85 20.30 -63.67
N THR B 144 -10.05 19.63 -64.50
CA THR B 144 -9.38 20.30 -65.65
C THR B 144 -9.97 19.81 -66.97
N ALA B 145 -10.06 20.70 -67.96
CA ALA B 145 -10.53 20.32 -69.29
C ALA B 145 -10.04 18.92 -69.64
N GLN B 146 -8.74 18.67 -69.46
CA GLN B 146 -8.14 17.35 -69.64
C GLN B 146 -8.91 16.20 -68.96
N GLN B 147 -9.38 16.45 -67.74
CA GLN B 147 -10.09 15.45 -66.93
C GLN B 147 -11.56 15.33 -67.33
N ILE B 148 -12.17 16.45 -67.68
CA ILE B 148 -13.54 16.46 -68.20
C ILE B 148 -13.59 15.62 -69.44
N ASN B 149 -12.61 15.85 -70.29
CA ASN B 149 -12.50 15.12 -71.53
C ASN B 149 -12.53 13.64 -71.20
N LYS B 150 -11.72 13.22 -70.24
CA LYS B 150 -11.65 11.81 -69.86
C LYS B 150 -12.93 11.34 -69.14
N LEU B 151 -13.42 12.14 -68.20
CA LEU B 151 -14.67 11.82 -67.48
C LEU B 151 -15.84 11.66 -68.44
N GLU B 152 -15.93 12.56 -69.41
CA GLU B 152 -17.02 12.56 -70.38
C GLU B 152 -17.00 11.29 -71.26
N GLU B 153 -15.81 10.72 -71.47
CA GLU B 153 -15.65 9.45 -72.18
C GLU B 153 -15.95 8.24 -71.31
N LEU B 154 -15.49 8.27 -70.07
CA LEU B 154 -15.82 7.22 -69.11
C LEU B 154 -17.34 7.12 -68.86
N TRP B 155 -18.08 8.16 -69.26
CA TRP B 155 -19.55 8.16 -69.15
C TRP B 155 -20.26 7.53 -70.34
N LYS B 156 -19.61 7.54 -71.51
CA LYS B 156 -20.20 6.97 -72.72
C LYS B 156 -20.71 5.52 -72.51
N GLU B 157 -20.26 4.87 -71.44
CA GLU B 157 -20.97 3.68 -70.96
C GLU B 157 -20.78 3.34 -69.48
N ASN B 158 -20.46 4.33 -68.64
CA ASN B 158 -20.57 4.17 -67.17
C ASN B 158 -21.00 5.49 -66.51
N PRO B 159 -22.17 6.04 -66.93
CA PRO B 159 -22.59 7.37 -66.50
C PRO B 159 -22.48 7.66 -65.00
N SER B 160 -22.54 6.62 -64.16
CA SER B 160 -22.46 6.79 -62.71
C SER B 160 -21.04 7.09 -62.16
N ALA B 161 -20.02 7.09 -63.01
CA ALA B 161 -18.63 7.26 -62.55
C ALA B 161 -18.34 8.69 -62.10
N THR B 162 -17.34 8.84 -61.26
CA THR B 162 -16.84 10.17 -60.87
C THR B 162 -15.42 10.33 -61.36
N LEU B 163 -14.86 11.51 -61.14
CA LEU B 163 -13.45 11.76 -61.39
C LEU B 163 -12.61 10.92 -60.44
N GLU B 164 -13.02 10.92 -59.18
CA GLU B 164 -12.34 10.17 -58.10
C GLU B 164 -12.08 8.71 -58.49
N ASP B 165 -12.81 8.20 -59.48
CA ASP B 165 -12.56 6.89 -60.08
C ASP B 165 -11.58 6.93 -61.27
N LEU B 166 -10.60 7.83 -61.21
CA LEU B 166 -9.58 7.95 -62.25
C LEU B 166 -8.25 8.34 -61.63
N GLU B 174 0.35 0.77 -55.10
CA GLU B 174 0.82 1.53 -53.96
C GLU B 174 0.00 2.81 -53.84
N PRO B 175 -0.41 3.18 -52.61
CA PRO B 175 -1.29 4.34 -52.44
C PRO B 175 -0.60 5.67 -52.76
N GLN B 176 -1.37 6.67 -53.19
CA GLN B 176 -0.80 7.99 -53.42
C GLN B 176 -0.24 8.53 -52.10
N HIS B 177 0.99 9.06 -52.17
CA HIS B 177 1.66 9.63 -51.01
C HIS B 177 1.02 10.97 -50.59
N VAL B 178 0.88 11.18 -49.28
CA VAL B 178 0.36 12.45 -48.71
C VAL B 178 1.03 13.64 -49.36
N LEU B 179 0.26 14.64 -49.81
CA LEU B 179 0.85 15.84 -50.42
C LEU B 179 0.92 16.95 -49.40
N LEU B 180 1.68 17.99 -49.72
CA LEU B 180 1.76 19.15 -48.86
C LEU B 180 0.64 20.12 -49.21
N ARG B 181 0.52 20.42 -50.51
CA ARG B 181 -0.54 21.26 -51.08
C ARG B 181 -1.63 20.41 -51.71
N TYR B 182 -2.89 20.83 -51.64
CA TYR B 182 -3.96 20.10 -52.30
C TYR B 182 -4.77 20.99 -53.22
N GLU B 183 -5.20 20.45 -54.36
CA GLU B 183 -6.06 21.20 -55.28
C GLU B 183 -7.34 21.65 -54.58
N ASP B 184 -7.94 20.75 -53.83
CA ASP B 184 -9.18 21.04 -53.13
C ASP B 184 -9.36 19.96 -52.06
N ALA B 185 -10.45 19.98 -51.32
CA ALA B 185 -10.65 18.97 -50.27
C ALA B 185 -11.10 17.62 -50.82
N TYR B 186 -11.49 17.57 -52.09
CA TYR B 186 -11.79 16.30 -52.75
C TYR B 186 -10.52 15.50 -53.01
N GLN B 187 -9.47 16.20 -53.39
CA GLN B 187 -8.19 15.53 -53.55
C GLN B 187 -7.66 15.14 -52.18
N TYR B 188 -7.91 15.98 -51.20
CA TYR B 188 -7.52 15.72 -49.83
C TYR B 188 -8.15 14.42 -49.36
N GLN B 189 -9.43 14.23 -49.66
CA GLN B 189 -10.12 13.01 -49.27
C GLN B 189 -9.59 11.79 -50.02
N ASN B 190 -9.39 11.97 -51.31
CA ASN B 190 -8.85 10.90 -52.15
C ASN B 190 -7.46 10.41 -51.79
N ILE B 191 -6.69 11.22 -51.07
CA ILE B 191 -5.36 10.83 -50.67
C ILE B 191 -5.43 10.19 -49.27
N PHE B 192 -6.01 10.90 -48.31
CA PHE B 192 -6.10 10.41 -46.93
C PHE B 192 -7.11 9.26 -46.77
N GLY B 193 -8.23 9.32 -47.48
CA GLY B 193 -9.25 8.25 -47.38
C GLY B 193 -8.72 6.81 -47.46
N PRO B 194 -8.01 6.46 -48.55
CA PRO B 194 -7.34 5.18 -48.67
C PRO B 194 -6.37 4.86 -47.55
N LEU B 195 -5.61 5.86 -47.09
CA LEU B 195 -4.64 5.63 -46.04
C LEU B 195 -5.37 5.25 -44.75
N VAL B 196 -6.42 5.98 -44.42
CA VAL B 196 -7.26 5.66 -43.27
C VAL B 196 -7.83 4.25 -43.38
N LYS B 197 -8.22 3.85 -44.59
CA LYS B 197 -8.71 2.49 -44.82
C LYS B 197 -7.65 1.41 -44.57
N LEU B 198 -6.39 1.71 -44.84
CA LEU B 198 -5.32 0.77 -44.59
C LEU B 198 -5.12 0.58 -43.08
N GLU B 199 -5.08 1.66 -42.32
CA GLU B 199 -4.95 1.57 -40.86
C GLU B 199 -6.10 0.83 -40.21
N ALA B 200 -7.31 1.04 -40.74
CA ALA B 200 -8.49 0.41 -40.18
C ALA B 200 -8.43 -1.08 -40.46
N ASP B 201 -8.15 -1.45 -41.69
CA ASP B 201 -8.12 -2.86 -42.05
C ASP B 201 -6.98 -3.59 -41.31
N TYR B 202 -5.87 -2.88 -41.11
CA TYR B 202 -4.67 -3.46 -40.48
C TYR B 202 -4.90 -3.70 -39.00
N ASP B 203 -5.36 -2.65 -38.34
CA ASP B 203 -5.73 -2.67 -36.95
C ASP B 203 -6.72 -3.80 -36.68
N LYS B 204 -7.75 -3.89 -37.50
CA LYS B 204 -8.75 -4.94 -37.36
C LYS B 204 -8.15 -6.34 -37.42
N LYS B 205 -7.22 -6.53 -38.36
CA LYS B 205 -6.58 -7.82 -38.58
C LYS B 205 -5.69 -8.17 -37.39
N LEU B 206 -5.03 -7.13 -36.87
CA LEU B 206 -4.14 -7.24 -35.72
C LEU B 206 -4.95 -7.63 -34.48
N LYS B 207 -5.93 -6.81 -34.13
CA LYS B 207 -6.80 -7.08 -32.99
C LYS B 207 -7.32 -8.50 -33.04
N GLU B 208 -7.72 -8.96 -34.22
CA GLU B 208 -8.33 -10.28 -34.33
C GLU B 208 -7.30 -11.41 -34.36
N SER B 209 -6.02 -11.04 -34.45
CA SER B 209 -4.93 -11.99 -34.30
C SER B 209 -4.34 -12.01 -32.87
N GLN B 210 -4.65 -11.00 -32.05
CA GLN B 210 -4.20 -10.96 -30.66
C GLN B 210 -4.90 -12.00 -29.77
N THR B 211 -6.00 -12.55 -30.26
CA THR B 211 -6.81 -13.52 -29.50
C THR B 211 -6.03 -14.71 -28.91
N GLN B 212 -6.27 -15.02 -27.64
CA GLN B 212 -5.44 -15.96 -26.87
C GLN B 212 -6.30 -17.02 -26.22
N ASP B 213 -5.75 -18.24 -26.13
CA ASP B 213 -6.56 -19.45 -25.96
C ASP B 213 -6.69 -19.93 -24.52
N ASN B 214 -5.60 -20.20 -23.82
CA ASN B 214 -5.68 -20.86 -22.48
C ASN B 214 -5.26 -19.96 -21.34
N ILE B 215 -6.16 -19.04 -20.99
CA ILE B 215 -5.82 -17.99 -20.05
C ILE B 215 -6.46 -18.24 -18.71
N THR B 216 -5.67 -18.04 -17.67
CA THR B 216 -6.13 -18.15 -16.30
C THR B 216 -6.67 -16.79 -15.86
N VAL B 217 -7.96 -16.77 -15.54
CA VAL B 217 -8.67 -15.57 -15.07
C VAL B 217 -8.90 -15.65 -13.56
N ARG B 218 -8.91 -14.50 -12.89
CA ARG B 218 -9.25 -14.40 -11.47
C ARG B 218 -10.32 -13.32 -11.30
N TRP B 219 -11.00 -13.33 -10.17
CA TRP B 219 -12.15 -12.45 -9.98
C TRP B 219 -12.02 -11.52 -8.77
N LYS B 226 -21.63 -4.97 -10.73
CA LYS B 226 -20.87 -5.46 -11.87
C LYS B 226 -19.52 -6.04 -11.41
N ARG B 227 -19.02 -7.03 -12.14
CA ARG B 227 -17.86 -7.82 -11.70
C ARG B 227 -16.60 -7.56 -12.52
N ILE B 228 -15.44 -7.79 -11.92
CA ILE B 228 -14.15 -7.56 -12.57
C ILE B 228 -13.47 -8.90 -12.89
N ALA B 229 -12.67 -8.94 -13.96
CA ALA B 229 -11.92 -10.14 -14.36
C ALA B 229 -10.45 -9.80 -14.62
N TYR B 230 -9.54 -10.56 -14.02
CA TYR B 230 -8.10 -10.26 -14.12
C TYR B 230 -7.36 -11.39 -14.79
N PHE B 231 -6.40 -11.07 -15.65
CA PHE B 231 -5.61 -12.09 -16.33
C PHE B 231 -4.33 -11.52 -16.94
N THR B 232 -3.39 -12.41 -17.25
CA THR B 232 -2.12 -12.03 -17.88
C THR B 232 -1.84 -12.87 -19.14
N LEU B 233 -1.54 -12.21 -20.25
CA LEU B 233 -1.30 -12.90 -21.53
C LEU B 233 0.19 -13.14 -21.82
N PRO B 234 0.49 -14.10 -22.72
CA PRO B 234 1.81 -14.12 -23.36
C PRO B 234 2.03 -12.87 -24.23
N LEU B 242 -3.35 -1.28 -26.36
CA LEU B 242 -4.56 -1.61 -25.61
C LEU B 242 -5.05 -0.45 -24.73
N MET B 243 -6.13 0.20 -25.15
CA MET B 243 -6.67 1.36 -24.44
C MET B 243 -7.57 0.91 -23.31
N GLN B 244 -7.64 1.71 -22.25
CA GLN B 244 -8.72 1.60 -21.29
C GLN B 244 -10.07 1.69 -21.99
N GLY B 245 -11.03 0.91 -21.51
CA GLY B 245 -12.37 0.87 -22.10
C GLY B 245 -12.47 0.06 -23.39
N ASP B 246 -11.35 -0.56 -23.81
CA ASP B 246 -11.35 -1.44 -24.97
C ASP B 246 -12.22 -2.63 -24.62
N GLU B 247 -13.15 -2.97 -25.50
CA GLU B 247 -14.05 -4.09 -25.28
C GLU B 247 -13.31 -5.40 -25.52
N ILE B 248 -13.33 -6.26 -24.50
CA ILE B 248 -12.72 -7.58 -24.56
C ILE B 248 -13.80 -8.64 -24.37
N CYS B 249 -13.68 -9.74 -25.12
CA CYS B 249 -14.66 -10.83 -25.08
C CYS B 249 -14.05 -12.02 -24.36
N LEU B 250 -14.68 -12.38 -23.24
CA LEU B 250 -14.20 -13.45 -22.40
C LEU B 250 -15.14 -14.64 -22.56
N ARG B 251 -14.57 -15.79 -22.88
CA ARG B 251 -15.34 -17.02 -23.04
C ARG B 251 -14.69 -18.13 -22.21
N TYR B 252 -15.51 -18.84 -21.44
CA TYR B 252 -15.03 -19.98 -20.65
C TYR B 252 -15.16 -21.26 -21.47
N LYS B 253 -14.07 -22.03 -21.58
CA LYS B 253 -14.08 -23.24 -22.39
C LYS B 253 -13.58 -24.48 -21.63
N GLY B 254 -13.74 -24.47 -20.31
CA GLY B 254 -13.37 -25.62 -19.49
C GLY B 254 -14.57 -26.53 -19.22
N ASP B 255 -14.31 -27.66 -18.57
CA ASP B 255 -15.37 -28.59 -18.17
C ASP B 255 -15.54 -28.59 -16.65
N LEU B 256 -15.92 -27.44 -16.11
CA LEU B 256 -16.32 -27.30 -14.71
C LEU B 256 -17.49 -26.30 -14.56
N ALA B 257 -18.15 -25.97 -15.67
CA ALA B 257 -19.18 -24.91 -15.72
C ALA B 257 -19.76 -24.83 -17.13
N PRO B 258 -21.05 -24.46 -17.27
CA PRO B 258 -21.58 -24.37 -18.65
C PRO B 258 -20.88 -23.29 -19.51
N LEU B 259 -20.70 -23.61 -20.80
CA LEU B 259 -20.01 -22.73 -21.74
C LEU B 259 -20.58 -21.32 -21.67
N TRP B 260 -19.70 -20.37 -21.33
CA TRP B 260 -20.10 -19.01 -21.02
C TRP B 260 -19.51 -18.04 -22.05
N LYS B 261 -20.16 -16.88 -22.18
CA LYS B 261 -19.71 -15.81 -23.06
C LYS B 261 -20.13 -14.45 -22.48
N GLY B 262 -19.16 -13.56 -22.26
CA GLY B 262 -19.46 -12.22 -21.74
C GLY B 262 -18.50 -11.17 -22.24
N ILE B 263 -19.01 -9.96 -22.47
CA ILE B 263 -18.18 -8.81 -22.89
C ILE B 263 -17.88 -7.94 -21.67
N GLY B 264 -16.62 -7.55 -21.54
CA GLY B 264 -16.21 -6.61 -20.50
C GLY B 264 -15.28 -5.56 -21.06
N HIS B 265 -15.22 -4.42 -20.40
CA HIS B 265 -14.35 -3.33 -20.82
C HIS B 265 -13.08 -3.33 -19.99
N VAL B 266 -11.94 -2.98 -20.62
CA VAL B 266 -10.67 -2.86 -19.90
C VAL B 266 -10.72 -1.68 -18.93
N ILE B 267 -10.31 -1.91 -17.68
CA ILE B 267 -10.17 -0.84 -16.69
C ILE B 267 -8.74 -0.67 -16.18
N LYS B 268 -7.88 -1.65 -16.42
CA LYS B 268 -6.50 -1.60 -15.96
C LYS B 268 -5.61 -2.14 -17.05
N VAL B 269 -4.82 -1.24 -17.64
CA VAL B 269 -3.85 -1.59 -18.66
C VAL B 269 -2.58 -2.12 -17.93
N PRO B 270 -1.63 -2.73 -18.66
CA PRO B 270 -0.43 -3.18 -17.94
C PRO B 270 0.62 -2.09 -17.73
N ASP B 275 1.89 -6.40 -16.52
CA ASP B 275 1.34 -7.62 -17.10
C ASP B 275 -0.19 -7.71 -16.98
N GLU B 276 -0.70 -7.70 -15.75
CA GLU B 276 -2.12 -7.94 -15.47
C GLU B 276 -3.05 -7.01 -16.23
N ILE B 277 -4.09 -7.61 -16.79
CA ILE B 277 -5.17 -6.89 -17.42
C ILE B 277 -6.39 -7.08 -16.53
N ALA B 278 -7.29 -6.10 -16.53
CA ALA B 278 -8.45 -6.14 -15.66
C ALA B 278 -9.65 -5.58 -16.39
N ILE B 279 -10.74 -6.34 -16.42
CA ILE B 279 -11.94 -5.92 -17.12
C ILE B 279 -13.22 -5.98 -16.27
N GLU B 280 -13.94 -4.85 -16.20
CA GLU B 280 -15.26 -4.83 -15.60
C GLU B 280 -16.24 -5.45 -16.60
N LEU B 281 -17.24 -6.18 -16.11
CA LEU B 281 -18.14 -6.88 -17.02
C LEU B 281 -19.46 -6.16 -17.26
N ARG B 282 -19.85 -6.18 -18.54
CA ARG B 282 -20.99 -5.46 -19.10
C ARG B 282 -22.33 -5.97 -18.53
N SER B 283 -22.32 -7.23 -18.10
CA SER B 283 -23.50 -7.87 -17.53
C SER B 283 -23.17 -8.52 -16.18
N SER B 284 -24.06 -8.34 -15.21
CA SER B 284 -23.83 -8.76 -13.81
C SER B 284 -24.03 -10.29 -13.65
N VAL B 285 -25.25 -10.76 -13.84
CA VAL B 285 -25.59 -12.17 -13.66
C VAL B 285 -24.87 -13.06 -14.70
N GLY B 286 -24.65 -14.32 -14.33
CA GLY B 286 -24.08 -15.32 -15.25
C GLY B 286 -22.58 -15.52 -15.18
N ALA B 287 -21.86 -14.55 -14.63
CA ALA B 287 -20.39 -14.61 -14.56
C ALA B 287 -19.91 -15.76 -13.66
N PRO B 288 -19.20 -16.75 -14.25
CA PRO B 288 -18.75 -17.90 -13.47
C PRO B 288 -17.49 -17.58 -12.66
N VAL B 289 -17.68 -17.01 -11.47
CA VAL B 289 -16.58 -16.49 -10.65
C VAL B 289 -15.93 -17.57 -9.76
N GLU B 290 -16.43 -18.80 -9.87
CA GLU B 290 -15.81 -19.95 -9.20
C GLU B 290 -14.63 -20.57 -9.98
N VAL B 291 -14.53 -20.33 -11.28
CA VAL B 291 -13.51 -20.97 -12.13
C VAL B 291 -12.33 -20.04 -12.47
N THR B 292 -11.18 -20.67 -12.71
CA THR B 292 -9.89 -19.99 -12.87
C THR B 292 -9.30 -20.22 -14.26
N HIS B 293 -9.30 -21.48 -14.71
CA HIS B 293 -8.54 -21.89 -15.88
C HIS B 293 -9.40 -22.07 -17.12
N ASN B 294 -8.75 -22.01 -18.28
CA ASN B 294 -9.35 -22.30 -19.57
C ASN B 294 -10.29 -21.24 -20.13
N PHE B 295 -10.05 -19.99 -19.79
CA PHE B 295 -10.80 -18.91 -20.41
C PHE B 295 -10.12 -18.52 -21.72
N GLN B 296 -10.88 -17.90 -22.61
CA GLN B 296 -10.36 -17.38 -23.88
C GLN B 296 -10.58 -15.88 -24.00
N VAL B 297 -9.53 -15.17 -24.40
CA VAL B 297 -9.59 -13.72 -24.54
C VAL B 297 -9.57 -13.36 -26.03
N ASP B 298 -10.63 -12.69 -26.50
CA ASP B 298 -10.67 -12.09 -27.84
C ASP B 298 -10.81 -10.59 -27.70
N PHE B 299 -9.98 -9.84 -28.43
CA PHE B 299 -10.07 -8.38 -28.40
C PHE B 299 -11.05 -7.86 -29.46
N VAL B 300 -12.14 -7.26 -29.01
CA VAL B 300 -13.19 -6.80 -29.91
C VAL B 300 -12.76 -5.51 -30.60
N TRP B 301 -12.86 -5.52 -31.93
CA TRP B 301 -12.48 -4.36 -32.75
C TRP B 301 -13.72 -3.56 -33.13
N LYS B 302 -13.58 -2.24 -33.13
CA LYS B 302 -14.67 -1.36 -33.50
C LYS B 302 -14.18 -0.35 -34.53
N SER B 303 -15.01 -0.08 -35.53
CA SER B 303 -14.59 0.79 -36.63
C SER B 303 -14.80 2.25 -36.32
N THR B 304 -15.49 2.54 -35.23
CA THR B 304 -15.87 3.91 -34.88
C THR B 304 -14.86 5.01 -35.26
N SER B 305 -13.64 4.95 -34.73
CA SER B 305 -12.73 6.04 -34.92
C SER B 305 -12.38 6.17 -36.40
N PHE B 306 -12.17 5.03 -37.05
CA PHE B 306 -11.88 5.04 -38.46
C PHE B 306 -13.09 5.54 -39.24
N ASP B 307 -14.26 5.07 -38.84
CA ASP B 307 -15.49 5.52 -39.45
C ASP B 307 -15.57 7.03 -39.41
N ARG B 308 -15.30 7.59 -38.24
CA ARG B 308 -15.42 9.03 -38.03
C ARG B 308 -14.42 9.83 -38.85
N MET B 309 -13.20 9.35 -38.91
CA MET B 309 -12.18 9.96 -39.73
C MET B 309 -12.62 10.02 -41.20
N GLN B 310 -13.18 8.95 -41.74
CA GLN B 310 -13.63 8.98 -43.15
C GLN B 310 -14.77 10.01 -43.33
N SER B 311 -15.69 9.99 -42.39
CA SER B 311 -16.76 10.95 -42.29
C SER B 311 -16.25 12.38 -42.33
N ALA B 312 -15.23 12.68 -41.55
CA ALA B 312 -14.68 14.02 -41.52
C ALA B 312 -14.13 14.37 -42.91
N LEU B 313 -13.37 13.45 -43.51
CA LEU B 313 -12.81 13.69 -44.82
C LEU B 313 -13.89 13.99 -45.85
N LYS B 314 -15.02 13.31 -45.73
CA LYS B 314 -16.15 13.51 -46.64
C LYS B 314 -16.78 14.87 -46.38
N THR B 315 -17.07 15.15 -45.12
CA THR B 315 -17.63 16.45 -44.78
C THR B 315 -16.75 17.60 -45.24
N PHE B 316 -15.44 17.45 -45.12
CA PHE B 316 -14.49 18.46 -45.55
C PHE B 316 -14.56 18.74 -47.05
N ALA B 317 -14.77 17.68 -47.84
CA ALA B 317 -14.83 17.82 -49.28
C ALA B 317 -16.19 18.35 -49.75
N VAL B 318 -17.24 17.95 -49.08
CA VAL B 318 -18.59 18.05 -49.61
C VAL B 318 -19.40 19.22 -49.01
N ASP B 319 -19.13 19.59 -47.77
CA ASP B 319 -19.91 20.62 -47.08
C ASP B 319 -19.13 21.94 -46.99
N GLU B 320 -19.53 22.94 -47.77
CA GLU B 320 -18.80 24.20 -47.80
C GLU B 320 -18.88 24.97 -46.49
N THR B 321 -19.77 24.58 -45.60
CA THR B 321 -19.97 25.29 -44.33
C THR B 321 -19.18 24.65 -43.17
N SER B 322 -18.62 23.47 -43.40
CA SER B 322 -17.92 22.81 -42.36
C SER B 322 -16.71 23.58 -41.83
N VAL B 323 -16.02 24.36 -42.65
CA VAL B 323 -14.92 25.23 -42.16
C VAL B 323 -14.94 26.52 -42.93
N SER B 324 -14.37 27.56 -42.36
CA SER B 324 -14.37 28.88 -43.02
C SER B 324 -13.56 28.82 -44.29
N GLY B 325 -13.91 29.65 -45.25
CA GLY B 325 -13.10 29.79 -46.44
C GLY B 325 -11.62 29.93 -46.13
N TYR B 326 -11.28 30.79 -45.17
CA TYR B 326 -9.89 31.02 -44.82
C TYR B 326 -9.22 29.74 -44.44
N ILE B 327 -9.82 29.04 -43.47
CA ILE B 327 -9.25 27.80 -42.93
C ILE B 327 -9.20 26.69 -43.99
N TYR B 328 -10.20 26.64 -44.88
CA TYR B 328 -10.19 25.66 -45.98
C TYR B 328 -8.95 25.87 -46.82
N HIS B 329 -8.76 27.09 -47.29
CA HIS B 329 -7.63 27.34 -48.16
C HIS B 329 -6.28 27.23 -47.44
N LYS B 330 -6.22 27.66 -46.18
CA LYS B 330 -4.97 27.59 -45.40
C LYS B 330 -4.55 26.13 -45.16
N LEU B 331 -5.50 25.31 -44.75
CA LEU B 331 -5.23 23.89 -44.50
C LEU B 331 -4.76 23.13 -45.74
N LEU B 332 -5.27 23.48 -46.92
CA LEU B 332 -4.88 22.81 -48.16
C LEU B 332 -3.59 23.38 -48.76
N GLY B 333 -3.00 24.38 -48.12
CA GLY B 333 -1.72 24.92 -48.55
C GLY B 333 -1.81 25.98 -49.61
N HIS B 334 -2.96 26.61 -49.76
CA HIS B 334 -3.11 27.70 -50.73
C HIS B 334 -2.55 28.99 -50.18
N GLU B 335 -2.21 29.93 -51.06
CA GLU B 335 -1.88 31.28 -50.63
C GLU B 335 -3.18 31.95 -50.17
N VAL B 336 -3.16 32.48 -48.95
CA VAL B 336 -4.31 33.15 -48.36
C VAL B 336 -3.77 34.40 -47.70
N GLU B 337 -4.41 35.54 -47.93
CA GLU B 337 -3.96 36.78 -47.31
C GLU B 337 -4.26 36.78 -45.82
N ASP B 338 -3.36 37.38 -45.04
CA ASP B 338 -3.49 37.48 -43.60
C ASP B 338 -4.76 38.21 -43.23
N VAL B 339 -5.42 37.71 -42.19
CA VAL B 339 -6.68 38.27 -41.70
C VAL B 339 -6.49 38.50 -40.22
N ILE B 340 -6.91 39.69 -39.76
CA ILE B 340 -7.03 39.96 -38.34
C ILE B 340 -8.45 39.58 -37.94
N ILE B 341 -8.56 38.78 -36.89
CA ILE B 341 -9.86 38.44 -36.31
C ILE B 341 -10.36 39.67 -35.57
N LYS B 342 -11.65 39.93 -35.71
CA LYS B 342 -12.28 41.11 -35.11
C LYS B 342 -12.72 40.81 -33.67
N CYS B 343 -11.83 40.22 -32.87
CA CYS B 343 -12.15 39.95 -31.48
C CYS B 343 -11.71 41.13 -30.64
N GLN B 344 -12.14 41.17 -29.38
CA GLN B 344 -11.66 42.17 -28.42
C GLN B 344 -10.67 41.55 -27.43
N LEU B 345 -9.48 42.15 -27.33
CA LEU B 345 -8.47 41.67 -26.40
C LEU B 345 -8.91 42.00 -24.99
N PRO B 346 -8.64 41.11 -24.04
CA PRO B 346 -8.90 41.41 -22.65
C PRO B 346 -7.92 42.40 -22.07
N LYS B 347 -8.22 42.86 -20.87
CA LYS B 347 -7.41 43.86 -20.19
C LYS B 347 -6.21 43.13 -19.60
N ARG B 348 -6.52 42.05 -18.88
CA ARG B 348 -5.50 41.15 -18.36
C ARG B 348 -5.61 39.78 -19.03
N PHE B 349 -4.52 39.33 -19.66
CA PHE B 349 -4.48 38.07 -20.36
C PHE B 349 -4.54 36.86 -19.43
N THR B 350 -3.95 36.96 -18.26
CA THR B 350 -4.08 35.91 -17.27
C THR B 350 -5.56 35.64 -17.00
N ALA B 351 -5.96 34.38 -17.03
CA ALA B 351 -7.34 34.02 -16.76
C ALA B 351 -7.49 33.90 -15.27
N GLN B 352 -8.71 34.06 -14.79
CA GLN B 352 -8.98 33.89 -13.37
C GLN B 352 -8.87 32.43 -13.05
N GLY B 353 -8.38 32.14 -11.85
CA GLY B 353 -8.17 30.78 -11.41
C GLY B 353 -6.83 30.24 -11.78
N LEU B 354 -6.11 30.90 -12.68
CA LEU B 354 -4.85 30.38 -13.19
C LEU B 354 -3.71 31.32 -12.82
N PRO B 355 -2.52 30.77 -12.57
CA PRO B 355 -1.41 31.64 -12.20
C PRO B 355 -0.97 32.51 -13.40
N ASP B 356 -0.31 33.63 -13.11
CA ASP B 356 0.06 34.63 -14.13
C ASP B 356 0.89 34.05 -15.25
N LEU B 357 0.51 34.32 -16.49
CA LEU B 357 1.30 33.91 -17.65
C LEU B 357 2.64 34.67 -17.71
N ASN B 358 3.59 34.13 -18.43
CA ASN B 358 4.86 34.80 -18.67
C ASN B 358 4.82 35.56 -20.01
N HIS B 359 5.89 36.27 -20.34
CA HIS B 359 5.91 37.11 -21.54
C HIS B 359 5.65 36.27 -22.78
N SER B 360 6.27 35.10 -22.82
CA SER B 360 6.17 34.22 -23.96
C SER B 360 4.72 33.73 -24.19
N GLN B 361 4.10 33.29 -23.10
CA GLN B 361 2.73 32.77 -23.13
C GLN B 361 1.70 33.87 -23.43
N VAL B 362 1.90 35.04 -22.83
CA VAL B 362 1.03 36.17 -23.12
C VAL B 362 1.07 36.50 -24.60
N TYR B 363 2.27 36.61 -25.16
CA TYR B 363 2.44 36.88 -26.58
C TYR B 363 1.69 35.84 -27.45
N ALA B 364 1.72 34.59 -27.02
CA ALA B 364 1.05 33.52 -27.71
C ALA B 364 -0.44 33.76 -27.65
N VAL B 365 -0.95 33.98 -26.44
CA VAL B 365 -2.38 34.19 -26.27
C VAL B 365 -2.87 35.41 -27.06
N LYS B 366 -2.19 36.53 -26.89
CA LYS B 366 -2.50 37.77 -27.61
C LYS B 366 -2.53 37.53 -29.11
N THR B 367 -1.51 36.86 -29.65
CA THR B 367 -1.38 36.67 -31.09
C THR B 367 -2.51 35.79 -31.63
N VAL B 368 -2.74 34.69 -30.95
CA VAL B 368 -3.64 33.66 -31.40
C VAL B 368 -5.11 34.08 -31.39
N LEU B 369 -5.46 35.01 -30.51
CA LEU B 369 -6.83 35.49 -30.44
C LEU B 369 -7.19 36.43 -31.60
N GLN B 370 -6.17 36.97 -32.25
CA GLN B 370 -6.36 37.90 -33.36
C GLN B 370 -6.17 37.24 -34.72
N ARG B 371 -6.09 35.91 -34.75
CA ARG B 371 -5.80 35.16 -35.97
C ARG B 371 -6.80 34.01 -36.15
N PRO B 372 -7.22 33.75 -37.39
CA PRO B 372 -8.10 32.59 -37.61
C PRO B 372 -7.43 31.22 -37.51
N LEU B 373 -6.12 31.14 -37.67
CA LEU B 373 -5.41 29.87 -37.57
C LEU B 373 -4.00 30.04 -37.06
N SER B 374 -3.71 29.42 -35.95
CA SER B 374 -2.40 29.54 -35.33
C SER B 374 -1.85 28.20 -34.90
N LEU B 375 -0.54 28.06 -34.94
CA LEU B 375 0.11 26.90 -34.39
C LEU B 375 0.88 27.39 -33.19
N ILE B 376 0.70 26.74 -32.04
CA ILE B 376 1.55 27.03 -30.91
C ILE B 376 2.47 25.86 -30.68
N GLN B 377 3.78 26.11 -30.74
CA GLN B 377 4.75 25.12 -30.34
C GLN B 377 5.00 25.19 -28.82
N GLY B 378 4.80 24.08 -28.13
CA GLY B 378 5.05 24.03 -26.70
C GLY B 378 6.21 23.10 -26.38
N PRO B 379 7.41 23.64 -26.24
CA PRO B 379 8.50 22.73 -25.90
C PRO B 379 8.36 22.16 -24.48
N PRO B 380 9.07 21.06 -24.19
CA PRO B 380 9.03 20.47 -22.88
C PRO B 380 9.11 21.51 -21.78
N GLY B 381 8.13 21.49 -20.87
CA GLY B 381 8.14 22.31 -19.66
C GLY B 381 7.65 23.74 -19.81
N THR B 382 7.15 24.11 -20.99
CA THR B 382 6.88 25.54 -21.28
C THR B 382 5.45 26.05 -20.98
N GLY B 383 4.60 25.21 -20.39
CA GLY B 383 3.26 25.62 -19.98
C GLY B 383 2.08 25.51 -20.96
N LYS B 384 2.10 24.53 -21.87
CA LYS B 384 1.03 24.36 -22.88
C LYS B 384 -0.37 24.42 -22.29
N THR B 385 -0.60 23.62 -21.24
CA THR B 385 -1.94 23.42 -20.74
C THR B 385 -2.49 24.69 -20.16
N VAL B 386 -1.71 25.36 -19.33
CA VAL B 386 -2.16 26.64 -18.81
C VAL B 386 -2.33 27.67 -19.95
N THR B 387 -1.46 27.61 -20.96
CA THR B 387 -1.54 28.56 -22.05
C THR B 387 -2.84 28.25 -22.85
N SER B 388 -3.07 26.99 -23.15
CA SER B 388 -4.27 26.57 -23.87
C SER B 388 -5.54 26.85 -23.07
N ALA B 389 -5.53 26.58 -21.77
CA ALA B 389 -6.66 26.86 -20.90
C ALA B 389 -6.92 28.35 -20.92
N THR B 390 -5.87 29.16 -20.88
CA THR B 390 -6.02 30.60 -20.89
C THR B 390 -6.65 31.07 -22.21
N ILE B 391 -6.18 30.52 -23.32
CA ILE B 391 -6.72 30.87 -24.63
C ILE B 391 -8.19 30.48 -24.69
N VAL B 392 -8.51 29.28 -24.21
CA VAL B 392 -9.89 28.80 -24.27
C VAL B 392 -10.80 29.67 -23.42
N TYR B 393 -10.28 30.12 -22.30
CA TYR B 393 -11.04 31.00 -21.40
C TYR B 393 -11.48 32.27 -22.12
N HIS B 394 -10.58 32.89 -22.86
CA HIS B 394 -10.90 34.14 -23.56
C HIS B 394 -11.79 33.89 -24.76
N LEU B 395 -11.57 32.79 -25.46
CA LEU B 395 -12.47 32.43 -26.55
C LEU B 395 -13.86 32.24 -25.98
N ALA B 396 -13.97 31.47 -24.89
CA ALA B 396 -15.26 31.25 -24.21
C ALA B 396 -16.03 32.51 -23.96
N ARG B 397 -15.31 33.61 -23.73
CA ARG B 397 -15.93 34.89 -23.39
C ARG B 397 -16.10 35.90 -24.56
N GLN B 398 -15.74 35.50 -25.78
CA GLN B 398 -16.19 36.20 -26.98
C GLN B 398 -17.67 35.84 -27.18
N GLY B 399 -18.12 34.80 -26.48
CA GLY B 399 -19.56 34.50 -26.35
C GLY B 399 -20.22 33.79 -27.52
N ASN B 400 -19.44 33.47 -28.55
CA ASN B 400 -19.98 32.84 -29.77
C ASN B 400 -20.17 31.32 -29.65
N GLY B 401 -20.95 30.90 -28.64
CA GLY B 401 -21.20 29.48 -28.41
C GLY B 401 -20.00 28.81 -27.78
N PRO B 402 -20.11 27.50 -27.48
CA PRO B 402 -19.09 26.79 -26.70
C PRO B 402 -17.79 26.61 -27.47
N VAL B 403 -16.67 26.72 -26.80
CA VAL B 403 -15.41 26.45 -27.44
C VAL B 403 -15.28 24.94 -27.47
N LEU B 404 -14.74 24.40 -28.55
CA LEU B 404 -14.38 22.99 -28.61
C LEU B 404 -12.89 22.80 -28.36
N VAL B 405 -12.55 22.00 -27.37
CA VAL B 405 -11.17 21.72 -26.98
C VAL B 405 -10.89 20.23 -27.09
N CYS B 406 -9.89 19.84 -27.86
CA CYS B 406 -9.57 18.45 -28.07
C CYS B 406 -8.11 18.13 -27.91
N ALA B 407 -7.83 16.82 -27.92
CA ALA B 407 -6.48 16.28 -27.91
C ALA B 407 -6.63 14.82 -28.36
N PRO B 408 -5.60 14.25 -28.99
CA PRO B 408 -5.67 12.85 -29.42
C PRO B 408 -5.92 11.84 -28.31
N SER B 409 -5.51 12.14 -27.09
CA SER B 409 -5.61 11.16 -25.99
C SER B 409 -6.47 11.62 -24.81
N ASN B 410 -7.10 10.68 -24.11
CA ASN B 410 -7.93 11.01 -22.96
C ASN B 410 -7.13 11.63 -21.83
N ILE B 411 -5.89 11.22 -21.63
CA ILE B 411 -5.09 11.82 -20.58
C ILE B 411 -4.81 13.31 -20.84
N ALA B 412 -4.58 13.67 -22.08
CA ALA B 412 -4.41 15.06 -22.45
C ALA B 412 -5.72 15.87 -22.34
N VAL B 413 -6.85 15.27 -22.68
CA VAL B 413 -8.12 15.97 -22.56
C VAL B 413 -8.45 16.21 -21.10
N ASP B 414 -8.31 15.17 -20.29
CA ASP B 414 -8.49 15.27 -18.86
C ASP B 414 -7.63 16.37 -18.24
N GLN B 415 -6.36 16.45 -18.63
CA GLN B 415 -5.49 17.52 -18.10
C GLN B 415 -5.99 18.90 -18.46
N LEU B 416 -6.30 19.09 -19.72
CA LEU B 416 -6.80 20.36 -20.20
C LEU B 416 -8.19 20.69 -19.58
N THR B 417 -9.03 19.67 -19.47
CA THR B 417 -10.36 19.81 -18.86
C THR B 417 -10.25 20.31 -17.42
N GLU B 418 -9.32 19.76 -16.65
CA GLU B 418 -9.15 20.21 -15.27
C GLU B 418 -8.68 21.66 -15.17
N LYS B 419 -7.71 22.07 -15.98
CA LYS B 419 -7.23 23.45 -15.95
C LYS B 419 -8.35 24.43 -16.34
N ILE B 420 -9.08 24.12 -17.42
CA ILE B 420 -10.15 25.01 -17.87
C ILE B 420 -11.18 25.20 -16.74
N HIS B 421 -11.57 24.09 -16.13
CA HIS B 421 -12.50 24.14 -15.02
C HIS B 421 -12.07 25.07 -13.88
N GLN B 422 -10.76 25.22 -13.65
CA GLN B 422 -10.30 26.12 -12.60
C GLN B 422 -10.68 27.57 -12.82
N THR B 423 -10.96 27.96 -14.07
CA THR B 423 -11.34 29.34 -14.41
C THR B 423 -12.81 29.62 -14.17
N GLY B 424 -13.57 28.57 -13.87
CA GLY B 424 -14.93 28.75 -13.41
C GLY B 424 -15.92 28.75 -14.53
N LEU B 425 -15.47 28.45 -15.74
CA LEU B 425 -16.37 28.26 -16.88
C LEU B 425 -17.15 26.95 -16.74
N LYS B 426 -18.30 26.87 -17.40
CA LYS B 426 -19.11 25.63 -17.49
C LYS B 426 -18.50 24.67 -18.52
N VAL B 427 -17.77 23.65 -18.05
CA VAL B 427 -17.12 22.66 -18.94
C VAL B 427 -17.85 21.32 -18.95
N VAL B 428 -18.06 20.75 -20.13
CA VAL B 428 -18.57 19.39 -20.26
C VAL B 428 -17.52 18.53 -20.94
N ARG B 429 -17.14 17.45 -20.25
CA ARG B 429 -16.19 16.47 -20.75
C ARG B 429 -17.03 15.41 -21.41
N LEU B 430 -16.91 15.28 -22.72
CA LEU B 430 -17.65 14.23 -23.41
C LEU B 430 -16.72 13.05 -23.52
N CYS B 431 -17.17 11.84 -23.20
CA CYS B 431 -16.32 10.69 -23.46
C CYS B 431 -17.05 9.52 -24.07
N ALA B 432 -16.32 8.50 -24.52
CA ALA B 432 -16.96 7.36 -25.19
C ALA B 432 -17.87 6.62 -24.20
N LYS B 433 -18.97 6.06 -24.71
CA LYS B 433 -19.87 5.29 -23.86
C LYS B 433 -19.13 4.10 -23.24
N SER B 434 -18.16 3.57 -23.96
CA SER B 434 -17.34 2.45 -23.47
C SER B 434 -16.36 2.84 -22.37
N ARG B 435 -16.15 4.15 -22.15
CA ARG B 435 -15.25 4.60 -21.09
C ARG B 435 -15.94 5.21 -19.86
N GLU B 436 -17.25 5.04 -19.76
CA GLU B 436 -17.99 5.64 -18.66
C GLU B 436 -17.71 5.03 -17.26
N ALA B 437 -17.18 3.81 -17.23
CA ALA B 437 -16.82 3.20 -15.94
C ALA B 437 -15.41 3.60 -15.48
N ILE B 438 -14.65 4.28 -16.35
CA ILE B 438 -13.30 4.74 -16.01
C ILE B 438 -13.38 5.95 -15.11
N ASP B 439 -12.51 6.04 -14.12
CA ASP B 439 -12.42 7.26 -13.31
C ASP B 439 -11.26 8.14 -13.73
N SER B 440 -11.38 9.41 -13.36
CA SER B 440 -10.37 10.43 -13.58
C SER B 440 -10.69 11.60 -12.67
N PRO B 441 -9.74 12.51 -12.47
CA PRO B 441 -10.00 13.65 -11.59
C PRO B 441 -11.16 14.54 -12.06
N VAL B 442 -11.56 14.40 -13.33
CA VAL B 442 -12.65 15.18 -13.91
C VAL B 442 -13.87 14.33 -14.32
N SER B 443 -14.08 13.19 -13.68
CA SER B 443 -15.28 12.40 -13.95
C SER B 443 -16.55 13.24 -13.70
N PHE B 444 -16.54 14.03 -12.63
CA PHE B 444 -17.70 14.85 -12.27
C PHE B 444 -18.11 15.86 -13.38
N LEU B 445 -17.20 16.13 -14.31
CA LEU B 445 -17.48 16.98 -15.47
C LEU B 445 -17.95 16.20 -16.71
N ALA B 446 -17.83 14.89 -16.69
CA ALA B 446 -18.29 14.04 -17.81
C ALA B 446 -19.80 14.18 -17.98
N LEU B 447 -20.19 14.36 -19.23
CA LEU B 447 -21.58 14.48 -19.63
C LEU B 447 -22.45 13.42 -18.97
N HIS B 448 -22.05 12.16 -19.03
CA HIS B 448 -22.91 11.08 -18.48
C HIS B 448 -23.12 11.17 -16.97
N ASN B 449 -22.17 11.77 -16.28
CA ASN B 449 -22.29 11.99 -14.86
C ASN B 449 -23.09 13.25 -14.56
N GLN B 450 -22.97 14.26 -15.42
CA GLN B 450 -23.77 15.48 -15.24
C GLN B 450 -25.23 15.19 -15.48
N ILE B 451 -25.51 14.32 -16.44
CA ILE B 451 -26.87 13.87 -16.68
C ILE B 451 -27.43 13.10 -15.50
N ARG B 452 -26.62 12.22 -14.91
CA ARG B 452 -27.09 11.45 -13.75
C ARG B 452 -27.46 12.32 -12.57
N ASN B 453 -26.76 13.44 -12.44
CA ASN B 453 -26.96 14.37 -11.32
C ASN B 453 -27.85 15.60 -11.68
N MET B 454 -28.62 15.50 -12.75
CA MET B 454 -29.63 16.50 -13.05
C MET B 454 -30.84 16.29 -12.18
N ASP B 455 -30.89 16.98 -11.06
CA ASP B 455 -32.04 16.88 -10.20
C ASP B 455 -33.26 17.55 -10.83
N SER B 456 -33.02 18.42 -11.83
CA SER B 456 -34.11 19.08 -12.57
C SER B 456 -34.96 18.14 -13.43
N MET B 457 -34.52 16.91 -13.64
CA MET B 457 -35.31 15.93 -14.40
C MET B 457 -35.49 14.63 -13.62
N PRO B 458 -36.29 14.67 -12.55
CA PRO B 458 -36.41 13.50 -11.69
C PRO B 458 -37.06 12.29 -12.39
N GLU B 459 -37.68 12.50 -13.56
CA GLU B 459 -38.20 11.38 -14.33
C GLU B 459 -37.05 10.57 -14.90
N LEU B 460 -36.10 11.26 -15.51
CA LEU B 460 -34.92 10.62 -16.10
C LEU B 460 -34.12 9.86 -15.05
N GLN B 461 -33.98 10.48 -13.88
CA GLN B 461 -33.28 9.84 -12.77
C GLN B 461 -33.99 8.58 -12.31
N LYS B 462 -35.33 8.60 -12.31
CA LYS B 462 -36.16 7.41 -11.97
C LYS B 462 -35.97 6.28 -12.97
N LEU B 463 -36.01 6.60 -14.25
CA LEU B 463 -35.81 5.62 -15.31
C LEU B 463 -34.38 5.10 -15.30
N GLN B 464 -33.43 5.98 -14.99
CA GLN B 464 -32.03 5.58 -14.81
C GLN B 464 -31.86 4.64 -13.60
N GLN B 465 -32.56 4.91 -12.49
CA GLN B 465 -32.57 3.98 -11.36
C GLN B 465 -33.03 2.58 -11.79
N LEU B 466 -34.15 2.53 -12.50
CA LEU B 466 -34.73 1.25 -12.94
C LEU B 466 -33.79 0.45 -13.85
N LYS B 467 -33.21 1.09 -14.86
CA LYS B 467 -32.29 0.39 -15.77
C LYS B 467 -31.09 -0.16 -14.98
N ASP B 468 -30.55 0.63 -14.05
CA ASP B 468 -29.42 0.20 -13.22
C ASP B 468 -29.75 -1.03 -12.37
N GLU B 469 -30.91 -1.00 -11.71
CA GLU B 469 -31.29 -2.07 -10.80
C GLU B 469 -31.95 -3.30 -11.48
N THR B 470 -32.50 -3.13 -12.69
CA THR B 470 -33.17 -4.25 -13.38
C THR B 470 -32.34 -4.80 -14.54
N GLY B 471 -32.00 -3.95 -15.50
CA GLY B 471 -31.16 -4.35 -16.63
C GLY B 471 -31.70 -3.85 -17.95
N GLU B 472 -32.96 -4.17 -18.20
CA GLU B 472 -33.66 -3.69 -19.38
C GLU B 472 -34.96 -2.99 -18.93
N LEU B 473 -35.36 -1.98 -19.69
CA LEU B 473 -36.64 -1.30 -19.52
C LEU B 473 -37.66 -1.89 -20.47
N SER B 474 -38.95 -1.67 -20.20
CA SER B 474 -39.98 -1.91 -21.21
C SER B 474 -39.82 -0.91 -22.38
N SER B 475 -40.49 -1.17 -23.50
CA SER B 475 -40.38 -0.33 -24.69
C SER B 475 -40.80 1.12 -24.43
N ALA B 476 -41.97 1.28 -23.85
CA ALA B 476 -42.51 2.60 -23.52
C ALA B 476 -41.53 3.35 -22.66
N ASP B 477 -40.83 2.63 -21.78
CA ASP B 477 -39.80 3.21 -20.89
C ASP B 477 -38.48 3.52 -21.57
N GLU B 478 -37.99 2.63 -22.43
CA GLU B 478 -36.72 2.85 -23.13
C GLU B 478 -36.84 4.02 -24.08
N LYS B 479 -37.93 4.09 -24.84
CA LYS B 479 -38.17 5.23 -25.74
C LYS B 479 -38.18 6.53 -24.97
N ARG B 480 -38.92 6.52 -23.87
CA ARG B 480 -39.05 7.67 -22.98
C ARG B 480 -37.72 8.08 -22.32
N TYR B 481 -36.97 7.09 -21.84
CA TYR B 481 -35.67 7.30 -21.23
C TYR B 481 -34.77 8.00 -22.23
N ARG B 482 -34.67 7.41 -23.42
CA ARG B 482 -33.85 7.94 -24.48
C ARG B 482 -34.25 9.35 -24.86
N ALA B 483 -35.54 9.64 -24.90
CA ALA B 483 -36.01 10.96 -25.29
C ALA B 483 -35.47 12.00 -24.32
N LEU B 484 -35.73 11.79 -23.03
CA LEU B 484 -35.27 12.68 -21.93
C LEU B 484 -33.76 12.75 -21.80
N LYS B 485 -33.08 11.69 -22.19
CA LYS B 485 -31.64 11.68 -22.19
C LYS B 485 -31.08 12.56 -23.29
N ARG B 486 -31.72 12.56 -24.47
CA ARG B 486 -31.35 13.52 -25.52
C ARG B 486 -31.58 14.93 -25.02
N THR B 487 -32.67 15.14 -24.29
CA THR B 487 -32.99 16.47 -23.78
C THR B 487 -31.92 16.94 -22.80
N ALA B 488 -31.59 16.09 -21.83
CA ALA B 488 -30.52 16.36 -20.88
C ALA B 488 -29.23 16.73 -21.62
N GLU B 489 -28.88 15.93 -22.61
CA GLU B 489 -27.64 16.14 -23.37
C GLU B 489 -27.62 17.50 -24.07
N ARG B 490 -28.71 17.80 -24.77
CA ARG B 490 -28.86 19.07 -25.43
C ARG B 490 -28.81 20.23 -24.44
N GLU B 491 -29.38 20.05 -23.25
CA GLU B 491 -29.35 21.10 -22.23
C GLU B 491 -27.94 21.38 -21.75
N LEU B 492 -27.18 20.34 -21.50
CA LEU B 492 -25.84 20.53 -20.94
C LEU B 492 -24.85 21.01 -21.97
N LEU B 493 -24.88 20.42 -23.15
CA LEU B 493 -23.97 20.80 -24.23
C LEU B 493 -24.27 22.22 -24.72
N MET B 494 -25.53 22.48 -25.05
CA MET B 494 -25.87 23.79 -25.61
C MET B 494 -25.54 24.93 -24.67
N ASN B 495 -25.60 24.69 -23.35
CA ASN B 495 -25.26 25.71 -22.34
C ASN B 495 -23.83 25.67 -21.82
N ALA B 496 -22.99 24.83 -22.40
CA ALA B 496 -21.62 24.72 -21.96
C ALA B 496 -20.79 25.85 -22.54
N ASP B 497 -19.97 26.47 -21.71
CA ASP B 497 -18.95 27.40 -22.17
C ASP B 497 -17.90 26.63 -22.95
N VAL B 498 -17.58 25.42 -22.50
CA VAL B 498 -16.54 24.61 -23.16
C VAL B 498 -16.95 23.15 -23.26
N ILE B 499 -16.67 22.51 -24.39
CA ILE B 499 -16.80 21.08 -24.47
C ILE B 499 -15.46 20.46 -24.78
N CYS B 500 -15.06 19.50 -23.94
CA CYS B 500 -13.79 18.84 -24.01
C CYS B 500 -14.00 17.39 -24.40
N CYS B 501 -13.31 16.96 -25.45
CA CYS B 501 -13.28 15.56 -25.80
C CYS B 501 -12.08 15.23 -26.70
N THR B 502 -11.85 13.94 -26.93
CA THR B 502 -10.75 13.55 -27.80
C THR B 502 -11.10 13.94 -29.21
N CYS B 503 -10.08 14.11 -30.06
CA CYS B 503 -10.28 14.42 -31.46
C CYS B 503 -11.30 13.51 -32.07
N VAL B 504 -11.06 12.22 -32.03
CA VAL B 504 -12.07 11.25 -32.48
C VAL B 504 -13.43 11.39 -31.77
N GLY B 505 -13.40 11.62 -30.46
CA GLY B 505 -14.61 11.87 -29.72
C GLY B 505 -15.44 13.00 -30.27
N ALA B 506 -14.79 13.93 -30.97
CA ALA B 506 -15.49 15.09 -31.57
C ALA B 506 -16.51 14.64 -32.60
N GLY B 507 -16.29 13.45 -33.16
CA GLY B 507 -17.24 12.89 -34.10
C GLY B 507 -18.42 12.17 -33.47
N ASP B 508 -18.53 12.16 -32.14
CA ASP B 508 -19.71 11.58 -31.48
C ASP B 508 -21.03 12.09 -32.08
N PRO B 509 -22.03 11.21 -32.22
CA PRO B 509 -23.33 11.65 -32.76
C PRO B 509 -23.95 12.81 -31.98
N ARG B 510 -23.72 12.82 -30.67
CA ARG B 510 -24.27 13.84 -29.80
C ARG B 510 -23.78 15.24 -30.09
N LEU B 511 -22.60 15.40 -30.69
CA LEU B 511 -22.12 16.72 -31.13
C LEU B 511 -22.43 17.02 -32.62
N ALA B 512 -22.79 16.00 -33.41
CA ALA B 512 -23.24 16.26 -34.78
C ALA B 512 -24.41 17.20 -34.58
N LYS B 513 -24.79 17.98 -35.58
CA LYS B 513 -25.86 18.94 -35.38
C LYS B 513 -25.46 20.18 -34.56
N MET B 514 -24.18 20.33 -34.23
CA MET B 514 -23.73 21.42 -33.39
C MET B 514 -22.58 22.15 -34.12
N GLN B 515 -22.53 23.47 -34.03
CA GLN B 515 -21.48 24.26 -34.67
C GLN B 515 -20.46 24.72 -33.62
N PHE B 516 -19.18 24.59 -33.95
CA PHE B 516 -18.13 25.12 -33.11
C PHE B 516 -17.28 26.11 -33.90
N ARG B 517 -17.48 27.39 -33.63
CA ARG B 517 -16.76 28.49 -34.27
C ARG B 517 -15.26 28.49 -33.90
N SER B 518 -14.95 28.35 -32.61
CA SER B 518 -13.58 28.37 -32.10
C SER B 518 -13.20 27.00 -31.62
N ILE B 519 -12.09 26.47 -32.13
CA ILE B 519 -11.61 25.14 -31.76
C ILE B 519 -10.13 25.17 -31.38
N LEU B 520 -9.77 24.42 -30.35
CA LEU B 520 -8.39 24.26 -29.93
C LEU B 520 -8.06 22.78 -29.73
N ILE B 521 -7.01 22.34 -30.39
CA ILE B 521 -6.51 20.98 -30.31
C ILE B 521 -5.12 20.95 -29.65
N ASP B 522 -5.04 20.35 -28.45
CA ASP B 522 -3.74 20.16 -27.79
C ASP B 522 -3.08 18.90 -28.32
N GLU B 523 -1.76 18.91 -28.32
CA GLU B 523 -0.99 17.74 -28.71
C GLU B 523 -1.42 17.23 -30.06
N SER B 524 -1.72 18.16 -30.95
CA SER B 524 -2.13 17.79 -32.29
C SER B 524 -0.98 17.08 -33.01
N THR B 525 0.27 17.40 -32.69
CA THR B 525 1.38 16.74 -33.37
C THR B 525 1.40 15.25 -33.10
N GLN B 526 0.53 14.78 -32.21
CA GLN B 526 0.38 13.34 -31.93
C GLN B 526 -0.81 12.67 -32.61
N ALA B 527 -1.62 13.42 -33.36
CA ALA B 527 -2.68 12.82 -34.16
C ALA B 527 -2.31 12.80 -35.63
N THR B 528 -2.84 11.81 -36.34
CA THR B 528 -2.79 11.82 -37.79
C THR B 528 -3.74 12.91 -38.30
N GLU B 529 -3.55 13.42 -39.50
CA GLU B 529 -4.41 14.50 -40.00
C GLU B 529 -5.91 14.17 -39.97
N PRO B 530 -6.33 13.04 -40.53
CA PRO B 530 -7.76 12.73 -40.49
C PRO B 530 -8.35 12.74 -39.08
N GLU B 531 -7.56 12.29 -38.11
CA GLU B 531 -7.96 12.29 -36.70
C GLU B 531 -8.19 13.72 -36.25
N CYS B 532 -7.16 14.52 -36.44
CA CYS B 532 -7.18 15.94 -36.10
C CYS B 532 -8.31 16.68 -36.78
N MET B 533 -8.68 16.24 -37.97
CA MET B 533 -9.72 16.92 -38.75
C MET B 533 -11.15 16.58 -38.32
N VAL B 534 -11.33 15.57 -37.48
CA VAL B 534 -12.65 15.21 -37.01
C VAL B 534 -13.33 16.43 -36.38
N PRO B 535 -12.70 17.08 -35.37
CA PRO B 535 -13.31 18.28 -34.77
C PRO B 535 -13.36 19.52 -35.68
N VAL B 536 -12.31 19.74 -36.47
CA VAL B 536 -12.22 20.94 -37.31
C VAL B 536 -13.40 21.07 -38.29
N VAL B 537 -13.85 19.96 -38.87
CA VAL B 537 -14.99 20.01 -39.79
C VAL B 537 -16.33 20.26 -39.07
N LEU B 538 -16.31 20.65 -37.79
CA LEU B 538 -17.55 20.95 -37.07
C LEU B 538 -17.90 22.46 -37.01
N GLY B 539 -17.40 23.24 -37.97
CA GLY B 539 -17.70 24.67 -38.07
C GLY B 539 -16.52 25.64 -37.89
N ALA B 540 -15.30 25.12 -37.89
CA ALA B 540 -14.15 25.91 -37.53
C ALA B 540 -14.08 27.27 -38.24
N LYS B 541 -14.10 28.35 -37.46
CA LYS B 541 -13.74 29.69 -37.97
C LYS B 541 -12.45 30.21 -37.35
N GLN B 542 -12.10 29.68 -36.18
CA GLN B 542 -10.85 30.00 -35.52
C GLN B 542 -10.24 28.72 -35.00
N LEU B 543 -9.10 28.33 -35.55
CA LEU B 543 -8.49 27.06 -35.19
C LEU B 543 -7.11 27.30 -34.58
N ILE B 544 -6.87 26.68 -33.43
CA ILE B 544 -5.57 26.77 -32.77
C ILE B 544 -4.99 25.37 -32.57
N LEU B 545 -3.83 25.12 -33.19
CA LEU B 545 -3.17 23.83 -33.07
C LEU B 545 -1.97 23.97 -32.16
N VAL B 546 -2.00 23.24 -31.06
CA VAL B 546 -0.95 23.28 -30.06
C VAL B 546 -0.23 21.96 -30.14
N GLY B 547 1.10 21.99 -30.08
CA GLY B 547 1.86 20.76 -30.25
C GLY B 547 3.36 21.03 -30.26
N ASP B 548 4.15 19.99 -30.50
CA ASP B 548 5.59 20.14 -30.71
C ASP B 548 6.08 19.13 -31.71
N HIS B 549 6.35 19.62 -32.92
CA HIS B 549 6.94 18.80 -33.99
C HIS B 549 8.40 18.35 -33.75
N CYS B 550 8.98 18.67 -32.59
CA CYS B 550 10.28 18.12 -32.18
C CYS B 550 10.19 17.03 -31.13
N GLN B 551 8.97 16.73 -30.71
CA GLN B 551 8.72 15.59 -29.85
C GLN B 551 7.99 14.54 -30.71
N LEU B 552 7.52 13.47 -30.10
CA LEU B 552 6.99 12.35 -30.85
C LEU B 552 5.75 12.75 -31.61
N GLY B 553 5.58 12.15 -32.78
CA GLY B 553 4.37 12.28 -33.57
C GLY B 553 3.50 11.06 -33.37
N PRO B 554 2.45 10.94 -34.20
CA PRO B 554 1.43 9.93 -34.02
C PRO B 554 1.93 8.55 -34.36
N VAL B 555 1.31 7.55 -33.74
CA VAL B 555 1.67 6.15 -33.99
C VAL B 555 0.86 5.62 -35.16
N VAL B 556 1.52 5.02 -36.13
CA VAL B 556 0.83 4.46 -37.30
C VAL B 556 1.29 3.03 -37.48
N MET B 557 0.39 2.10 -37.15
CA MET B 557 0.74 0.69 -37.10
C MET B 557 1.03 0.00 -38.44
N CYS B 558 0.57 0.61 -39.52
CA CYS B 558 0.65 0.00 -40.83
C CYS B 558 1.75 0.68 -41.63
N LYS B 559 2.82 -0.05 -41.93
CA LYS B 559 3.96 0.51 -42.67
C LYS B 559 3.54 1.17 -43.99
N LYS B 560 2.78 0.48 -44.85
CA LYS B 560 2.31 1.07 -46.11
C LYS B 560 1.66 2.44 -45.89
N ALA B 561 0.81 2.54 -44.88
CA ALA B 561 0.15 3.79 -44.56
C ALA B 561 1.15 4.81 -44.01
N ALA B 562 2.10 4.35 -43.20
CA ALA B 562 3.08 5.24 -42.58
C ALA B 562 4.06 5.79 -43.59
N LYS B 563 4.58 4.91 -44.45
CA LYS B 563 5.43 5.30 -45.56
C LYS B 563 4.76 6.27 -46.54
N ALA B 564 3.46 6.06 -46.77
CA ALA B 564 2.68 6.94 -47.64
C ALA B 564 2.52 8.33 -47.04
N GLY B 565 2.85 8.49 -45.76
CA GLY B 565 2.88 9.79 -45.12
C GLY B 565 1.86 10.04 -44.03
N LEU B 566 1.15 8.99 -43.57
CA LEU B 566 0.09 9.14 -42.56
C LEU B 566 0.64 9.51 -41.19
N SER B 567 1.91 9.22 -40.96
CA SER B 567 2.58 9.59 -39.70
C SER B 567 2.82 11.09 -39.57
N GLN B 568 2.75 11.84 -40.65
CA GLN B 568 2.88 13.28 -40.57
C GLN B 568 1.61 13.91 -39.99
N SER B 569 1.72 14.77 -38.98
CA SER B 569 0.54 15.45 -38.44
C SER B 569 0.14 16.66 -39.27
N LEU B 570 -1.05 17.21 -38.97
CA LEU B 570 -1.50 18.45 -39.61
C LEU B 570 -0.50 19.54 -39.29
N PHE B 571 -0.19 19.63 -38.00
CA PHE B 571 0.76 20.59 -37.44
C PHE B 571 2.06 20.55 -38.23
N GLU B 572 2.58 19.34 -38.46
CA GLU B 572 3.84 19.20 -39.20
C GLU B 572 3.76 19.70 -40.62
N ARG B 573 2.71 19.28 -41.31
CA ARG B 573 2.54 19.62 -42.71
C ARG B 573 2.50 21.11 -42.81
N LEU B 574 1.72 21.72 -41.92
CA LEU B 574 1.59 23.17 -41.93
C LEU B 574 2.96 23.82 -41.68
N VAL B 575 3.74 23.27 -40.76
CA VAL B 575 5.05 23.84 -40.45
C VAL B 575 5.93 23.76 -41.70
N VAL B 576 5.90 22.61 -42.39
CA VAL B 576 6.69 22.44 -43.61
C VAL B 576 6.22 23.38 -44.69
N LEU B 577 4.91 23.57 -44.79
CA LEU B 577 4.33 24.53 -45.73
C LEU B 577 4.92 25.92 -45.53
N GLY B 578 5.42 26.19 -44.32
CA GLY B 578 6.02 27.48 -44.03
C GLY B 578 5.26 28.27 -43.00
N ILE B 579 4.16 27.75 -42.48
CA ILE B 579 3.48 28.42 -41.38
C ILE B 579 4.35 28.27 -40.10
N ARG B 580 4.69 29.40 -39.51
CA ARG B 580 5.69 29.52 -38.46
C ARG B 580 4.93 29.51 -37.12
N PRO B 581 5.10 28.44 -36.30
CA PRO B 581 4.32 28.40 -35.06
C PRO B 581 4.85 29.37 -34.06
N ILE B 582 3.98 29.90 -33.21
CA ILE B 582 4.43 30.67 -32.05
C ILE B 582 4.96 29.70 -31.02
N ARG B 583 6.16 29.94 -30.52
CA ARG B 583 6.81 29.04 -29.58
C ARG B 583 6.81 29.57 -28.15
N LEU B 584 6.27 28.79 -27.21
CA LEU B 584 6.42 29.10 -25.79
C LEU B 584 7.89 28.91 -25.40
N GLN B 585 8.51 29.95 -24.85
CA GLN B 585 9.95 30.07 -24.81
C GLN B 585 10.55 29.75 -23.43
N VAL B 586 9.79 29.92 -22.36
CA VAL B 586 10.31 29.71 -20.99
C VAL B 586 9.97 28.32 -20.43
N GLN B 587 10.99 27.55 -20.11
CA GLN B 587 10.76 26.21 -19.57
C GLN B 587 10.93 26.18 -18.04
N TYR B 588 10.07 25.44 -17.36
CA TYR B 588 9.98 25.46 -15.92
C TYR B 588 10.30 24.11 -15.29
N ARG B 589 10.82 23.17 -16.06
CA ARG B 589 10.97 21.80 -15.60
C ARG B 589 12.42 21.43 -15.30
N MET B 590 13.34 21.82 -16.17
CA MET B 590 14.73 21.40 -16.08
C MET B 590 15.61 22.43 -15.41
N HIS B 591 16.54 21.92 -14.60
CA HIS B 591 17.74 22.64 -14.24
C HIS B 591 18.40 23.11 -15.51
N PRO B 592 18.85 24.38 -15.57
CA PRO B 592 19.42 24.98 -16.78
C PRO B 592 20.43 24.14 -17.58
N ALA B 593 21.36 23.47 -16.90
CA ALA B 593 22.31 22.59 -17.59
C ALA B 593 21.63 21.53 -18.47
N LEU B 594 20.45 21.07 -18.07
CA LEU B 594 19.75 20.02 -18.78
C LEU B 594 18.98 20.55 -19.97
N SER B 595 18.50 21.80 -19.87
CA SER B 595 17.81 22.42 -21.00
C SER B 595 18.80 22.82 -22.10
N ALA B 596 20.04 23.13 -21.71
CA ALA B 596 20.96 23.77 -22.65
C ALA B 596 21.02 23.05 -24.00
N PHE B 597 21.29 21.74 -23.97
CA PHE B 597 21.59 21.03 -25.20
C PHE B 597 20.38 20.91 -26.08
N PRO B 598 19.25 20.41 -25.52
CA PRO B 598 18.06 20.31 -26.39
C PRO B 598 17.64 21.66 -26.94
N SER B 599 17.67 22.69 -26.11
CA SER B 599 17.36 24.02 -26.57
C SER B 599 18.19 24.37 -27.80
N ASN B 600 19.49 24.19 -27.69
CA ASN B 600 20.41 24.59 -28.74
C ASN B 600 20.27 23.81 -30.04
N ILE B 601 19.98 22.52 -29.92
CA ILE B 601 19.85 21.65 -31.09
C ILE B 601 18.44 21.61 -31.66
N PHE B 602 17.43 21.62 -30.82
CA PHE B 602 16.06 21.42 -31.32
C PHE B 602 15.19 22.64 -31.31
N TYR B 603 15.53 23.65 -30.51
CA TYR B 603 14.68 24.82 -30.34
C TYR B 603 15.44 26.11 -30.60
N GLU B 604 16.32 26.07 -31.59
CA GLU B 604 17.04 27.23 -32.13
C GLU B 604 17.77 28.03 -31.04
N GLY B 605 18.19 27.35 -29.98
CA GLY B 605 18.75 27.98 -28.78
C GLY B 605 17.85 29.03 -28.16
N SER B 606 16.53 28.82 -28.25
CA SER B 606 15.58 29.87 -27.91
C SER B 606 14.95 29.67 -26.54
N LEU B 607 15.09 28.50 -25.93
CA LEU B 607 14.48 28.22 -24.64
C LEU B 607 15.12 29.02 -23.51
N GLN B 608 14.30 29.79 -22.81
CA GLN B 608 14.69 30.46 -21.57
C GLN B 608 14.36 29.59 -20.36
N ASN B 609 15.19 29.72 -19.32
CA ASN B 609 14.99 28.98 -18.10
C ASN B 609 14.15 29.75 -17.10
N GLY B 610 12.96 29.25 -16.83
CA GLY B 610 12.09 29.83 -15.81
C GLY B 610 12.42 29.40 -14.40
N VAL B 611 13.41 28.50 -14.26
CA VAL B 611 13.89 28.04 -12.95
C VAL B 611 15.40 28.12 -12.92
N THR B 612 15.94 28.69 -11.84
CA THR B 612 17.40 28.88 -11.70
C THR B 612 18.12 27.61 -11.25
N ALA B 613 19.44 27.58 -11.41
CA ALA B 613 20.25 26.47 -10.93
C ALA B 613 20.00 26.16 -9.45
N ALA B 614 20.00 27.21 -8.62
CA ALA B 614 19.77 27.09 -7.17
C ALA B 614 18.43 26.42 -6.85
N ASP B 615 17.32 26.99 -7.29
CA ASP B 615 16.03 26.40 -6.95
C ASP B 615 15.66 25.20 -7.82
N ARG B 616 16.69 24.52 -8.34
CA ARG B 616 16.52 23.23 -9.02
C ARG B 616 17.56 22.24 -8.49
N VAL B 617 17.49 21.96 -7.20
CA VAL B 617 18.34 20.96 -6.60
C VAL B 617 17.50 20.22 -5.59
N LYS B 618 17.18 18.96 -5.88
CA LYS B 618 16.35 18.22 -4.95
C LYS B 618 16.92 18.33 -3.54
N LYS B 619 16.05 18.69 -2.59
CA LYS B 619 16.47 18.87 -1.19
C LYS B 619 16.77 17.53 -0.50
N GLY B 620 17.76 17.51 0.38
CA GLY B 620 18.22 16.28 1.04
C GLY B 620 18.84 15.27 0.08
N PHE B 621 19.40 15.76 -1.03
CA PHE B 621 20.01 14.94 -2.06
C PHE B 621 21.50 15.28 -2.18
N ASP B 622 22.34 14.52 -1.47
CA ASP B 622 23.79 14.78 -1.37
C ASP B 622 24.60 13.93 -2.34
N PHE B 623 24.49 14.26 -3.62
CA PHE B 623 25.08 13.48 -4.70
C PHE B 623 26.35 14.17 -5.23
N GLN B 624 27.33 13.36 -5.61
CA GLN B 624 28.63 13.86 -6.05
C GLN B 624 28.73 13.92 -7.57
N TRP B 625 28.13 14.95 -8.18
CA TRP B 625 28.25 15.14 -9.62
C TRP B 625 29.69 15.52 -9.94
N PRO B 626 30.25 15.01 -11.05
CA PRO B 626 31.63 15.37 -11.41
C PRO B 626 31.81 16.87 -11.48
N GLN B 627 30.80 17.55 -11.99
CA GLN B 627 30.77 19.00 -12.01
C GLN B 627 29.64 19.45 -11.08
N PRO B 628 30.00 19.98 -9.88
CA PRO B 628 29.10 20.32 -8.79
C PRO B 628 27.77 20.98 -9.13
N ASP B 629 27.74 21.81 -10.18
CA ASP B 629 26.54 22.59 -10.59
C ASP B 629 26.09 22.28 -12.01
N LYS B 630 26.61 21.21 -12.58
CA LYS B 630 26.08 20.64 -13.82
C LYS B 630 25.60 19.23 -13.47
N PRO B 631 24.29 19.06 -13.19
CA PRO B 631 23.75 17.78 -12.72
C PRO B 631 23.46 16.81 -13.86
N MET B 632 24.51 16.45 -14.57
CA MET B 632 24.38 15.56 -15.71
C MET B 632 25.73 14.94 -15.99
N PHE B 633 25.73 13.70 -16.45
CA PHE B 633 26.93 13.17 -17.09
C PHE B 633 26.68 11.98 -18.00
N PHE B 634 27.67 11.75 -18.84
CA PHE B 634 27.70 10.58 -19.68
C PHE B 634 28.74 9.63 -19.09
N TYR B 635 28.34 8.41 -18.77
CA TYR B 635 29.25 7.41 -18.18
C TYR B 635 29.66 6.40 -19.23
N VAL B 636 30.95 6.34 -19.56
CA VAL B 636 31.40 5.45 -20.62
C VAL B 636 31.45 4.00 -20.13
N THR B 637 30.80 3.11 -20.88
CA THR B 637 30.79 1.67 -20.63
C THR B 637 31.48 0.92 -21.77
N GLN B 638 32.45 0.06 -21.46
CA GLN B 638 33.15 -0.71 -22.48
C GLN B 638 32.33 -1.95 -22.89
N GLY B 639 31.34 -2.30 -22.07
CA GLY B 639 30.48 -3.45 -22.33
C GLY B 639 30.03 -3.72 -23.76
N GLN B 640 30.04 -4.99 -24.12
CA GLN B 640 29.50 -5.48 -25.40
C GLN B 640 27.99 -5.79 -25.25
N GLU B 641 27.29 -5.63 -26.37
CA GLU B 641 25.86 -5.92 -26.46
C GLU B 641 25.67 -7.38 -26.82
N GLU B 642 24.41 -7.80 -26.94
CA GLU B 642 24.08 -9.11 -27.51
C GLU B 642 22.60 -9.21 -27.83
N ILE B 643 22.24 -10.30 -28.53
CA ILE B 643 20.84 -10.60 -28.83
C ILE B 643 20.16 -11.26 -27.62
N GLY B 647 14.93 -14.16 -28.63
CA GLY B 647 14.55 -12.75 -28.64
C GLY B 647 14.82 -12.08 -29.98
N THR B 648 14.15 -10.94 -30.21
CA THR B 648 14.31 -10.13 -31.43
C THR B 648 14.75 -8.72 -31.02
N SER B 649 15.65 -8.65 -30.05
CA SER B 649 16.07 -7.39 -29.44
C SER B 649 17.53 -7.47 -29.00
N TYR B 650 18.04 -6.40 -28.39
CA TYR B 650 19.38 -6.42 -27.83
C TYR B 650 19.39 -6.07 -26.35
N LEU B 651 20.47 -6.46 -25.67
CA LEU B 651 20.75 -6.00 -24.30
C LEU B 651 22.25 -5.89 -24.10
N ASN B 652 22.65 -5.13 -23.09
CA ASN B 652 24.07 -4.95 -22.73
C ASN B 652 24.26 -5.17 -21.21
N ARG B 653 24.80 -6.33 -20.85
CA ARG B 653 24.86 -6.73 -19.45
C ARG B 653 25.72 -5.80 -18.64
N THR B 654 26.88 -5.42 -19.17
CA THR B 654 27.75 -4.51 -18.44
C THR B 654 27.05 -3.20 -18.15
N GLU B 655 26.43 -2.66 -19.18
CA GLU B 655 25.75 -1.39 -19.09
C GLU B 655 24.68 -1.46 -18.02
N ALA B 656 23.86 -2.51 -18.09
CA ALA B 656 22.79 -2.77 -17.11
C ALA B 656 23.35 -2.83 -15.69
N ALA B 657 24.48 -3.49 -15.51
CA ALA B 657 25.15 -3.47 -14.22
C ALA B 657 25.44 -2.03 -13.83
N ASN B 658 26.09 -1.28 -14.71
CA ASN B 658 26.41 0.12 -14.41
C ASN B 658 25.18 0.98 -14.12
N VAL B 659 24.06 0.65 -14.75
CA VAL B 659 22.80 1.38 -14.53
C VAL B 659 22.25 1.13 -13.12
N GLU B 660 22.28 -0.11 -12.65
CA GLU B 660 21.79 -0.41 -11.30
C GLU B 660 22.65 0.32 -10.31
N LYS B 661 23.96 0.31 -10.53
CA LYS B 661 24.90 0.95 -9.62
C LYS B 661 24.67 2.45 -9.57
N ILE B 662 24.34 3.04 -10.72
CA ILE B 662 23.98 4.44 -10.76
C ILE B 662 22.65 4.63 -10.02
N THR B 663 21.67 3.81 -10.35
CA THR B 663 20.37 3.82 -9.67
C THR B 663 20.53 3.74 -8.15
N THR B 664 21.40 2.83 -7.71
CA THR B 664 21.65 2.62 -6.29
C THR B 664 22.27 3.85 -5.64
N LYS B 665 23.23 4.48 -6.31
CA LYS B 665 23.87 5.69 -5.81
C LYS B 665 22.83 6.81 -5.61
N LEU B 666 22.02 7.07 -6.64
CA LEU B 666 20.95 8.08 -6.57
C LEU B 666 20.01 7.79 -5.38
N LEU B 667 19.66 6.51 -5.18
CA LEU B 667 18.80 6.13 -4.07
C LEU B 667 19.46 6.40 -2.73
N LYS B 668 20.70 5.92 -2.57
CA LYS B 668 21.51 6.19 -1.35
C LYS B 668 21.67 7.69 -1.12
N ALA B 669 21.86 8.45 -2.21
CA ALA B 669 22.05 9.88 -2.12
C ALA B 669 20.82 10.60 -1.59
N GLY B 670 19.65 9.94 -1.65
CA GLY B 670 18.40 10.54 -1.18
C GLY B 670 17.21 10.50 -2.14
N ALA B 671 17.46 10.26 -3.44
CA ALA B 671 16.38 10.28 -4.45
C ALA B 671 15.24 9.27 -4.19
N LYS B 672 14.00 9.71 -4.45
CA LYS B 672 12.80 8.87 -4.32
C LYS B 672 12.67 7.93 -5.52
N PRO B 673 12.49 6.62 -5.26
CA PRO B 673 12.50 5.62 -6.34
C PRO B 673 11.50 5.94 -7.44
N ASP B 674 10.28 6.26 -7.06
CA ASP B 674 9.25 6.59 -8.04
C ASP B 674 9.59 7.84 -8.88
N GLN B 675 10.64 8.58 -8.48
CA GLN B 675 11.12 9.74 -9.24
C GLN B 675 12.36 9.46 -10.08
N ILE B 676 12.72 8.18 -10.21
CA ILE B 676 13.81 7.79 -11.11
C ILE B 676 13.23 7.07 -12.33
N GLY B 677 13.57 7.53 -13.51
CA GLY B 677 13.13 6.86 -14.72
C GLY B 677 14.31 6.32 -15.48
N ILE B 678 14.21 5.11 -15.98
CA ILE B 678 15.28 4.56 -16.81
C ILE B 678 14.71 4.36 -18.20
N ILE B 679 15.31 5.04 -19.17
CA ILE B 679 14.84 4.98 -20.53
C ILE B 679 15.79 4.13 -21.35
N THR B 680 15.24 3.24 -22.17
CA THR B 680 16.07 2.39 -23.01
C THR B 680 15.35 1.99 -24.31
N PRO B 681 16.06 2.08 -25.45
CA PRO B 681 15.41 1.77 -26.73
C PRO B 681 15.00 0.32 -26.93
N TYR B 682 15.53 -0.60 -26.15
CA TYR B 682 15.36 -2.01 -26.41
C TYR B 682 14.59 -2.73 -25.31
N GLU B 683 13.67 -3.60 -25.72
CA GLU B 683 12.92 -4.43 -24.77
C GLU B 683 13.87 -5.33 -24.02
N GLY B 684 14.77 -5.97 -24.77
CA GLY B 684 15.78 -6.85 -24.18
C GLY B 684 16.55 -6.23 -23.04
N GLN B 685 16.87 -4.94 -23.17
CA GLN B 685 17.54 -4.21 -22.10
C GLN B 685 16.56 -3.94 -20.96
N ARG B 686 15.42 -3.37 -21.28
CA ARG B 686 14.38 -3.13 -20.27
C ARG B 686 14.16 -4.39 -19.44
N SER B 687 14.00 -5.51 -20.13
CA SER B 687 13.67 -6.79 -19.51
C SER B 687 14.81 -7.32 -18.64
N TYR B 688 16.01 -7.29 -19.19
CA TYR B 688 17.20 -7.66 -18.45
C TYR B 688 17.46 -6.72 -17.29
N LEU B 689 17.09 -5.46 -17.45
CA LEU B 689 17.41 -4.46 -16.44
C LEU B 689 16.57 -4.72 -15.19
N VAL B 690 15.28 -5.04 -15.38
CA VAL B 690 14.39 -5.32 -14.24
C VAL B 690 14.81 -6.61 -13.58
N GLN B 691 15.14 -7.61 -14.39
CA GLN B 691 15.57 -8.90 -13.88
C GLN B 691 16.84 -8.76 -13.05
N TYR B 692 17.81 -8.03 -13.57
CA TYR B 692 19.10 -7.86 -12.91
C TYR B 692 18.96 -7.22 -11.53
N MET B 693 18.22 -6.12 -11.43
CA MET B 693 18.03 -5.43 -10.15
C MET B 693 17.26 -6.28 -9.13
N GLN B 694 16.38 -7.15 -9.61
CA GLN B 694 15.65 -8.09 -8.75
C GLN B 694 16.60 -9.14 -8.16
N PHE B 695 17.52 -9.64 -9.00
CA PHE B 695 18.41 -10.75 -8.63
C PHE B 695 19.87 -10.35 -8.35
N SER B 696 20.21 -9.05 -8.41
CA SER B 696 21.62 -8.61 -8.29
C SER B 696 21.89 -7.17 -7.76
N GLY B 697 20.85 -6.41 -7.39
CA GLY B 697 21.04 -5.14 -6.70
C GLY B 697 21.47 -5.35 -5.24
N SER B 698 22.03 -4.31 -4.64
CA SER B 698 22.42 -4.39 -3.23
C SER B 698 21.28 -3.96 -2.32
N LEU B 699 20.43 -3.06 -2.81
CA LEU B 699 19.33 -2.53 -2.04
C LEU B 699 18.14 -3.46 -2.06
N HIS B 700 17.27 -3.27 -1.08
CA HIS B 700 16.04 -4.07 -0.93
C HIS B 700 15.31 -4.20 -2.27
N THR B 701 14.74 -5.37 -2.52
CA THR B 701 14.11 -5.65 -3.81
C THR B 701 12.92 -4.73 -4.18
N LYS B 702 12.17 -4.28 -3.18
CA LYS B 702 11.02 -3.39 -3.43
C LYS B 702 11.47 -2.07 -4.02
N LEU B 703 12.47 -1.46 -3.40
CA LEU B 703 12.97 -0.14 -3.81
C LEU B 703 13.22 0.00 -5.33
N TYR B 704 13.88 -1.00 -5.92
CA TYR B 704 14.15 -1.01 -7.36
C TYR B 704 12.87 -1.20 -8.18
N GLN B 705 11.95 -1.96 -7.60
CA GLN B 705 10.72 -2.34 -8.28
C GLN B 705 9.81 -1.16 -8.62
N GLU B 706 9.97 -0.05 -7.88
CA GLU B 706 9.22 1.20 -8.13
C GLU B 706 9.92 2.16 -9.10
N VAL B 707 11.11 1.79 -9.56
CA VAL B 707 11.81 2.58 -10.56
C VAL B 707 11.24 2.19 -11.91
N GLU B 708 10.73 3.17 -12.63
CA GLU B 708 10.11 2.94 -13.92
C GLU B 708 11.15 2.78 -15.04
N ILE B 709 11.08 1.67 -15.77
CA ILE B 709 12.01 1.38 -16.84
C ILE B 709 11.24 1.17 -18.14
N ALA B 710 11.52 1.96 -19.16
CA ALA B 710 10.75 1.86 -20.40
C ALA B 710 11.43 2.54 -21.56
N SER B 711 10.76 2.51 -22.69
CA SER B 711 11.17 3.28 -23.87
C SER B 711 10.77 4.74 -23.67
N VAL B 712 11.28 5.64 -24.52
CA VAL B 712 10.88 7.06 -24.46
C VAL B 712 9.40 7.19 -24.73
N ASP B 713 8.88 6.28 -25.57
CA ASP B 713 7.46 6.29 -25.86
C ASP B 713 6.62 6.30 -24.59
N ALA B 714 6.98 5.48 -23.61
CA ALA B 714 6.21 5.42 -22.38
C ALA B 714 6.37 6.68 -21.53
N PHE B 715 7.38 7.51 -21.79
CA PHE B 715 7.61 8.71 -20.99
C PHE B 715 7.12 10.01 -21.63
N GLN B 716 6.50 9.92 -22.81
CA GLN B 716 5.98 11.12 -23.47
C GLN B 716 5.08 11.89 -22.52
N GLY B 717 5.32 13.19 -22.40
CA GLY B 717 4.43 14.03 -21.63
C GLY B 717 4.48 13.76 -20.14
N ARG B 718 5.54 13.09 -19.70
CA ARG B 718 5.72 12.70 -18.32
C ARG B 718 7.07 13.14 -17.85
N GLU B 719 7.25 13.16 -16.53
CA GLU B 719 8.50 13.64 -15.96
C GLU B 719 8.87 12.93 -14.66
N LYS B 720 10.16 12.99 -14.40
CA LYS B 720 10.75 12.40 -13.23
C LYS B 720 11.77 13.40 -12.69
N ASP B 721 12.27 13.15 -11.48
CA ASP B 721 13.36 13.97 -10.94
C ASP B 721 14.69 13.64 -11.63
N PHE B 722 14.92 12.35 -11.87
CA PHE B 722 16.17 11.88 -12.45
C PHE B 722 15.93 10.84 -13.54
N ILE B 723 16.64 10.99 -14.66
CA ILE B 723 16.53 10.05 -15.77
C ILE B 723 17.89 9.39 -16.02
N ILE B 724 17.88 8.07 -16.19
CA ILE B 724 19.04 7.35 -16.67
C ILE B 724 18.74 6.85 -18.08
N LEU B 725 19.63 7.13 -19.01
CA LEU B 725 19.53 6.55 -20.34
C LEU B 725 20.49 5.38 -20.46
N SER B 726 19.99 4.28 -21.01
CA SER B 726 20.81 3.14 -21.33
C SER B 726 20.76 2.96 -22.84
N CYS B 727 21.88 3.21 -23.52
CA CYS B 727 21.92 3.21 -24.98
C CYS B 727 22.12 1.82 -25.60
N VAL B 728 22.69 0.91 -24.82
CA VAL B 728 22.81 -0.52 -25.16
C VAL B 728 23.80 -0.85 -26.28
N ARG B 729 23.80 -0.11 -27.38
CA ARG B 729 24.63 -0.49 -28.52
C ARG B 729 26.10 -0.10 -28.37
N ALA B 730 26.98 -1.08 -28.61
CA ALA B 730 28.43 -0.93 -28.46
C ALA B 730 29.18 -1.13 -29.77
N ASN B 731 28.49 -1.66 -30.78
CA ASN B 731 29.07 -1.82 -32.12
C ASN B 731 28.50 -0.75 -33.04
N GLU B 732 29.11 -0.60 -34.22
CA GLU B 732 28.50 0.22 -35.28
C GLU B 732 27.12 -0.36 -35.59
N HIS B 733 26.15 0.52 -35.81
CA HIS B 733 24.75 0.12 -35.82
C HIS B 733 23.92 1.25 -36.41
N GLN B 734 22.88 0.89 -37.16
CA GLN B 734 21.89 1.87 -37.57
C GLN B 734 21.11 2.32 -36.33
N GLY B 735 20.69 1.33 -35.52
CA GLY B 735 19.95 1.56 -34.29
C GLY B 735 18.46 1.77 -34.50
N ILE B 736 17.68 1.49 -33.46
CA ILE B 736 16.27 1.92 -33.41
C ILE B 736 16.17 2.98 -32.30
N GLY B 737 14.95 3.47 -32.06
CA GLY B 737 14.70 4.35 -30.93
C GLY B 737 15.56 5.61 -30.92
N PHE B 738 15.87 6.10 -29.71
CA PHE B 738 16.61 7.36 -29.56
C PHE B 738 18.06 7.31 -30.05
N LEU B 739 18.51 6.15 -30.53
CA LEU B 739 19.85 6.05 -31.08
C LEU B 739 19.93 6.71 -32.47
N ASN B 740 18.84 6.66 -33.22
CA ASN B 740 18.83 7.23 -34.58
C ASN B 740 17.72 8.25 -34.86
N ASP B 741 16.85 8.52 -33.88
CA ASP B 741 15.71 9.45 -34.06
C ASP B 741 15.96 10.70 -33.22
N PRO B 742 16.08 11.85 -33.87
CA PRO B 742 16.35 13.08 -33.11
C PRO B 742 15.19 13.44 -32.19
N ARG B 743 13.98 13.21 -32.65
CA ARG B 743 12.80 13.52 -31.87
C ARG B 743 12.74 12.68 -30.60
N ARG B 744 13.06 11.39 -30.70
CA ARG B 744 13.13 10.54 -29.52
C ARG B 744 14.26 10.96 -28.62
N LEU B 745 15.41 11.38 -29.16
CA LEU B 745 16.48 11.87 -28.29
C LEU B 745 16.02 13.11 -27.53
N ASN B 746 15.35 14.00 -28.23
CA ASN B 746 14.85 15.23 -27.60
C ASN B 746 13.96 14.93 -26.39
N VAL B 747 12.98 14.02 -26.55
CA VAL B 747 12.10 13.63 -25.45
C VAL B 747 12.94 13.00 -24.31
N ALA B 748 13.78 12.03 -24.68
CA ALA B 748 14.69 11.36 -23.78
C ALA B 748 15.43 12.35 -22.90
N LEU B 749 15.85 13.49 -23.46
CA LEU B 749 16.68 14.42 -22.69
C LEU B 749 15.88 15.46 -21.92
N THR B 750 14.57 15.35 -21.91
CA THR B 750 13.75 16.45 -21.38
C THR B 750 12.58 15.98 -20.50
N ARG B 751 12.81 14.85 -19.82
CA ARG B 751 11.90 14.29 -18.85
C ARG B 751 12.34 14.58 -17.43
N ALA B 752 13.64 14.81 -17.22
CA ALA B 752 14.18 14.99 -15.87
C ALA B 752 14.03 16.43 -15.38
N ARG B 753 13.76 16.58 -14.10
CA ARG B 753 13.76 17.91 -13.48
C ARG B 753 15.15 18.23 -13.00
N TYR B 754 15.69 17.31 -12.21
CA TYR B 754 16.85 17.58 -11.36
C TYR B 754 18.19 17.02 -11.85
N GLY B 755 18.16 16.02 -12.72
CA GLY B 755 19.38 15.47 -13.26
C GLY B 755 19.19 14.32 -14.20
N VAL B 756 20.16 14.12 -15.09
CA VAL B 756 20.11 13.06 -16.08
C VAL B 756 21.50 12.46 -16.31
N ILE B 757 21.53 11.13 -16.43
CA ILE B 757 22.76 10.39 -16.63
C ILE B 757 22.58 9.49 -17.84
N ILE B 758 23.48 9.61 -18.82
CA ILE B 758 23.44 8.77 -19.99
C ILE B 758 24.53 7.72 -19.80
N VAL B 759 24.22 6.46 -20.04
CA VAL B 759 25.22 5.42 -20.00
C VAL B 759 25.30 4.78 -21.38
N GLY B 760 26.49 4.75 -21.97
CA GLY B 760 26.67 4.17 -23.30
C GLY B 760 28.10 4.19 -23.81
N ASN B 761 28.27 3.76 -25.06
CA ASN B 761 29.59 3.71 -25.69
C ASN B 761 29.74 4.90 -26.62
N PRO B 762 30.68 5.80 -26.32
CA PRO B 762 30.85 6.94 -27.21
C PRO B 762 31.23 6.54 -28.62
N LYS B 763 32.17 5.60 -28.75
CA LYS B 763 32.62 5.19 -30.08
C LYS B 763 31.46 4.71 -30.96
N ALA B 764 30.53 3.96 -30.38
CA ALA B 764 29.40 3.42 -31.12
C ALA B 764 28.43 4.53 -31.49
N LEU B 765 28.11 5.37 -30.50
CA LEU B 765 27.13 6.42 -30.62
C LEU B 765 27.59 7.55 -31.54
N SER B 766 28.88 7.84 -31.54
CA SER B 766 29.41 9.01 -32.26
C SER B 766 29.24 8.97 -33.77
N LYS B 767 28.96 7.78 -34.32
CA LYS B 767 28.68 7.63 -35.76
C LYS B 767 27.46 8.46 -36.18
N GLN B 768 26.49 8.55 -35.29
CA GLN B 768 25.34 9.43 -35.48
C GLN B 768 25.73 10.86 -35.14
N PRO B 769 25.63 11.79 -36.10
CA PRO B 769 26.10 13.17 -35.86
C PRO B 769 25.40 13.88 -34.70
N LEU B 770 24.16 13.52 -34.41
CA LEU B 770 23.46 14.11 -33.28
C LEU B 770 24.11 13.74 -31.95
N TRP B 771 24.45 12.46 -31.82
CA TRP B 771 25.17 12.02 -30.64
C TRP B 771 26.58 12.57 -30.59
N ASN B 772 27.17 12.78 -31.76
CA ASN B 772 28.49 13.38 -31.82
C ASN B 772 28.45 14.75 -31.16
N HIS B 773 27.46 15.56 -31.52
CA HIS B 773 27.30 16.88 -30.89
C HIS B 773 27.18 16.72 -29.41
N LEU B 774 26.28 15.82 -29.01
CA LEU B 774 25.97 15.59 -27.61
C LEU B 774 27.26 15.31 -26.84
N LEU B 775 28.04 14.37 -27.38
CA LEU B 775 29.26 13.94 -26.71
C LEU B 775 30.26 15.08 -26.70
N ASN B 776 30.39 15.79 -27.81
CA ASN B 776 31.26 16.96 -27.85
C ASN B 776 30.81 18.03 -26.86
N TYR B 777 29.51 18.15 -26.64
CA TYR B 777 29.00 19.12 -25.68
C TYR B 777 29.32 18.65 -24.25
N TYR B 778 28.95 17.41 -23.94
CA TYR B 778 29.20 16.90 -22.61
C TYR B 778 30.69 16.92 -22.30
N LYS B 779 31.53 16.68 -23.30
CA LYS B 779 32.98 16.73 -23.08
C LYS B 779 33.40 18.16 -22.80
N GLU B 780 32.94 19.10 -23.64
CA GLU B 780 33.24 20.52 -23.44
C GLU B 780 32.80 21.00 -22.06
N GLN B 781 31.67 20.48 -21.58
CA GLN B 781 31.19 20.77 -20.23
C GLN B 781 31.91 19.94 -19.15
N LYS B 782 32.87 19.12 -19.58
CA LYS B 782 33.74 18.32 -18.71
C LYS B 782 32.95 17.26 -17.94
N VAL B 783 31.87 16.79 -18.54
CA VAL B 783 30.93 15.91 -17.87
C VAL B 783 30.76 14.56 -18.61
N LEU B 784 31.71 14.26 -19.51
CA LEU B 784 31.87 12.91 -20.07
C LEU B 784 32.90 12.17 -19.22
N VAL B 785 32.46 11.14 -18.49
CA VAL B 785 33.29 10.58 -17.43
C VAL B 785 33.47 9.07 -17.52
N GLU B 786 34.37 8.57 -16.67
CA GLU B 786 34.85 7.18 -16.69
C GLU B 786 35.23 6.68 -15.29
N GLY B 787 35.57 5.40 -15.20
CA GLY B 787 36.04 4.80 -13.96
C GLY B 787 34.91 4.58 -12.99
N PRO B 788 35.23 4.13 -11.77
CA PRO B 788 34.18 3.86 -10.80
C PRO B 788 33.47 5.13 -10.37
N LEU B 789 32.19 5.00 -10.03
CA LEU B 789 31.38 6.13 -9.55
C LEU B 789 32.04 6.90 -8.38
N ASN B 790 32.70 6.20 -7.47
CA ASN B 790 33.37 6.86 -6.34
C ASN B 790 34.49 7.81 -6.76
N ASN B 791 35.14 7.49 -7.87
CA ASN B 791 36.34 8.21 -8.31
C ASN B 791 36.29 8.52 -9.81
N LEU B 792 35.18 9.10 -10.27
CA LEU B 792 35.06 9.41 -11.70
C LEU B 792 36.15 10.35 -12.14
N ARG B 793 36.51 10.30 -13.42
CA ARG B 793 37.36 11.32 -14.02
C ARG B 793 36.95 11.52 -15.47
N GLU B 794 37.32 12.65 -16.04
CA GLU B 794 37.00 12.92 -17.44
C GLU B 794 37.59 11.82 -18.33
N SER B 795 36.86 11.45 -19.38
CA SER B 795 37.28 10.42 -20.33
C SER B 795 38.08 11.04 -21.47
N LEU B 796 39.34 10.64 -21.60
CA LEU B 796 40.20 11.16 -22.67
C LEU B 796 39.95 10.48 -24.01
N MET B 797 38.96 9.57 -24.05
CA MET B 797 38.57 8.85 -25.28
C MET B 797 38.19 9.82 -26.40
N GLN B 798 38.33 9.35 -27.63
CA GLN B 798 38.18 10.20 -28.82
C GLN B 798 37.13 9.63 -29.77
N PHE B 799 36.71 10.45 -30.74
CA PHE B 799 35.72 10.01 -31.72
C PHE B 799 35.61 11.02 -32.87
N ALA C 1 3.44 -30.11 69.54
CA ALA C 1 4.72 -29.38 69.87
C ALA C 1 5.96 -30.29 69.71
N MET C 2 5.91 -31.09 68.64
CA MET C 2 6.98 -32.02 68.27
C MET C 2 7.70 -31.68 66.94
N GLY C 3 7.00 -30.97 66.05
CA GLY C 3 7.54 -30.52 64.78
C GLY C 3 7.43 -31.61 63.72
N VAL C 4 8.58 -32.01 63.17
CA VAL C 4 8.67 -33.22 62.35
C VAL C 4 9.67 -34.15 63.05
N PRO C 5 9.25 -34.76 64.19
CA PRO C 5 10.12 -35.45 65.17
C PRO C 5 10.66 -36.81 64.71
N CYS C 6 11.99 -36.96 64.68
CA CYS C 6 12.63 -38.16 64.15
C CYS C 6 13.02 -39.16 65.24
N VAL C 7 13.53 -40.31 64.81
CA VAL C 7 14.16 -41.29 65.70
C VAL C 7 15.51 -40.78 66.19
N GLU C 8 16.05 -39.77 65.51
CA GLU C 8 17.32 -39.14 65.93
C GLU C 8 17.10 -37.93 66.83
N ASP C 9 15.85 -37.56 67.09
CA ASP C 9 15.56 -36.62 68.16
C ASP C 9 15.70 -37.29 69.50
N GLU C 10 15.20 -38.53 69.58
CA GLU C 10 15.36 -39.33 70.78
C GLU C 10 16.82 -39.47 71.12
N ASP C 11 17.64 -39.80 70.12
CA ASP C 11 19.08 -39.99 70.33
C ASP C 11 19.77 -38.74 70.88
N PHE C 12 19.48 -37.60 70.28
CA PHE C 12 19.97 -36.32 70.77
C PHE C 12 19.54 -36.06 72.22
N ILE C 13 18.25 -36.25 72.53
CA ILE C 13 17.77 -35.95 73.88
C ILE C 13 18.57 -36.78 74.86
N GLN C 14 18.73 -38.06 74.54
CA GLN C 14 19.49 -38.96 75.37
C GLN C 14 20.97 -38.57 75.36
N ALA C 15 21.47 -38.15 74.22
CA ALA C 15 22.87 -37.72 74.10
C ALA C 15 23.14 -36.47 74.91
N LEU C 16 22.20 -35.54 74.90
CA LEU C 16 22.38 -34.30 75.62
C LEU C 16 22.37 -34.53 77.15
N ASP C 17 21.41 -35.31 77.64
CA ASP C 17 21.33 -35.59 79.07
C ASP C 17 22.65 -36.14 79.56
N LYS C 18 23.12 -37.17 78.85
CA LYS C 18 24.33 -37.87 79.23
C LYS C 18 25.50 -36.90 79.23
N MET C 19 25.53 -36.03 78.23
CA MET C 19 26.62 -35.09 78.09
C MET C 19 26.74 -34.15 79.30
N MET C 20 25.64 -33.72 79.88
CA MET C 20 25.69 -32.86 81.08
C MET C 20 26.07 -33.67 82.36
N LEU C 21 25.38 -34.79 82.52
CA LEU C 21 25.65 -35.79 83.56
C LEU C 21 27.12 -36.23 83.54
N GLU C 22 27.68 -36.32 82.34
CA GLU C 22 29.03 -36.86 82.13
C GLU C 22 30.13 -35.85 82.44
N ASN C 23 29.89 -34.59 82.08
CA ASN C 23 30.94 -33.58 82.18
C ASN C 23 31.20 -33.06 83.60
N LEU C 24 30.24 -33.25 84.49
CA LEU C 24 30.36 -32.84 85.90
C LEU C 24 31.22 -33.81 86.71
N GLN C 25 30.72 -35.03 86.84
CA GLN C 25 31.24 -36.06 87.76
C GLN C 25 32.76 -36.09 87.95
N GLN C 26 33.49 -35.79 86.88
CA GLN C 26 34.96 -35.73 86.94
C GLN C 26 35.47 -34.76 88.04
N ARG C 27 34.72 -33.69 88.25
CA ARG C 27 35.04 -32.64 89.21
C ARG C 27 34.26 -32.88 90.50
N ASP C 66 6.09 -10.15 80.01
CA ASP C 66 6.53 -9.29 81.11
C ASP C 66 7.78 -9.87 81.76
N THR C 67 8.67 -8.98 82.19
CA THR C 67 10.07 -9.34 82.47
C THR C 67 10.59 -8.72 83.75
N MET C 68 11.81 -9.10 84.11
CA MET C 68 12.52 -8.51 85.23
C MET C 68 14.00 -8.36 84.90
N PRO C 69 14.57 -7.16 85.12
CA PRO C 69 16.00 -6.93 84.89
C PRO C 69 16.92 -7.52 85.97
N PHE C 70 17.97 -8.21 85.53
CA PHE C 70 19.08 -8.65 86.38
C PHE C 70 20.39 -8.16 85.79
N VAL C 71 21.40 -7.99 86.63
CA VAL C 71 22.75 -7.61 86.21
C VAL C 71 23.60 -8.87 86.04
N MET C 72 24.50 -8.86 85.05
CA MET C 72 25.38 -9.99 84.80
C MET C 72 26.84 -9.53 84.78
N LEU C 73 27.71 -10.29 85.43
CA LEU C 73 29.14 -9.96 85.51
C LEU C 73 29.88 -10.48 84.26
N THR C 74 30.97 -9.80 83.89
CA THR C 74 31.67 -10.02 82.60
C THR C 74 33.08 -9.41 82.61
N GLN C 80 36.81 -5.26 84.01
CA GLN C 80 35.51 -5.78 84.42
C GLN C 80 34.40 -5.05 83.69
N GLN C 81 33.23 -5.69 83.63
CA GLN C 81 32.04 -5.06 83.05
C GLN C 81 30.76 -5.72 83.50
N PHE C 82 29.71 -4.93 83.65
CA PHE C 82 28.37 -5.42 83.97
C PHE C 82 27.48 -5.31 82.73
N LYS C 83 26.56 -6.25 82.57
CA LYS C 83 25.52 -6.13 81.53
C LYS C 83 24.17 -6.62 82.04
N ILE C 84 23.09 -6.10 81.46
CA ILE C 84 21.75 -6.32 81.97
C ILE C 84 20.96 -7.32 81.12
N LEU C 85 20.39 -8.31 81.80
CA LEU C 85 19.54 -9.30 81.17
C LEU C 85 18.10 -9.14 81.67
N ASN C 86 17.15 -9.32 80.76
CA ASN C 86 15.73 -9.31 81.10
C ASN C 86 15.26 -10.73 81.38
N VAL C 87 15.08 -11.05 82.67
CA VAL C 87 14.62 -12.37 83.08
C VAL C 87 13.11 -12.37 83.12
N PRO C 88 12.46 -13.42 82.55
CA PRO C 88 11.00 -13.39 82.46
C PRO C 88 10.35 -13.80 83.76
N MET C 89 9.06 -13.48 83.92
CA MET C 89 8.32 -13.82 85.15
C MET C 89 8.01 -15.33 85.21
N SER C 90 7.87 -15.94 84.03
CA SER C 90 7.88 -17.40 83.88
C SER C 90 8.93 -18.08 84.77
N SER C 91 10.21 -17.71 84.58
CA SER C 91 11.34 -18.41 85.19
C SER C 91 11.26 -18.52 86.71
N GLN C 92 11.97 -19.51 87.24
CA GLN C 92 12.02 -19.75 88.70
C GLN C 92 12.86 -18.71 89.43
N LEU C 93 13.73 -18.02 88.69
CA LEU C 93 14.57 -16.97 89.26
C LEU C 93 13.73 -15.72 89.49
N ALA C 94 12.88 -15.39 88.51
CA ALA C 94 11.88 -14.34 88.69
C ALA C 94 10.78 -14.83 89.62
N ALA C 95 10.08 -15.90 89.21
CA ALA C 95 8.97 -16.50 89.99
C ALA C 95 9.22 -16.59 91.50
N ASN C 96 10.47 -16.74 91.89
CA ASN C 96 10.87 -16.69 93.29
C ASN C 96 11.45 -15.31 93.69
N HIS C 97 12.72 -15.07 93.38
CA HIS C 97 13.45 -13.83 93.77
C HIS C 97 13.21 -13.46 95.24
N ALA D 1 -4.62 35.36 -66.98
CA ALA D 1 -5.78 34.71 -66.29
C ALA D 1 -6.45 33.65 -67.19
N MET D 2 -5.81 32.48 -67.27
CA MET D 2 -6.29 31.35 -68.09
C MET D 2 -6.72 30.08 -67.31
N GLY D 3 -6.72 30.17 -65.97
CA GLY D 3 -6.97 29.01 -65.10
C GLY D 3 -5.78 28.06 -65.10
N VAL D 4 -6.05 26.76 -65.17
CA VAL D 4 -5.01 25.78 -65.49
C VAL D 4 -5.25 25.34 -66.94
N PRO D 5 -4.70 26.08 -67.92
CA PRO D 5 -5.06 25.84 -69.31
C PRO D 5 -4.59 24.49 -69.82
N CYS D 6 -5.11 24.10 -70.99
CA CYS D 6 -4.77 22.82 -71.61
C CYS D 6 -4.82 22.96 -73.12
N VAL D 7 -4.37 21.92 -73.80
CA VAL D 7 -4.55 21.83 -75.24
C VAL D 7 -6.01 21.45 -75.60
N GLU D 8 -6.77 20.94 -74.63
CA GLU D 8 -8.16 20.52 -74.90
C GLU D 8 -9.15 21.65 -74.66
N ASP D 9 -8.65 22.79 -74.18
CA ASP D 9 -9.41 24.04 -74.23
C ASP D 9 -9.36 24.65 -75.62
N GLU D 10 -8.21 24.57 -76.26
CA GLU D 10 -8.14 24.99 -77.63
C GLU D 10 -9.20 24.20 -78.37
N ASP D 11 -9.23 22.88 -78.18
CA ASP D 11 -10.19 22.01 -78.89
C ASP D 11 -11.63 22.39 -78.54
N PHE D 12 -11.89 22.59 -77.26
CA PHE D 12 -13.20 23.03 -76.85
C PHE D 12 -13.62 24.39 -77.47
N ILE D 13 -12.76 25.40 -77.40
CA ILE D 13 -13.08 26.72 -77.93
C ILE D 13 -13.44 26.62 -79.41
N GLN D 14 -12.65 25.85 -80.15
CA GLN D 14 -12.87 25.62 -81.57
C GLN D 14 -14.07 24.71 -81.86
N ALA D 15 -14.26 23.69 -81.03
CA ALA D 15 -15.41 22.81 -81.13
C ALA D 15 -16.71 23.58 -80.95
N LEU D 16 -16.71 24.47 -79.96
CA LEU D 16 -17.87 25.29 -79.66
C LEU D 16 -18.20 26.18 -80.83
N ASP D 17 -17.16 26.78 -81.42
CA ASP D 17 -17.33 27.67 -82.51
C ASP D 17 -17.90 26.95 -83.70
N LYS D 18 -17.38 25.76 -83.97
CA LYS D 18 -17.82 25.00 -85.14
C LYS D 18 -19.30 24.64 -84.95
N MET D 19 -19.63 24.21 -83.74
CA MET D 19 -20.98 23.85 -83.36
C MET D 19 -21.97 25.00 -83.48
N MET D 20 -21.63 26.15 -82.93
CA MET D 20 -22.52 27.32 -83.08
C MET D 20 -22.81 27.60 -84.54
N LEU D 21 -21.76 27.51 -85.37
CA LEU D 21 -21.82 27.90 -86.77
C LEU D 21 -22.59 26.85 -87.57
N GLU D 22 -22.40 25.60 -87.17
CA GLU D 22 -22.93 24.45 -87.89
C GLU D 22 -24.39 24.19 -87.59
N ASN D 23 -24.83 24.46 -86.37
CA ASN D 23 -26.24 24.46 -86.05
C ASN D 23 -26.92 25.59 -86.79
N LEU D 24 -26.30 26.75 -86.78
CA LEU D 24 -26.86 27.92 -87.47
C LEU D 24 -26.98 27.72 -88.99
N GLN D 25 -25.90 27.29 -89.62
CA GLN D 25 -25.90 27.11 -91.07
C GLN D 25 -26.75 25.91 -91.48
N GLN D 26 -26.97 24.97 -90.56
CA GLN D 26 -27.87 23.84 -90.80
C GLN D 26 -29.33 24.25 -90.67
N ARG D 27 -29.60 25.40 -90.07
CA ARG D 27 -30.95 25.91 -90.00
C ARG D 27 -31.46 26.34 -91.38
N SER D 28 -30.67 27.14 -92.10
CA SER D 28 -31.06 27.63 -93.42
C SER D 28 -31.22 26.50 -94.45
N ASP D 66 -25.12 47.86 -59.90
CA ASP D 66 -24.89 46.78 -60.86
C ASP D 66 -26.02 46.70 -61.89
N THR D 67 -27.19 46.31 -61.41
CA THR D 67 -28.24 45.69 -62.21
C THR D 67 -29.17 46.64 -62.95
N MET D 68 -29.99 46.03 -63.80
CA MET D 68 -31.12 46.68 -64.42
C MET D 68 -32.12 45.56 -64.73
N PRO D 69 -33.41 45.77 -64.38
CA PRO D 69 -34.39 44.70 -64.57
C PRO D 69 -34.95 44.62 -65.99
N PHE D 70 -35.42 43.44 -66.36
CA PHE D 70 -36.01 43.20 -67.68
C PHE D 70 -37.07 42.12 -67.58
N VAL D 71 -38.25 42.41 -68.10
CA VAL D 71 -39.32 41.42 -68.19
C VAL D 71 -38.96 40.40 -69.29
N MET D 72 -39.07 39.10 -69.00
CA MET D 72 -38.87 38.07 -70.01
C MET D 72 -40.16 37.31 -70.25
N LEU D 73 -40.59 37.21 -71.51
CA LEU D 73 -41.72 36.36 -71.89
C LEU D 73 -41.38 34.88 -71.76
N THR D 74 -42.31 34.09 -71.25
CA THR D 74 -42.15 32.64 -71.16
C THR D 74 -43.52 31.98 -71.32
N ARG D 75 -43.59 30.67 -71.07
CA ARG D 75 -44.85 29.91 -71.09
C ARG D 75 -44.78 28.74 -70.10
N LYS D 76 -45.95 28.28 -69.66
CA LYS D 76 -46.11 27.12 -68.76
C LYS D 76 -47.15 26.20 -69.43
N GLY D 77 -46.66 25.23 -70.20
CA GLY D 77 -47.50 24.54 -71.17
C GLY D 77 -47.76 25.54 -72.28
N ASN D 78 -49.01 25.98 -72.40
CA ASN D 78 -49.33 27.21 -73.14
C ASN D 78 -50.35 28.06 -72.38
N LYS D 79 -49.95 28.40 -71.14
CA LYS D 79 -50.45 29.59 -70.46
C LYS D 79 -49.19 30.31 -69.96
N GLN D 80 -49.07 31.57 -70.39
CA GLN D 80 -47.80 32.32 -70.33
C GLN D 80 -47.38 32.71 -68.92
N GLN D 81 -46.15 33.19 -68.80
CA GLN D 81 -45.64 33.75 -67.56
C GLN D 81 -44.52 34.75 -67.89
N PHE D 82 -44.52 35.88 -67.18
CA PHE D 82 -43.60 36.98 -67.44
C PHE D 82 -42.66 37.15 -66.24
N LYS D 83 -41.44 36.61 -66.34
CA LYS D 83 -40.49 36.61 -65.23
C LYS D 83 -39.36 37.65 -65.36
N ILE D 84 -38.98 38.29 -64.25
CA ILE D 84 -38.04 39.41 -64.26
C ILE D 84 -36.58 38.96 -64.25
N LEU D 85 -35.77 39.58 -65.11
CA LEU D 85 -34.34 39.31 -65.19
C LEU D 85 -33.51 40.56 -64.91
N ASN D 86 -32.42 40.37 -64.19
CA ASN D 86 -31.51 41.46 -63.81
C ASN D 86 -30.30 41.51 -64.74
N VAL D 87 -30.38 42.37 -65.73
CA VAL D 87 -29.30 42.59 -66.69
C VAL D 87 -28.25 43.52 -66.05
N PRO D 88 -26.95 43.19 -66.20
CA PRO D 88 -25.95 44.13 -65.71
C PRO D 88 -25.82 45.32 -66.65
N MET D 89 -25.54 46.50 -66.08
CA MET D 89 -25.39 47.74 -66.86
C MET D 89 -24.17 47.73 -67.79
N SER D 90 -23.27 46.76 -67.61
CA SER D 90 -22.16 46.50 -68.52
C SER D 90 -22.61 46.05 -69.90
N SER D 91 -23.61 45.15 -69.89
CA SER D 91 -24.09 44.50 -71.10
C SER D 91 -24.52 45.48 -72.19
N GLN D 92 -24.56 44.97 -73.42
CA GLN D 92 -25.03 45.73 -74.57
C GLN D 92 -26.51 46.06 -74.43
N LEU D 93 -27.28 45.16 -73.83
CA LEU D 93 -28.72 45.36 -73.68
C LEU D 93 -28.99 46.48 -72.69
N ALA D 94 -28.28 46.47 -71.57
CA ALA D 94 -28.45 47.48 -70.53
C ALA D 94 -27.95 48.87 -70.96
N ALA D 95 -26.85 48.91 -71.72
CA ALA D 95 -26.22 50.16 -72.16
C ALA D 95 -26.86 50.74 -73.43
N ASN D 96 -28.05 50.26 -73.76
CA ASN D 96 -28.68 50.58 -75.03
C ASN D 96 -30.21 50.41 -75.03
N HIS D 97 -30.68 49.28 -74.47
CA HIS D 97 -32.10 48.88 -74.43
C HIS D 97 -32.54 48.38 -75.80
#